data_5D1Y
#
_entry.id   5D1Y
#
_cell.length_a   356.010
_cell.length_b   356.010
_cell.length_c   356.010
_cell.angle_alpha   90.000
_cell.angle_beta   90.000
_cell.angle_gamma   90.000
#
_symmetry.space_group_name_H-M   'P 41 3 2'
#
_entity_poly.entity_id   1
_entity_poly.type   'polypeptide(L)'
_entity_poly.pdbx_seq_one_letter_code
;MGSSHHHHHHSSGLVPRGSHMHVIKRDGRQERVMFDKITSRIQKLCYGLNMDFVDPAQITMKVIQGLYSGVTTVELDTLA
AETAATLTTKHPDYAILAARIAVSNLHKETKKVFSDVMEDLYNYINPHNGKHSPMVAKSTLDIVLANKDRLNSAIIYDRD
FSYNYFGFKTLERSYLLKINGKVAERPQHMLMRVSVGIHKEDIDAAIETYNLLSERWFTHASPTLFNAGTNRPQLSSCFL
LSMKDDSIEGIYDTLKQCALISKSAGGIGVAVSCIRATGSYIAGTNGNSNGLVPMLRVYNNTARYVDQGGNKRPGAFAIY
LEPWHLDIFEFLDLKKNTGKEEQRARDLFFALWIPDLFMKRVETNQDWSLMCPNECPGLDEVWGEEFEKLYASYEKQGRV
RKVVKAQQLWYAIIESQTETGTPYMLYKDSCNRKSNQQNLGTIKCSNLCTEIVEYTSKDEVAVCNLASLALNMYVTSEHT
YDFKKLAEVTKVVVRNLNKIIDINYYPVPEACLSNKRHRPIGIGVQGLADAFILMRYPFESAEAQLLNKQIFETIYYGAL
EASCDLAKEQGPYETYEGSPVSKGILQYDMWNVTPTDLWDWKVLKEKIAKYGIRNSLLIAPMPTASTAQILGNNESIEPY
TSNIYTRRVLSGEFQIVNPHLLKDLTERGLWHEEMKNQIIACNGSIQSIPEIPDDLKQLYKTVWEISQKTVLKMAAERGA
FIDQSQSLNIHIAEPNYGKLTSMHFYGWKQGLKTGMYYLRTRPAANPIQFTLNKEKLKDKEKVSKEEEEKERNTAAMVCS
LENRDECLMCGS
;
_entity_poly.pdbx_strand_id   A,B
#
# COMPACT_ATOMS: atom_id res chain seq x y z
N MET A 34 -35.26 -48.16 12.20
CA MET A 34 -33.80 -47.89 12.42
C MET A 34 -33.03 -47.96 11.09
N PHE A 35 -32.23 -49.01 10.94
CA PHE A 35 -31.49 -49.34 9.73
C PHE A 35 -32.48 -49.68 8.62
N ASP A 36 -33.58 -50.32 9.02
CA ASP A 36 -34.62 -50.80 8.09
C ASP A 36 -35.39 -49.67 7.41
N LYS A 37 -35.79 -48.65 8.18
CA LYS A 37 -36.53 -47.51 7.64
C LYS A 37 -35.74 -46.69 6.60
N ILE A 38 -34.43 -46.60 6.81
CA ILE A 38 -33.55 -45.88 5.89
C ILE A 38 -33.28 -46.71 4.63
N THR A 39 -32.98 -48.00 4.81
CA THR A 39 -32.72 -48.91 3.69
C THR A 39 -33.92 -49.01 2.74
N SER A 40 -35.11 -49.16 3.32
CA SER A 40 -36.35 -49.28 2.53
C SER A 40 -36.63 -48.01 1.74
N ARG A 41 -36.30 -46.87 2.34
CA ARG A 41 -36.53 -45.58 1.69
C ARG A 41 -35.62 -45.40 0.48
N ILE A 42 -34.39 -45.89 0.60
CA ILE A 42 -33.43 -45.91 -0.51
C ILE A 42 -33.91 -46.89 -1.59
N GLN A 43 -34.32 -48.08 -1.14
CA GLN A 43 -34.80 -49.17 -2.00
C GLN A 43 -35.95 -48.73 -2.90
N LYS A 44 -36.82 -47.88 -2.38
CA LYS A 44 -37.99 -47.36 -3.11
C LYS A 44 -37.61 -46.59 -4.39
N LEU A 45 -36.38 -46.13 -4.48
CA LEU A 45 -35.90 -45.41 -5.67
C LEU A 45 -34.90 -46.23 -6.52
N CYS A 46 -34.82 -47.53 -6.23
CA CYS A 46 -33.92 -48.43 -6.99
C CYS A 46 -34.59 -49.15 -8.15
N TYR A 47 -35.83 -48.80 -8.45
CA TYR A 47 -36.56 -49.54 -9.49
C TYR A 47 -35.74 -49.57 -10.77
N GLY A 48 -35.61 -50.74 -11.38
CA GLY A 48 -34.94 -50.83 -12.67
C GLY A 48 -33.43 -50.87 -12.62
N LEU A 49 -32.84 -50.67 -11.43
CA LEU A 49 -31.38 -50.65 -11.29
C LEU A 49 -30.75 -52.04 -11.08
N ASN A 50 -29.44 -52.15 -11.33
CA ASN A 50 -28.76 -53.44 -11.18
C ASN A 50 -28.48 -53.78 -9.72
N MET A 51 -29.30 -54.66 -9.16
CA MET A 51 -29.24 -54.97 -7.74
C MET A 51 -28.09 -55.91 -7.36
N ASP A 52 -27.43 -56.49 -8.36
CA ASP A 52 -26.20 -57.26 -8.13
C ASP A 52 -25.10 -56.35 -7.56
N PHE A 53 -25.19 -55.07 -7.87
CA PHE A 53 -24.11 -54.11 -7.58
C PHE A 53 -24.56 -52.89 -6.79
N VAL A 54 -25.83 -52.50 -6.90
CA VAL A 54 -26.40 -51.46 -6.06
C VAL A 54 -26.90 -52.10 -4.76
N ASP A 55 -26.36 -51.67 -3.62
CA ASP A 55 -26.71 -52.23 -2.32
C ASP A 55 -27.11 -51.10 -1.35
N PRO A 56 -28.42 -50.89 -1.16
CA PRO A 56 -28.95 -49.78 -0.34
C PRO A 56 -28.45 -49.75 1.12
N ALA A 57 -28.14 -50.92 1.68
CA ALA A 57 -27.59 -51.00 3.02
C ALA A 57 -26.20 -50.34 3.12
N GLN A 58 -25.47 -50.34 2.01
CA GLN A 58 -24.15 -49.69 1.89
C GLN A 58 -24.27 -48.17 2.09
N ILE A 59 -25.36 -47.61 1.58
CA ILE A 59 -25.67 -46.20 1.78
C ILE A 59 -26.13 -45.94 3.21
N THR A 60 -26.96 -46.85 3.74
CA THR A 60 -27.55 -46.71 5.06
C THR A 60 -26.49 -46.61 6.16
N MET A 61 -25.43 -47.41 6.05
CA MET A 61 -24.29 -47.37 6.97
C MET A 61 -23.70 -45.97 7.16
N LYS A 62 -23.63 -45.21 6.07
CA LYS A 62 -23.07 -43.86 6.11
C LYS A 62 -24.11 -42.85 6.64
N VAL A 63 -25.36 -43.06 6.27
CA VAL A 63 -26.49 -42.22 6.72
C VAL A 63 -26.75 -42.41 8.23
N ILE A 64 -26.75 -43.66 8.66
CA ILE A 64 -27.01 -44.02 10.06
C ILE A 64 -26.18 -43.19 11.03
N GLN A 65 -24.93 -42.92 10.68
CA GLN A 65 -24.01 -42.17 11.55
C GLN A 65 -24.14 -40.64 11.45
N GLY A 66 -25.08 -40.18 10.63
CA GLY A 66 -25.45 -38.76 10.56
C GLY A 66 -26.71 -38.44 11.35
N LEU A 67 -27.15 -39.38 12.18
CA LEU A 67 -28.34 -39.22 12.99
C LEU A 67 -28.11 -38.38 14.26
N TYR A 68 -29.13 -37.63 14.64
CA TYR A 68 -29.20 -36.98 15.95
C TYR A 68 -30.63 -36.51 16.27
N SER A 69 -30.87 -36.23 17.56
CA SER A 69 -32.16 -35.66 17.98
C SER A 69 -32.30 -34.28 17.33
N GLY A 70 -33.26 -34.18 16.43
CA GLY A 70 -33.49 -32.96 15.65
C GLY A 70 -33.06 -33.04 14.20
N VAL A 71 -32.73 -34.24 13.71
CA VAL A 71 -32.36 -34.41 12.31
C VAL A 71 -33.60 -34.63 11.43
N THR A 72 -33.70 -33.85 10.37
CA THR A 72 -34.81 -33.97 9.42
C THR A 72 -34.45 -34.99 8.33
N THR A 73 -35.46 -35.69 7.82
CA THR A 73 -35.24 -36.69 6.76
C THR A 73 -34.68 -36.08 5.47
N VAL A 74 -34.97 -34.80 5.24
CA VAL A 74 -34.42 -34.05 4.10
C VAL A 74 -32.89 -33.89 4.18
N GLU A 75 -32.37 -33.71 5.40
CA GLU A 75 -30.92 -33.63 5.63
C GLU A 75 -30.28 -35.00 5.41
N LEU A 76 -30.96 -36.04 5.89
CA LEU A 76 -30.52 -37.42 5.69
C LEU A 76 -30.61 -37.79 4.21
N ASP A 77 -31.52 -37.14 3.48
CA ASP A 77 -31.64 -37.38 2.05
C ASP A 77 -30.46 -36.90 1.24
N THR A 78 -29.87 -35.76 1.60
CA THR A 78 -28.67 -35.31 0.88
C THR A 78 -27.49 -36.21 1.25
N LEU A 79 -27.43 -36.62 2.52
CA LEU A 79 -26.39 -37.52 2.99
C LEU A 79 -26.45 -38.83 2.19
N ALA A 80 -27.67 -39.32 1.96
CA ALA A 80 -27.90 -40.51 1.16
C ALA A 80 -27.54 -40.32 -0.32
N ALA A 81 -27.89 -39.17 -0.90
CA ALA A 81 -27.54 -38.88 -2.30
C ALA A 81 -26.04 -38.70 -2.50
N GLU A 82 -25.36 -38.11 -1.52
CA GLU A 82 -23.93 -37.87 -1.58
C GLU A 82 -23.15 -39.16 -1.45
N THR A 83 -23.59 -40.01 -0.53
CA THR A 83 -22.98 -41.30 -0.30
C THR A 83 -23.15 -42.17 -1.53
N ALA A 84 -24.38 -42.22 -2.03
CA ALA A 84 -24.68 -42.99 -3.23
C ALA A 84 -23.80 -42.55 -4.41
N ALA A 85 -23.54 -41.25 -4.51
CA ALA A 85 -22.72 -40.70 -5.59
C ALA A 85 -21.23 -41.05 -5.47
N THR A 86 -20.75 -41.18 -4.25
CA THR A 86 -19.38 -41.63 -3.97
C THR A 86 -19.21 -43.10 -4.39
N LEU A 87 -20.33 -43.83 -4.36
CA LEU A 87 -20.36 -45.25 -4.65
C LEU A 87 -20.53 -45.49 -6.15
N THR A 88 -20.50 -44.42 -6.94
CA THR A 88 -20.60 -44.50 -8.40
C THR A 88 -19.44 -45.33 -8.95
N THR A 89 -18.32 -45.29 -8.24
CA THR A 89 -17.12 -46.02 -8.61
C THR A 89 -17.27 -47.56 -8.42
N LYS A 90 -18.38 -47.98 -7.83
CA LYS A 90 -18.73 -49.41 -7.71
C LYS A 90 -19.63 -49.88 -8.87
N HIS A 91 -20.53 -49.00 -9.31
CA HIS A 91 -21.44 -49.23 -10.43
C HIS A 91 -22.11 -47.92 -10.84
N PRO A 92 -22.29 -47.69 -12.16
CA PRO A 92 -22.88 -46.41 -12.59
C PRO A 92 -24.32 -46.17 -12.11
N ASP A 93 -25.04 -47.24 -11.76
CA ASP A 93 -26.43 -47.08 -11.27
C ASP A 93 -26.53 -46.37 -9.92
N TYR A 94 -25.40 -46.33 -9.20
CA TYR A 94 -25.31 -45.54 -7.98
C TYR A 94 -25.49 -44.04 -8.26
N ALA A 95 -24.95 -43.57 -9.38
CA ALA A 95 -25.12 -42.18 -9.81
C ALA A 95 -26.56 -41.89 -10.21
N ILE A 96 -27.27 -42.90 -10.70
CA ILE A 96 -28.70 -42.77 -11.01
C ILE A 96 -29.52 -42.76 -9.73
N LEU A 97 -29.19 -43.66 -8.82
CA LEU A 97 -29.81 -43.62 -7.50
C LEU A 97 -29.55 -42.28 -6.78
N ALA A 98 -28.34 -41.75 -6.89
CA ALA A 98 -28.01 -40.48 -6.27
C ALA A 98 -28.90 -39.35 -6.83
N ALA A 99 -29.06 -39.36 -8.15
CA ALA A 99 -29.91 -38.39 -8.84
C ALA A 99 -31.36 -38.53 -8.44
N ARG A 100 -31.82 -39.75 -8.26
CA ARG A 100 -33.24 -39.98 -7.96
C ARG A 100 -33.55 -39.43 -6.58
N ILE A 101 -32.57 -39.55 -5.67
CA ILE A 101 -32.71 -39.04 -4.32
C ILE A 101 -32.70 -37.51 -4.31
N ALA A 102 -31.70 -36.91 -4.97
CA ALA A 102 -31.63 -35.46 -5.05
C ALA A 102 -32.85 -34.84 -5.75
N VAL A 103 -33.32 -35.47 -6.83
CA VAL A 103 -34.52 -35.00 -7.53
C VAL A 103 -35.82 -35.15 -6.70
N SER A 104 -35.91 -36.17 -5.86
CA SER A 104 -37.06 -36.30 -4.97
C SER A 104 -37.12 -35.14 -3.99
N ASN A 105 -35.97 -34.76 -3.44
CA ASN A 105 -35.86 -33.59 -2.60
C ASN A 105 -36.29 -32.32 -3.34
N LEU A 106 -35.83 -32.19 -4.59
CA LEU A 106 -36.15 -31.00 -5.39
C LEU A 106 -37.64 -30.92 -5.68
N HIS A 107 -38.26 -32.06 -5.97
CA HIS A 107 -39.69 -32.09 -6.24
C HIS A 107 -40.52 -31.69 -5.03
N LYS A 108 -40.06 -32.09 -3.85
CA LYS A 108 -40.72 -31.74 -2.61
C LYS A 108 -40.46 -30.28 -2.20
N GLU A 109 -39.44 -29.65 -2.81
CA GLU A 109 -39.10 -28.27 -2.49
C GLU A 109 -39.39 -27.27 -3.62
N THR A 110 -40.08 -27.73 -4.67
CA THR A 110 -40.53 -26.87 -5.75
C THR A 110 -42.02 -27.07 -6.04
N LYS A 111 -38.65 -21.17 2.72
CA LYS A 111 -40.02 -20.82 2.33
C LYS A 111 -40.24 -21.03 0.82
N LYS A 112 -41.46 -21.37 0.44
CA LYS A 112 -41.76 -21.74 -0.95
C LYS A 112 -42.19 -20.56 -1.83
N VAL A 113 -42.60 -19.45 -1.22
CA VAL A 113 -43.04 -18.30 -2.00
C VAL A 113 -41.96 -17.22 -2.06
N PHE A 114 -41.61 -16.86 -3.29
CA PHE A 114 -40.57 -15.90 -3.62
C PHE A 114 -40.74 -14.52 -2.97
N SER A 115 -41.93 -13.92 -3.08
CA SER A 115 -42.14 -12.59 -2.48
C SER A 115 -41.98 -12.60 -0.96
N ASP A 116 -42.30 -13.72 -0.32
CA ASP A 116 -42.07 -13.90 1.13
C ASP A 116 -40.60 -13.92 1.52
N VAL A 117 -39.78 -14.58 0.71
CA VAL A 117 -38.34 -14.67 0.94
C VAL A 117 -37.68 -13.30 0.71
N MET A 118 -38.12 -12.57 -0.33
CA MET A 118 -37.61 -11.23 -0.59
C MET A 118 -37.95 -10.28 0.55
N GLU A 119 -39.13 -10.45 1.13
CA GLU A 119 -39.55 -9.65 2.28
C GLU A 119 -38.69 -9.91 3.50
N ASP A 120 -38.40 -11.17 3.76
CA ASP A 120 -37.56 -11.50 4.91
C ASP A 120 -36.16 -10.98 4.72
N LEU A 121 -35.69 -10.93 3.47
CA LEU A 121 -34.37 -10.41 3.16
C LEU A 121 -34.29 -8.89 3.34
N TYR A 122 -35.38 -8.20 2.99
CA TYR A 122 -35.44 -6.76 3.20
C TYR A 122 -35.58 -6.38 4.66
N ASN A 123 -36.43 -7.09 5.40
CA ASN A 123 -36.76 -6.75 6.78
C ASN A 123 -35.68 -7.11 7.78
N TYR A 124 -34.59 -7.68 7.29
CA TYR A 124 -33.51 -8.17 8.13
C TYR A 124 -32.98 -7.11 9.09
N ILE A 125 -33.06 -7.40 10.38
CA ILE A 125 -32.50 -6.53 11.42
C ILE A 125 -31.26 -7.20 12.01
N ASN A 126 -30.09 -6.63 11.70
CA ASN A 126 -28.82 -7.10 12.25
C ASN A 126 -28.80 -6.98 13.79
N PRO A 127 -28.72 -8.13 14.50
CA PRO A 127 -28.89 -8.14 15.97
C PRO A 127 -27.67 -7.66 16.75
N HIS A 128 -26.52 -7.49 16.08
CA HIS A 128 -25.30 -6.98 16.71
C HIS A 128 -25.40 -5.49 17.06
N ASN A 129 -26.00 -4.70 16.16
CA ASN A 129 -26.25 -3.27 16.41
C ASN A 129 -27.74 -2.91 16.51
N GLY A 130 -28.62 -3.77 15.98
CA GLY A 130 -30.06 -3.49 15.94
C GLY A 130 -30.49 -2.72 14.71
N LYS A 131 -29.55 -2.39 13.84
CA LYS A 131 -29.82 -1.56 12.68
C LYS A 131 -30.42 -2.38 11.54
N HIS A 132 -31.54 -1.87 10.99
CA HIS A 132 -32.17 -2.46 9.83
C HIS A 132 -31.19 -2.49 8.66
N SER A 133 -30.94 -3.70 8.14
CA SER A 133 -29.91 -3.91 7.13
C SER A 133 -30.44 -4.78 5.99
N PRO A 134 -31.21 -4.18 5.07
CA PRO A 134 -31.88 -4.94 4.01
C PRO A 134 -30.89 -5.69 3.12
N MET A 135 -31.20 -6.94 2.80
CA MET A 135 -30.31 -7.75 1.97
C MET A 135 -30.73 -7.70 0.51
N VAL A 136 -31.89 -7.12 0.27
CA VAL A 136 -32.33 -6.74 -1.07
C VAL A 136 -32.71 -5.27 -1.05
N ALA A 137 -32.70 -4.63 -2.22
CA ALA A 137 -33.03 -3.21 -2.33
C ALA A 137 -34.52 -3.02 -2.19
N LYS A 138 -34.92 -1.88 -1.62
CA LYS A 138 -36.34 -1.52 -1.49
C LYS A 138 -37.06 -1.48 -2.84
N SER A 139 -36.40 -0.94 -3.86
CA SER A 139 -37.01 -0.78 -5.19
C SER A 139 -37.29 -2.12 -5.83
N THR A 140 -36.36 -3.07 -5.67
CA THR A 140 -36.59 -4.46 -6.06
C THR A 140 -37.77 -5.10 -5.30
N LEU A 141 -37.83 -4.94 -3.97
CA LEU A 141 -38.93 -5.56 -3.20
C LEU A 141 -40.27 -5.01 -3.67
N ASP A 142 -40.32 -3.69 -3.87
CA ASP A 142 -41.55 -3.02 -4.26
C ASP A 142 -42.03 -3.47 -5.61
N ILE A 143 -41.10 -3.69 -6.54
CA ILE A 143 -41.44 -4.27 -7.84
C ILE A 143 -41.98 -5.69 -7.64
N VAL A 144 -41.29 -6.48 -6.83
CA VAL A 144 -41.78 -7.83 -6.53
C VAL A 144 -43.18 -7.84 -5.94
N LEU A 145 -43.41 -7.06 -4.88
CA LEU A 145 -44.70 -7.04 -4.20
C LEU A 145 -45.84 -6.54 -5.08
N ALA A 146 -45.56 -5.52 -5.89
CA ALA A 146 -46.54 -4.99 -6.84
C ALA A 146 -46.87 -5.99 -7.95
N ASN A 147 -46.02 -7.02 -8.11
CA ASN A 147 -46.19 -7.98 -9.19
C ASN A 147 -46.07 -9.42 -8.71
N LYS A 148 -46.40 -9.64 -7.44
CA LYS A 148 -46.09 -10.91 -6.80
C LYS A 148 -46.90 -12.08 -7.33
N ASP A 149 -48.13 -11.84 -7.76
CA ASP A 149 -48.91 -12.87 -8.44
C ASP A 149 -48.15 -13.48 -9.63
N ARG A 150 -47.79 -12.65 -10.60
CA ARG A 150 -47.11 -13.12 -11.80
C ARG A 150 -45.72 -13.74 -11.48
N LEU A 151 -44.96 -13.09 -10.59
CA LEU A 151 -43.60 -13.53 -10.24
C LEU A 151 -43.52 -14.82 -9.40
N ASN A 152 -44.32 -14.90 -8.33
CA ASN A 152 -44.38 -16.11 -7.50
C ASN A 152 -44.76 -17.36 -8.28
N SER A 153 -45.68 -17.19 -9.23
CA SER A 153 -46.28 -18.33 -9.93
C SER A 153 -45.48 -18.78 -11.14
N ALA A 154 -44.67 -17.87 -11.70
CA ALA A 154 -43.86 -18.19 -12.88
C ALA A 154 -42.68 -19.12 -12.55
N ILE A 155 -42.36 -19.19 -11.28
CA ILE A 155 -41.20 -19.96 -10.86
C ILE A 155 -41.50 -21.46 -10.85
N ILE A 156 -40.53 -22.24 -11.30
CA ILE A 156 -40.61 -23.69 -11.34
C ILE A 156 -39.56 -24.25 -10.39
N TYR A 157 -40.00 -24.65 -9.21
CA TYR A 157 -39.08 -25.10 -8.19
C TYR A 157 -38.40 -26.42 -8.49
N ASP A 158 -38.98 -27.23 -9.38
CA ASP A 158 -38.34 -28.45 -9.85
C ASP A 158 -37.00 -28.16 -10.56
N ARG A 159 -36.83 -26.92 -11.05
CA ARG A 159 -35.55 -26.51 -11.65
C ARG A 159 -34.39 -26.46 -10.65
N ASP A 160 -34.69 -26.38 -9.35
CA ASP A 160 -33.66 -26.47 -8.30
C ASP A 160 -32.88 -27.77 -8.33
N PHE A 161 -33.51 -28.83 -8.86
CA PHE A 161 -32.91 -30.16 -8.94
C PHE A 161 -32.07 -30.34 -10.22
N SER A 162 -31.89 -29.27 -10.99
CA SER A 162 -31.20 -29.39 -12.27
C SER A 162 -29.68 -29.25 -12.19
N TYR A 163 -29.15 -28.96 -11.00
CA TYR A 163 -27.70 -28.87 -10.76
C TYR A 163 -27.25 -30.19 -10.16
N ASN A 164 -26.04 -30.62 -10.47
CA ASN A 164 -25.50 -31.77 -9.76
C ASN A 164 -25.01 -31.34 -8.37
N TYR A 165 -24.58 -32.30 -7.57
CA TYR A 165 -24.18 -32.04 -6.18
C TYR A 165 -23.15 -30.93 -6.03
N PHE A 166 -22.12 -30.97 -6.87
CA PHE A 166 -21.00 -30.04 -6.77
C PHE A 166 -21.39 -28.65 -7.21
N GLY A 167 -22.22 -28.56 -8.25
CA GLY A 167 -22.78 -27.30 -8.73
C GLY A 167 -23.73 -26.65 -7.73
N PHE A 168 -24.51 -27.48 -7.05
CA PHE A 168 -25.40 -26.99 -6.03
C PHE A 168 -24.64 -26.53 -4.78
N LYS A 169 -23.56 -27.24 -4.44
CA LYS A 169 -22.76 -26.87 -3.26
C LYS A 169 -21.99 -25.56 -3.47
N THR A 170 -21.58 -25.31 -4.71
CA THR A 170 -21.06 -24.01 -5.10
C THR A 170 -22.11 -22.91 -4.91
N LEU A 171 -23.32 -23.14 -5.43
CA LEU A 171 -24.44 -22.21 -5.21
C LEU A 171 -24.71 -21.95 -3.73
N GLU A 172 -24.76 -23.01 -2.93
CA GLU A 172 -25.19 -22.91 -1.54
C GLU A 172 -24.21 -22.11 -0.70
N ARG A 173 -22.92 -22.21 -1.03
CA ARG A 173 -21.89 -21.54 -0.26
C ARG A 173 -21.74 -20.02 -0.48
N SER A 174 -21.94 -19.54 -1.72
CA SER A 174 -21.75 -18.12 -2.03
C SER A 174 -22.93 -17.42 -2.71
N TYR A 175 -23.82 -18.17 -3.34
CA TYR A 175 -24.79 -17.54 -4.23
C TYR A 175 -26.18 -17.37 -3.63
N LEU A 176 -26.49 -18.11 -2.58
CA LEU A 176 -27.82 -18.05 -1.98
C LEU A 176 -27.76 -17.23 -0.70
N LEU A 177 -28.55 -16.17 -0.64
CA LEU A 177 -28.53 -15.27 0.53
C LEU A 177 -28.90 -16.02 1.80
N LYS A 178 -28.14 -15.73 2.86
CA LYS A 178 -28.26 -16.42 4.14
C LYS A 178 -28.66 -15.49 5.26
N ILE A 179 -29.62 -15.92 6.08
CA ILE A 179 -29.99 -15.19 7.30
C ILE A 179 -29.53 -15.95 8.56
N ASN A 180 -28.59 -15.35 9.32
CA ASN A 180 -27.97 -15.97 10.49
C ASN A 180 -27.48 -17.41 10.25
N GLY A 181 -26.71 -17.58 9.17
CA GLY A 181 -26.08 -18.86 8.85
C GLY A 181 -27.03 -19.89 8.28
N LYS A 182 -28.23 -19.45 7.91
CA LYS A 182 -29.22 -20.36 7.35
C LYS A 182 -29.69 -19.85 6.01
N VAL A 183 -29.54 -20.67 4.98
CA VAL A 183 -29.96 -20.32 3.62
C VAL A 183 -31.45 -19.93 3.57
N ALA A 184 -31.72 -18.73 3.07
CA ALA A 184 -33.08 -18.23 2.89
C ALA A 184 -33.52 -18.33 1.44
N GLU A 185 -32.58 -18.27 0.52
CA GLU A 185 -32.89 -18.29 -0.91
C GLU A 185 -32.73 -19.67 -1.55
N ARG A 186 -33.77 -20.12 -2.24
CA ARG A 186 -33.64 -21.26 -3.15
C ARG A 186 -32.95 -20.74 -4.42
N PRO A 187 -32.30 -21.63 -5.19
CA PRO A 187 -31.72 -21.19 -6.47
C PRO A 187 -32.70 -20.47 -7.39
N GLN A 188 -33.98 -20.86 -7.34
CA GLN A 188 -35.01 -20.19 -8.14
C GLN A 188 -35.24 -18.77 -7.64
N HIS A 189 -35.28 -18.60 -6.33
CA HIS A 189 -35.41 -17.29 -5.71
C HIS A 189 -34.25 -16.39 -6.12
N MET A 190 -33.04 -16.90 -6.02
CA MET A 190 -31.88 -16.16 -6.47
C MET A 190 -32.01 -15.71 -7.94
N LEU A 191 -32.36 -16.64 -8.82
CA LEU A 191 -32.45 -16.37 -10.26
C LEU A 191 -33.56 -15.40 -10.62
N MET A 192 -34.66 -15.44 -9.87
CA MET A 192 -35.73 -14.48 -10.10
C MET A 192 -35.35 -13.11 -9.54
N ARG A 193 -34.62 -13.08 -8.41
CA ARG A 193 -34.10 -11.83 -7.86
C ARG A 193 -33.19 -11.11 -8.88
N VAL A 194 -32.29 -11.86 -9.50
CA VAL A 194 -31.41 -11.33 -10.53
C VAL A 194 -32.19 -10.76 -11.71
N SER A 195 -33.24 -11.49 -12.12
CA SER A 195 -34.03 -11.17 -13.31
C SER A 195 -34.81 -9.87 -13.15
N VAL A 196 -35.43 -9.68 -11.98
CA VAL A 196 -36.08 -8.42 -11.65
C VAL A 196 -35.04 -7.33 -11.32
N GLY A 197 -33.90 -7.75 -10.76
CA GLY A 197 -32.76 -6.86 -10.60
C GLY A 197 -32.34 -6.19 -11.90
N ILE A 198 -32.30 -6.97 -12.99
CA ILE A 198 -31.92 -6.46 -14.31
C ILE A 198 -33.08 -5.71 -14.99
N HIS A 199 -34.26 -6.32 -14.99
CA HIS A 199 -35.35 -5.87 -15.84
C HIS A 199 -36.35 -4.97 -15.14
N LYS A 200 -36.34 -5.02 -13.81
CA LYS A 200 -37.15 -4.14 -12.97
C LYS A 200 -38.66 -4.16 -13.31
N GLU A 201 -39.21 -3.08 -13.83
CA GLU A 201 -40.65 -3.00 -14.09
C GLU A 201 -41.08 -3.81 -15.33
N ASP A 202 -40.12 -4.18 -16.16
CA ASP A 202 -40.39 -5.00 -17.33
C ASP A 202 -40.54 -6.44 -16.90
N ILE A 203 -41.76 -6.82 -16.52
CA ILE A 203 -42.02 -8.16 -15.98
C ILE A 203 -41.88 -9.25 -17.04
N ASP A 204 -42.30 -8.93 -18.26
CA ASP A 204 -42.20 -9.86 -19.40
C ASP A 204 -40.77 -10.27 -19.66
N ALA A 205 -39.88 -9.27 -19.66
CA ALA A 205 -38.45 -9.48 -19.85
C ALA A 205 -37.84 -10.18 -18.63
N ALA A 206 -38.35 -9.87 -17.43
CA ALA A 206 -37.88 -10.55 -16.22
C ALA A 206 -38.12 -12.05 -16.31
N ILE A 207 -39.35 -12.43 -16.67
CA ILE A 207 -39.72 -13.86 -16.73
C ILE A 207 -39.00 -14.57 -17.86
N GLU A 208 -38.90 -13.93 -19.02
CA GLU A 208 -38.13 -14.49 -20.14
C GLU A 208 -36.69 -14.79 -19.71
N THR A 209 -36.08 -13.85 -18.99
CA THR A 209 -34.72 -14.06 -18.46
C THR A 209 -34.66 -15.14 -17.36
N TYR A 210 -35.63 -15.14 -16.46
CA TYR A 210 -35.73 -16.19 -15.44
C TYR A 210 -35.76 -17.58 -16.07
N ASN A 211 -36.59 -17.74 -17.11
CA ASN A 211 -36.68 -19.03 -17.83
C ASN A 211 -35.38 -19.48 -18.48
N LEU A 212 -34.72 -18.58 -19.20
CA LEU A 212 -33.45 -18.87 -19.84
C LEU A 212 -32.37 -19.20 -18.81
N LEU A 213 -32.39 -18.52 -17.66
CA LEU A 213 -31.37 -18.76 -16.63
C LEU A 213 -31.63 -20.06 -15.87
N SER A 214 -32.89 -20.27 -15.46
CA SER A 214 -33.26 -21.47 -14.72
C SER A 214 -33.18 -22.74 -15.56
N GLU A 215 -33.39 -22.62 -16.88
CA GLU A 215 -33.15 -23.73 -17.81
C GLU A 215 -31.68 -23.85 -18.25
N ARG A 216 -30.86 -22.88 -17.86
CA ARG A 216 -29.40 -22.95 -17.97
C ARG A 216 -28.86 -22.76 -19.40
N TRP A 217 -29.61 -22.01 -20.21
CA TRP A 217 -29.18 -21.69 -21.57
C TRP A 217 -27.97 -20.77 -21.54
N PHE A 218 -27.94 -19.93 -20.51
CA PHE A 218 -26.80 -19.06 -20.24
C PHE A 218 -26.74 -18.75 -18.77
N THR A 219 -25.67 -18.04 -18.38
CA THR A 219 -25.57 -17.45 -17.06
C THR A 219 -24.97 -16.05 -17.13
N HIS A 220 -25.35 -15.21 -16.17
CA HIS A 220 -24.69 -13.94 -15.96
C HIS A 220 -23.43 -14.20 -15.14
N ALA A 221 -22.48 -13.28 -15.22
CA ALA A 221 -21.26 -13.35 -14.44
C ALA A 221 -21.56 -13.31 -12.93
N SER A 222 -20.65 -13.87 -12.14
CA SER A 222 -20.80 -13.97 -10.69
C SER A 222 -21.24 -12.68 -9.99
N PRO A 223 -20.59 -11.53 -10.28
CA PRO A 223 -20.96 -10.27 -9.61
C PRO A 223 -22.44 -9.92 -9.80
N THR A 224 -22.97 -10.16 -11.00
CA THR A 224 -24.39 -9.96 -11.30
C THR A 224 -25.26 -10.90 -10.46
N LEU A 225 -24.84 -12.17 -10.35
CA LEU A 225 -25.57 -13.14 -9.54
C LEU A 225 -25.53 -12.79 -8.06
N PHE A 226 -24.39 -12.28 -7.58
CA PHE A 226 -24.29 -11.82 -6.18
C PHE A 226 -25.15 -10.58 -5.95
N ASN A 227 -25.00 -9.59 -6.83
CA ASN A 227 -25.38 -8.22 -6.51
C ASN A 227 -26.68 -7.69 -7.10
N ALA A 228 -27.25 -8.36 -8.10
CA ALA A 228 -28.45 -7.84 -8.74
C ALA A 228 -29.64 -7.84 -7.76
N GLY A 229 -30.42 -6.77 -7.80
CA GLY A 229 -31.53 -6.60 -6.86
C GLY A 229 -31.14 -6.23 -5.44
N THR A 230 -29.84 -6.05 -5.17
CA THR A 230 -29.39 -5.62 -3.85
C THR A 230 -29.08 -4.12 -3.81
N ASN A 231 -28.73 -3.63 -2.63
CA ASN A 231 -28.37 -2.22 -2.40
C ASN A 231 -27.12 -1.73 -3.13
N ARG A 232 -26.07 -2.55 -3.21
CA ARG A 232 -24.89 -2.16 -3.98
C ARG A 232 -24.76 -3.03 -5.23
N PRO A 233 -25.50 -2.69 -6.31
CA PRO A 233 -25.48 -3.53 -7.49
C PRO A 233 -24.25 -3.30 -8.38
N GLN A 234 -23.09 -3.73 -7.88
CA GLN A 234 -21.89 -3.75 -8.69
C GLN A 234 -21.95 -5.06 -9.46
N LEU A 235 -22.33 -4.99 -10.71
CA LEU A 235 -22.66 -6.15 -11.50
C LEU A 235 -21.57 -6.54 -12.46
N SER A 236 -20.55 -5.72 -12.52
CA SER A 236 -19.47 -5.84 -13.43
C SER A 236 -18.28 -6.56 -12.86
N SER A 237 -17.60 -7.28 -13.72
CA SER A 237 -16.50 -8.13 -13.33
C SER A 237 -15.15 -7.48 -13.39
N CYS A 238 -14.91 -6.75 -14.45
CA CYS A 238 -13.58 -6.34 -14.76
C CYS A 238 -13.45 -4.83 -14.81
N PHE A 239 -12.26 -4.33 -14.58
CA PHE A 239 -11.92 -2.94 -14.76
C PHE A 239 -10.55 -2.82 -15.38
N LEU A 240 -10.34 -1.87 -16.26
CA LEU A 240 -9.01 -1.57 -16.72
C LEU A 240 -8.69 -0.12 -16.59
N LEU A 241 -7.44 0.15 -16.26
CA LEU A 241 -6.97 1.51 -16.00
C LEU A 241 -5.61 1.77 -16.66
N SER A 242 -5.40 3.02 -17.05
CA SER A 242 -4.12 3.51 -17.57
C SER A 242 -3.50 4.37 -16.51
N MET A 243 -2.20 4.20 -16.31
CA MET A 243 -1.50 5.05 -15.35
C MET A 243 -1.60 6.50 -15.83
N LYS A 244 -2.10 7.35 -14.92
CA LYS A 244 -2.41 8.75 -15.23
C LYS A 244 -1.18 9.55 -15.70
N ASP A 245 -0.53 10.22 -14.76
CA ASP A 245 0.72 10.94 -15.01
C ASP A 245 1.91 10.15 -14.46
N ASP A 246 3.10 10.43 -14.99
CA ASP A 246 4.35 9.91 -14.45
C ASP A 246 4.84 10.86 -13.34
N SER A 247 4.23 10.72 -12.16
CA SER A 247 4.49 11.56 -11.02
C SER A 247 3.92 10.89 -9.78
N ILE A 248 4.30 11.37 -8.60
CA ILE A 248 3.74 10.90 -7.34
C ILE A 248 2.23 11.11 -7.31
N GLU A 249 1.80 12.31 -7.66
CA GLU A 249 0.38 12.67 -7.77
C GLU A 249 -0.40 11.62 -8.58
N GLY A 250 0.09 11.33 -9.78
CA GLY A 250 -0.59 10.42 -10.70
C GLY A 250 -0.59 8.98 -10.21
N ILE A 251 0.56 8.54 -9.70
CA ILE A 251 0.75 7.17 -9.21
C ILE A 251 -0.20 6.87 -8.04
N TYR A 252 -0.39 7.87 -7.19
CA TYR A 252 -1.22 7.74 -5.99
C TYR A 252 -2.71 8.04 -6.21
N ASP A 253 -3.01 8.83 -7.24
CA ASP A 253 -4.40 8.96 -7.68
C ASP A 253 -4.89 7.64 -8.26
N THR A 254 -4.07 7.03 -9.11
CA THR A 254 -4.41 5.75 -9.74
C THR A 254 -4.53 4.66 -8.68
N LEU A 255 -3.62 4.69 -7.70
CA LEU A 255 -3.66 3.78 -6.57
C LEU A 255 -4.98 3.86 -5.80
N LYS A 256 -5.42 5.09 -5.51
CA LYS A 256 -6.71 5.32 -4.91
C LYS A 256 -7.80 4.72 -5.79
N GLN A 257 -7.72 4.92 -7.12
CA GLN A 257 -8.70 4.33 -8.04
C GLN A 257 -8.81 2.84 -7.81
N CYS A 258 -7.66 2.17 -7.81
CA CYS A 258 -7.55 0.71 -7.66
C CYS A 258 -8.10 0.23 -6.33
N ALA A 259 -7.85 0.98 -5.25
CA ALA A 259 -8.40 0.65 -3.96
C ALA A 259 -9.93 0.76 -3.98
N LEU A 260 -10.45 1.81 -4.62
CA LEU A 260 -11.90 2.00 -4.71
C LEU A 260 -12.57 0.93 -5.55
N ILE A 261 -11.98 0.60 -6.69
CA ILE A 261 -12.48 -0.50 -7.53
C ILE A 261 -12.42 -1.83 -6.78
N SER A 262 -11.30 -2.08 -6.09
CA SER A 262 -11.03 -3.31 -5.38
C SER A 262 -11.97 -3.49 -4.19
N LYS A 263 -12.56 -2.39 -3.76
CA LYS A 263 -13.62 -2.37 -2.76
C LYS A 263 -14.86 -3.08 -3.29
N SER A 264 -15.08 -2.99 -4.59
CA SER A 264 -16.24 -3.58 -5.25
C SER A 264 -15.90 -4.94 -5.91
N ALA A 265 -14.89 -5.61 -5.36
CA ALA A 265 -14.46 -6.98 -5.76
C ALA A 265 -14.06 -7.19 -7.23
N GLY A 266 -14.12 -6.14 -8.04
CA GLY A 266 -13.75 -6.28 -9.45
C GLY A 266 -12.26 -6.54 -9.65
N GLY A 267 -11.92 -7.31 -10.68
CA GLY A 267 -10.52 -7.53 -11.05
C GLY A 267 -10.00 -6.30 -11.78
N ILE A 268 -8.68 -6.21 -11.97
CA ILE A 268 -8.08 -5.00 -12.54
C ILE A 268 -6.91 -5.25 -13.51
N GLY A 269 -6.95 -4.60 -14.66
CA GLY A 269 -5.78 -4.51 -15.54
C GLY A 269 -5.24 -3.09 -15.50
N VAL A 270 -3.93 -2.95 -15.25
CA VAL A 270 -3.27 -1.62 -15.13
C VAL A 270 -2.07 -1.47 -16.09
N ALA A 271 -2.16 -0.50 -16.99
CA ALA A 271 -1.02 -0.12 -17.84
C ALA A 271 -0.07 0.78 -17.03
N VAL A 272 1.22 0.48 -17.12
CA VAL A 272 2.23 1.04 -16.23
C VAL A 272 3.45 1.61 -17.00
N SER A 273 3.46 1.46 -18.32
CA SER A 273 4.64 1.73 -19.15
C SER A 273 5.11 3.18 -19.18
N CYS A 274 4.24 4.12 -18.81
CA CYS A 274 4.57 5.54 -18.80
C CYS A 274 5.40 5.98 -17.58
N ILE A 275 5.56 5.09 -16.60
CA ILE A 275 6.30 5.40 -15.36
C ILE A 275 7.80 5.28 -15.61
N ARG A 276 8.56 6.32 -15.27
CA ARG A 276 9.98 6.38 -15.61
C ARG A 276 10.81 5.33 -14.87
N ALA A 277 11.86 4.87 -15.55
CA ALA A 277 12.58 3.69 -15.11
C ALA A 277 13.55 3.98 -13.97
N THR A 278 14.06 2.92 -13.35
CA THR A 278 15.01 3.03 -12.25
C THR A 278 16.21 3.89 -12.65
N GLY A 279 16.58 4.82 -11.79
CA GLY A 279 17.77 5.66 -12.00
C GLY A 279 17.57 6.94 -12.81
N SER A 280 16.37 7.11 -13.37
CA SER A 280 16.01 8.32 -14.12
C SER A 280 15.91 9.50 -13.18
N TYR A 281 16.39 10.65 -13.66
CA TYR A 281 16.45 11.87 -12.90
C TYR A 281 15.05 12.40 -12.53
N ILE A 282 14.90 12.79 -11.26
CA ILE A 282 13.75 13.56 -10.80
C ILE A 282 14.18 15.01 -10.73
N ALA A 283 13.47 15.88 -11.44
CA ALA A 283 13.86 17.30 -11.49
C ALA A 283 13.54 18.04 -10.20
N GLY A 284 12.33 17.86 -9.68
CA GLY A 284 11.88 18.58 -8.48
C GLY A 284 12.59 18.26 -7.18
N THR A 285 13.21 17.09 -7.08
CA THR A 285 13.92 16.65 -5.86
C THR A 285 15.41 16.42 -6.08
N ASN A 286 15.86 16.56 -7.33
CA ASN A 286 17.27 16.34 -7.70
C ASN A 286 17.74 14.92 -7.34
N GLY A 287 16.81 13.98 -7.40
CA GLY A 287 17.09 12.59 -7.04
C GLY A 287 16.91 11.67 -8.23
N ASN A 288 16.88 10.38 -7.96
CA ASN A 288 16.77 9.38 -9.03
C ASN A 288 15.68 8.36 -8.79
N SER A 289 14.77 8.24 -9.74
CA SER A 289 13.60 7.37 -9.60
C SER A 289 13.96 5.94 -9.23
N ASN A 290 13.10 5.37 -8.38
CA ASN A 290 13.27 4.00 -7.92
C ASN A 290 12.74 2.97 -8.91
N GLY A 291 12.08 3.44 -9.96
CA GLY A 291 11.61 2.56 -11.02
C GLY A 291 10.35 1.83 -10.63
N LEU A 292 10.04 0.76 -11.35
CA LEU A 292 8.75 0.08 -11.23
C LEU A 292 8.54 -0.76 -9.97
N VAL A 293 9.59 -1.49 -9.56
CA VAL A 293 9.51 -2.46 -8.46
C VAL A 293 8.97 -1.92 -7.13
N PRO A 294 9.64 -0.90 -6.53
CA PRO A 294 9.08 -0.42 -5.27
C PRO A 294 7.73 0.27 -5.43
N MET A 295 7.37 0.63 -6.65
CA MET A 295 6.06 1.22 -6.90
C MET A 295 5.03 0.09 -6.88
N LEU A 296 5.39 -1.00 -7.53
CA LEU A 296 4.56 -2.20 -7.59
C LEU A 296 4.34 -2.84 -6.21
N ARG A 297 5.28 -2.65 -5.29
CA ARG A 297 5.11 -3.17 -3.94
C ARG A 297 3.99 -2.44 -3.19
N VAL A 298 3.80 -1.16 -3.48
CA VAL A 298 2.71 -0.39 -2.89
C VAL A 298 1.35 -0.90 -3.39
N TYR A 299 1.28 -1.25 -4.68
CA TYR A 299 0.08 -1.81 -5.31
C TYR A 299 -0.19 -3.23 -4.82
N ASN A 300 0.85 -4.06 -4.82
CA ASN A 300 0.81 -5.36 -4.18
C ASN A 300 0.14 -5.31 -2.80
N ASN A 301 0.66 -4.45 -1.92
CA ASN A 301 0.11 -4.22 -0.59
C ASN A 301 -1.34 -3.76 -0.58
N THR A 302 -1.68 -2.91 -1.54
CA THR A 302 -3.04 -2.41 -1.66
C THR A 302 -3.96 -3.56 -2.06
N ALA A 303 -3.49 -4.42 -2.94
CA ALA A 303 -4.26 -5.60 -3.36
C ALA A 303 -4.51 -6.54 -2.17
N ARG A 304 -3.49 -6.76 -1.36
CA ARG A 304 -3.63 -7.57 -0.17
C ARG A 304 -4.63 -6.93 0.80
N TYR A 305 -4.52 -5.61 0.99
CA TYR A 305 -5.27 -4.90 2.02
C TYR A 305 -6.77 -4.78 1.74
N VAL A 306 -7.15 -4.42 0.53
CA VAL A 306 -8.57 -4.34 0.22
C VAL A 306 -9.04 -5.55 -0.61
N ASP A 307 -9.49 -6.59 0.11
CA ASP A 307 -10.01 -7.83 -0.48
C ASP A 307 -11.47 -7.63 -0.85
N GLN A 308 -12.30 -7.60 0.20
CA GLN A 308 -13.75 -7.40 0.16
C GLN A 308 -14.29 -6.78 -1.12
N GLY A 315 -7.52 -9.02 -3.54
CA GLY A 315 -7.76 -8.10 -4.66
C GLY A 315 -6.71 -8.35 -5.73
N ALA A 316 -7.14 -8.56 -6.97
CA ALA A 316 -6.24 -9.05 -8.01
C ALA A 316 -5.98 -8.03 -9.12
N PHE A 317 -4.76 -7.47 -9.13
CA PHE A 317 -4.35 -6.52 -10.17
C PHE A 317 -3.39 -7.17 -11.16
N ALA A 318 -3.66 -7.00 -12.45
CA ALA A 318 -2.73 -7.41 -13.49
C ALA A 318 -1.98 -6.18 -14.03
N ILE A 319 -0.66 -6.29 -14.10
CA ILE A 319 0.21 -5.17 -14.45
C ILE A 319 0.74 -5.38 -15.87
N TYR A 320 0.46 -4.43 -16.74
CA TYR A 320 0.84 -4.54 -18.16
C TYR A 320 2.03 -3.65 -18.45
N LEU A 321 3.11 -4.26 -18.93
CA LEU A 321 4.31 -3.55 -19.30
C LEU A 321 4.66 -3.83 -20.77
N GLU A 322 5.09 -2.78 -21.49
CA GLU A 322 5.63 -2.92 -22.84
C GLU A 322 7.14 -3.21 -22.81
N PRO A 323 7.58 -4.26 -23.52
CA PRO A 323 8.98 -4.77 -23.46
C PRO A 323 10.11 -3.79 -23.84
N TRP A 324 9.78 -2.57 -24.27
CA TRP A 324 10.84 -1.56 -24.50
C TRP A 324 11.24 -0.84 -23.22
N HIS A 325 10.44 -1.01 -22.17
CA HIS A 325 10.67 -0.34 -20.89
C HIS A 325 11.92 -0.85 -20.21
N LEU A 326 12.75 0.08 -19.73
CA LEU A 326 14.05 -0.27 -19.20
C LEU A 326 14.01 -1.19 -17.98
N ASP A 327 12.88 -1.18 -17.26
CA ASP A 327 12.72 -2.03 -16.06
C ASP A 327 12.19 -3.43 -16.36
N ILE A 328 12.08 -3.76 -17.65
CA ILE A 328 11.51 -5.02 -18.10
C ILE A 328 12.12 -6.30 -17.46
N PHE A 329 13.44 -6.35 -17.31
CA PHE A 329 14.09 -7.54 -16.74
C PHE A 329 13.80 -7.73 -15.24
N GLU A 330 13.66 -6.62 -14.52
CA GLU A 330 13.36 -6.66 -13.08
C GLU A 330 11.87 -6.92 -12.86
N PHE A 331 11.06 -6.57 -13.86
CA PHE A 331 9.64 -6.89 -13.91
C PHE A 331 9.44 -8.40 -14.08
N LEU A 332 10.24 -9.00 -14.96
CA LEU A 332 10.27 -10.44 -15.18
C LEU A 332 10.91 -11.20 -13.99
N ASP A 333 10.58 -10.79 -12.77
CA ASP A 333 11.20 -11.36 -11.56
C ASP A 333 10.35 -11.18 -10.31
N LEU A 334 9.43 -10.22 -10.36
CA LEU A 334 8.58 -9.90 -9.22
C LEU A 334 7.76 -11.08 -8.70
N LYS A 335 7.15 -11.83 -9.62
CA LYS A 335 6.40 -13.04 -9.25
C LYS A 335 7.33 -14.19 -8.82
N LYS A 336 8.59 -14.15 -9.26
CA LYS A 336 9.58 -15.18 -8.91
C LYS A 336 9.98 -15.14 -7.44
N ARG A 346 3.61 -9.85 -6.09
CA ARG A 346 3.34 -11.20 -5.59
C ARG A 346 1.85 -11.53 -5.43
N ASP A 347 1.03 -10.52 -5.18
CA ASP A 347 -0.44 -10.58 -5.30
C ASP A 347 -0.85 -9.90 -6.60
N LEU A 348 0.15 -9.68 -7.43
CA LEU A 348 -0.02 -9.02 -8.68
C LEU A 348 0.19 -10.06 -9.74
N PHE A 349 -0.43 -9.84 -10.87
CA PHE A 349 -0.30 -10.73 -12.00
C PHE A 349 0.36 -9.89 -13.09
N PHE A 350 1.16 -10.53 -13.92
CA PHE A 350 2.00 -9.79 -14.85
C PHE A 350 1.71 -10.16 -16.29
N ALA A 351 1.81 -9.15 -17.15
CA ALA A 351 1.45 -9.31 -18.53
C ALA A 351 2.32 -8.40 -19.37
N LEU A 352 2.60 -8.83 -20.59
CA LEU A 352 3.29 -7.99 -21.53
C LEU A 352 2.33 -7.51 -22.61
N TRP A 353 2.48 -6.24 -22.95
CA TRP A 353 1.72 -5.63 -24.03
C TRP A 353 2.75 -5.47 -25.15
N ILE A 354 2.78 -6.44 -26.07
CA ILE A 354 3.90 -6.63 -27.01
C ILE A 354 3.68 -6.05 -28.41
N PRO A 355 4.59 -5.15 -28.87
CA PRO A 355 4.52 -4.69 -30.25
C PRO A 355 5.09 -5.75 -31.21
N ASP A 356 4.70 -5.65 -32.48
CA ASP A 356 5.19 -6.55 -33.52
C ASP A 356 6.69 -6.39 -33.70
N LEU A 357 7.15 -5.15 -33.51
CA LEU A 357 8.56 -4.81 -33.67
C LEU A 357 9.46 -5.66 -32.78
N PHE A 358 9.05 -5.90 -31.53
CA PHE A 358 9.84 -6.77 -30.65
C PHE A 358 9.87 -8.20 -31.21
N MET A 359 8.71 -8.71 -31.63
CA MET A 359 8.66 -10.04 -32.21
C MET A 359 9.51 -10.18 -33.48
N LYS A 360 9.49 -9.16 -34.34
CA LYS A 360 10.33 -9.16 -35.54
C LYS A 360 11.83 -9.15 -35.21
N ARG A 361 12.22 -8.38 -34.19
CA ARG A 361 13.63 -8.25 -33.79
C ARG A 361 14.15 -9.55 -33.19
N VAL A 362 13.27 -10.27 -32.50
CA VAL A 362 13.62 -11.55 -31.89
C VAL A 362 13.92 -12.62 -32.95
N GLU A 363 13.00 -12.81 -33.89
CA GLU A 363 13.18 -13.88 -34.89
C GLU A 363 14.31 -13.60 -35.86
N THR A 364 14.61 -12.32 -36.09
CA THR A 364 15.72 -11.93 -36.95
C THR A 364 17.05 -11.76 -36.20
N ASN A 365 17.07 -12.13 -34.91
CA ASN A 365 18.29 -12.10 -34.08
C ASN A 365 18.94 -10.72 -33.97
N GLN A 366 18.11 -9.68 -33.85
CA GLN A 366 18.60 -8.31 -33.80
C GLN A 366 18.66 -7.72 -32.38
N ASP A 367 19.20 -6.50 -32.29
CA ASP A 367 19.22 -5.76 -31.04
C ASP A 367 17.90 -5.08 -30.70
N TRP A 368 17.67 -4.91 -29.40
CA TRP A 368 16.46 -4.29 -28.90
C TRP A 368 16.90 -3.19 -27.97
N SER A 369 16.26 -2.04 -28.10
CA SER A 369 16.61 -0.85 -27.32
C SER A 369 15.67 -0.67 -26.15
N LEU A 370 16.25 -0.64 -24.96
CA LEU A 370 15.49 -0.38 -23.73
C LEU A 370 15.44 1.13 -23.44
N MET A 371 14.25 1.61 -23.10
CA MET A 371 14.03 3.04 -22.98
C MET A 371 13.26 3.41 -21.71
N CYS A 372 13.56 4.61 -21.21
CA CYS A 372 12.80 5.21 -20.12
C CYS A 372 11.79 6.16 -20.75
N PRO A 373 10.48 5.99 -20.43
CA PRO A 373 9.39 6.78 -21.03
C PRO A 373 9.45 8.29 -20.76
N ASN A 374 10.29 8.71 -19.81
CA ASN A 374 10.49 10.13 -19.52
C ASN A 374 11.47 10.76 -20.51
N GLU A 375 12.47 9.97 -20.92
CA GLU A 375 13.39 10.35 -21.97
C GLU A 375 12.74 10.14 -23.35
N CYS A 376 11.91 9.11 -23.47
CA CYS A 376 11.27 8.78 -24.73
C CYS A 376 9.74 8.74 -24.62
N PRO A 377 9.09 9.92 -24.60
CA PRO A 377 7.65 9.95 -24.33
C PRO A 377 6.78 9.49 -25.50
N GLY A 378 5.63 8.92 -25.16
CA GLY A 378 4.55 8.68 -26.12
C GLY A 378 4.51 7.31 -26.76
N LEU A 379 5.49 6.47 -26.46
CA LEU A 379 5.56 5.12 -27.02
C LEU A 379 4.31 4.27 -26.80
N ASP A 380 3.61 4.50 -25.69
CA ASP A 380 2.38 3.75 -25.38
C ASP A 380 1.10 4.37 -25.97
N GLU A 381 1.20 5.59 -26.48
CA GLU A 381 0.04 6.31 -27.02
C GLU A 381 -0.11 6.03 -28.51
N VAL A 382 0.73 5.13 -29.01
CA VAL A 382 0.89 4.96 -30.43
C VAL A 382 1.13 3.46 -30.68
N TRP A 383 0.61 2.94 -31.81
CA TRP A 383 0.79 1.54 -32.16
C TRP A 383 1.13 1.40 -33.64
N GLY A 384 1.43 0.18 -34.08
CA GLY A 384 1.70 -0.12 -35.49
C GLY A 384 2.87 0.65 -36.10
N GLU A 385 2.66 1.16 -37.31
CA GLU A 385 3.70 1.91 -38.03
C GLU A 385 4.08 3.19 -37.28
N GLU A 386 3.08 3.84 -36.68
CA GLU A 386 3.30 5.05 -35.88
C GLU A 386 4.25 4.80 -34.70
N PHE A 387 4.14 3.64 -34.05
CA PHE A 387 5.06 3.26 -32.97
C PHE A 387 6.44 2.96 -33.51
N GLU A 388 6.48 2.16 -34.57
CA GLU A 388 7.73 1.71 -35.17
C GLU A 388 8.56 2.89 -35.68
N LYS A 389 7.88 3.92 -36.20
CA LYS A 389 8.56 5.13 -36.64
C LYS A 389 9.08 5.96 -35.47
N LEU A 390 8.24 6.14 -34.44
CA LEU A 390 8.67 6.84 -33.22
C LEU A 390 9.81 6.13 -32.49
N TYR A 391 9.64 4.81 -32.30
CA TYR A 391 10.66 4.00 -31.66
C TYR A 391 12.02 4.11 -32.35
N ALA A 392 12.02 3.98 -33.69
CA ALA A 392 13.25 4.02 -34.48
C ALA A 392 13.86 5.41 -34.48
N SER A 393 12.99 6.42 -34.48
CA SER A 393 13.42 7.81 -34.34
C SER A 393 14.19 8.06 -33.04
N TYR A 394 13.71 7.51 -31.93
CA TYR A 394 14.44 7.61 -30.65
C TYR A 394 15.73 6.80 -30.71
N GLU A 395 15.71 5.67 -31.42
CA GLU A 395 16.93 4.88 -31.57
C GLU A 395 18.00 5.68 -32.31
N LYS A 396 17.65 6.23 -33.47
CA LYS A 396 18.55 7.06 -34.25
C LYS A 396 18.98 8.34 -33.52
N GLN A 397 18.10 8.87 -32.67
CA GLN A 397 18.39 10.07 -31.87
C GLN A 397 19.35 9.81 -30.70
N GLY A 398 19.67 8.54 -30.48
CA GLY A 398 20.63 8.13 -29.46
C GLY A 398 20.03 7.99 -28.07
N ARG A 399 18.76 8.35 -27.92
CA ARG A 399 18.11 8.33 -26.62
C ARG A 399 17.60 6.94 -26.26
N VAL A 400 18.54 6.09 -25.88
CA VAL A 400 18.29 4.71 -25.55
C VAL A 400 19.10 4.48 -24.30
N ARG A 401 18.47 3.96 -23.26
CA ARG A 401 19.19 3.77 -22.01
C ARG A 401 20.06 2.50 -21.96
N LYS A 402 19.58 1.43 -22.61
CA LYS A 402 20.36 0.19 -22.72
C LYS A 402 19.99 -0.54 -23.99
N VAL A 403 20.97 -1.22 -24.60
CA VAL A 403 20.71 -2.06 -25.75
C VAL A 403 21.12 -3.49 -25.49
N VAL A 404 20.18 -4.41 -25.70
CA VAL A 404 20.39 -5.84 -25.47
C VAL A 404 20.07 -6.61 -26.73
N LYS A 405 20.49 -7.88 -26.78
CA LYS A 405 20.06 -8.77 -27.83
C LYS A 405 18.57 -9.10 -27.59
N ALA A 406 17.74 -8.92 -28.62
CA ALA A 406 16.29 -9.17 -28.48
C ALA A 406 16.01 -10.59 -27.97
N GLN A 407 16.92 -11.49 -28.28
CA GLN A 407 16.86 -12.88 -27.91
C GLN A 407 17.05 -13.04 -26.39
N GLN A 408 17.97 -12.26 -25.83
CA GLN A 408 18.24 -12.22 -24.39
C GLN A 408 16.99 -11.87 -23.59
N LEU A 409 16.27 -10.82 -24.02
CA LEU A 409 14.99 -10.45 -23.42
C LEU A 409 13.99 -11.56 -23.64
N TRP A 410 13.98 -12.12 -24.85
CA TRP A 410 13.06 -13.18 -25.20
C TRP A 410 13.16 -14.37 -24.24
N TYR A 411 14.38 -14.82 -23.98
CA TYR A 411 14.61 -15.95 -23.10
C TYR A 411 14.33 -15.68 -21.64
N ALA A 412 14.53 -14.43 -21.23
CA ALA A 412 14.14 -14.00 -19.90
C ALA A 412 12.63 -14.12 -19.73
N ILE A 413 11.90 -13.91 -20.82
CA ILE A 413 10.44 -14.03 -20.81
C ILE A 413 10.02 -15.50 -20.71
N ILE A 414 10.70 -16.35 -21.46
CA ILE A 414 10.45 -17.79 -21.48
C ILE A 414 10.71 -18.38 -20.10
N GLU A 415 11.91 -18.14 -19.55
CA GLU A 415 12.28 -18.63 -18.23
C GLU A 415 11.28 -18.23 -17.13
N SER A 416 10.77 -17.00 -17.22
CA SER A 416 9.78 -16.53 -16.26
C SER A 416 8.46 -17.31 -16.36
N GLN A 417 8.05 -17.62 -17.59
CA GLN A 417 6.82 -18.37 -17.86
C GLN A 417 6.91 -19.84 -17.47
N THR A 418 8.06 -20.45 -17.71
CA THR A 418 8.25 -21.84 -17.31
C THR A 418 8.29 -21.97 -15.77
N GLU A 419 8.75 -20.93 -15.09
CA GLU A 419 8.78 -20.93 -13.62
C GLU A 419 7.46 -20.53 -12.94
N THR A 420 6.69 -19.64 -13.55
CA THR A 420 5.48 -19.07 -12.90
C THR A 420 4.21 -19.15 -13.72
N GLY A 421 4.32 -19.44 -15.01
CA GLY A 421 3.16 -19.47 -15.91
C GLY A 421 2.91 -18.14 -16.57
N THR A 422 3.60 -17.10 -16.10
CA THR A 422 3.41 -15.71 -16.51
C THR A 422 4.77 -15.12 -16.88
N PRO A 423 4.81 -13.96 -17.57
CA PRO A 423 3.72 -13.04 -17.96
C PRO A 423 2.75 -13.54 -19.04
N TYR A 424 1.51 -13.07 -18.98
CA TYR A 424 0.59 -13.25 -20.09
C TYR A 424 1.21 -12.60 -21.33
N MET A 425 0.83 -13.07 -22.50
CA MET A 425 1.34 -12.52 -23.75
C MET A 425 0.20 -11.87 -24.54
N LEU A 426 0.24 -10.55 -24.65
CA LEU A 426 -0.69 -9.81 -25.48
C LEU A 426 0.01 -9.09 -26.60
N TYR A 427 -0.59 -9.17 -27.78
CA TYR A 427 -0.04 -8.53 -28.96
C TYR A 427 -0.75 -7.21 -29.20
N LYS A 428 -0.05 -6.15 -28.81
CA LYS A 428 -0.54 -4.78 -28.75
C LYS A 428 -1.04 -4.28 -30.10
N ASP A 429 -0.35 -4.66 -31.17
CA ASP A 429 -0.70 -4.20 -32.50
C ASP A 429 -1.90 -4.94 -33.06
N SER A 430 -2.00 -6.25 -32.79
CA SER A 430 -3.19 -7.04 -33.15
C SER A 430 -4.46 -6.53 -32.43
N CYS A 431 -4.34 -6.35 -31.11
CA CYS A 431 -5.40 -5.76 -30.28
C CYS A 431 -5.89 -4.43 -30.84
N ASN A 432 -4.95 -3.56 -31.18
CA ASN A 432 -5.30 -2.24 -31.71
C ASN A 432 -5.84 -2.25 -33.15
N ARG A 433 -5.11 -2.91 -34.05
CA ARG A 433 -5.48 -3.01 -35.47
C ARG A 433 -6.90 -3.54 -35.67
N LYS A 434 -7.30 -4.48 -34.82
CA LYS A 434 -8.56 -5.19 -34.99
C LYS A 434 -9.58 -4.84 -33.91
N SER A 435 -9.53 -3.60 -33.43
CA SER A 435 -10.45 -3.15 -32.40
C SER A 435 -11.44 -2.15 -32.96
N ASN A 436 -12.71 -2.29 -32.60
CA ASN A 436 -13.75 -1.33 -33.01
C ASN A 436 -13.66 -0.03 -32.23
N GLN A 437 -12.88 -0.03 -31.16
CA GLN A 437 -12.68 1.15 -30.34
C GLN A 437 -11.43 1.97 -30.77
N GLN A 438 -10.79 1.57 -31.86
CA GLN A 438 -9.52 2.19 -32.27
C GLN A 438 -9.67 3.64 -32.71
N ASN A 439 -10.91 4.09 -32.93
CA ASN A 439 -11.16 5.51 -33.21
C ASN A 439 -11.01 6.38 -31.96
N LEU A 440 -10.91 5.75 -30.79
CA LEU A 440 -10.76 6.47 -29.52
C LEU A 440 -9.31 6.81 -29.20
N GLY A 441 -8.38 6.14 -29.88
CA GLY A 441 -6.95 6.23 -29.56
C GLY A 441 -6.39 4.86 -29.23
N THR A 442 -5.11 4.81 -28.89
CA THR A 442 -4.42 3.54 -28.64
C THR A 442 -4.92 2.89 -27.35
N ILE A 443 -5.16 1.57 -27.41
CA ILE A 443 -5.52 0.77 -26.25
C ILE A 443 -4.23 0.28 -25.57
N LYS A 444 -4.14 0.54 -24.26
CA LYS A 444 -2.88 0.45 -23.54
C LYS A 444 -2.69 -0.85 -22.77
N CYS A 445 -3.78 -1.58 -22.55
CA CYS A 445 -3.72 -2.86 -21.84
C CYS A 445 -4.98 -3.70 -22.05
N SER A 446 -4.96 -4.89 -21.46
CA SER A 446 -6.14 -5.75 -21.34
C SER A 446 -6.52 -5.85 -19.85
N ASN A 447 -7.34 -6.84 -19.48
CA ASN A 447 -7.77 -7.00 -18.09
C ASN A 447 -6.98 -8.07 -17.35
N LEU A 448 -7.52 -8.51 -16.21
CA LEU A 448 -6.91 -9.54 -15.38
C LEU A 448 -6.84 -10.88 -16.10
N CYS A 449 -7.84 -11.16 -16.94
CA CYS A 449 -7.97 -12.48 -17.58
C CYS A 449 -7.75 -12.46 -19.08
N THR A 450 -7.32 -11.30 -19.58
CA THR A 450 -6.80 -11.15 -20.94
C THR A 450 -7.83 -11.31 -22.05
N GLU A 451 -9.11 -11.28 -21.73
CA GLU A 451 -10.13 -11.38 -22.77
C GLU A 451 -10.64 -10.01 -23.21
N ILE A 452 -10.45 -9.00 -22.36
CA ILE A 452 -10.99 -7.65 -22.61
C ILE A 452 -9.98 -6.71 -23.24
N VAL A 453 -10.33 -6.18 -24.40
CA VAL A 453 -9.53 -5.16 -25.08
C VAL A 453 -10.38 -3.90 -25.21
N GLU A 454 -10.19 -2.96 -24.29
CA GLU A 454 -10.98 -1.72 -24.22
C GLU A 454 -10.08 -0.53 -23.89
N TYR A 455 -10.50 0.63 -24.40
CA TYR A 455 -9.78 1.90 -24.26
C TYR A 455 -9.82 2.43 -22.83
N THR A 456 -8.69 3.00 -22.41
CA THR A 456 -8.56 3.68 -21.12
C THR A 456 -7.81 5.00 -21.32
N SER A 457 -8.04 5.97 -20.43
CA SER A 457 -7.35 7.25 -20.41
C SER A 457 -7.50 7.86 -19.01
N LYS A 458 -6.91 9.04 -18.81
CA LYS A 458 -7.09 9.82 -17.59
C LYS A 458 -8.56 9.88 -17.14
N ASP A 459 -9.45 10.04 -18.12
CA ASP A 459 -10.86 10.33 -17.88
C ASP A 459 -11.79 9.09 -17.90
N GLU A 460 -11.23 7.93 -18.22
CA GLU A 460 -12.01 6.74 -18.48
C GLU A 460 -11.33 5.49 -17.97
N VAL A 461 -12.02 4.78 -17.10
CA VAL A 461 -11.65 3.46 -16.75
C VAL A 461 -12.65 2.52 -17.36
N ALA A 462 -12.16 1.53 -18.06
CA ALA A 462 -13.02 0.61 -18.74
C ALA A 462 -13.56 -0.44 -17.81
N VAL A 463 -14.77 -0.86 -18.09
CA VAL A 463 -15.37 -1.90 -17.31
C VAL A 463 -15.95 -2.92 -18.22
N CYS A 464 -15.91 -4.19 -17.87
CA CYS A 464 -16.82 -4.99 -18.64
C CYS A 464 -17.82 -5.80 -17.92
N ASN A 465 -18.84 -6.07 -18.70
CA ASN A 465 -20.11 -6.53 -18.32
C ASN A 465 -20.26 -7.81 -19.08
N LEU A 466 -20.35 -8.89 -18.36
CA LEU A 466 -20.12 -10.19 -18.89
C LEU A 466 -21.19 -11.22 -18.60
N ALA A 467 -21.33 -12.13 -19.56
CA ALA A 467 -22.17 -13.30 -19.47
C ALA A 467 -21.62 -14.41 -20.35
N SER A 468 -22.07 -15.64 -20.15
CA SER A 468 -21.67 -16.76 -21.01
C SER A 468 -22.81 -17.69 -21.43
N LEU A 469 -22.75 -18.11 -22.70
CA LEU A 469 -23.68 -19.08 -23.25
C LEU A 469 -23.21 -20.49 -22.93
N ALA A 470 -24.12 -21.35 -22.47
CA ALA A 470 -23.78 -22.77 -22.21
C ALA A 470 -23.90 -23.61 -23.49
N LEU A 471 -22.78 -23.80 -24.18
CA LEU A 471 -22.77 -24.34 -25.55
C LEU A 471 -23.23 -25.79 -25.65
N ASN A 472 -23.18 -26.50 -24.54
CA ASN A 472 -23.64 -27.88 -24.46
C ASN A 472 -25.15 -27.96 -24.62
N MET A 473 -25.86 -26.92 -24.18
CA MET A 473 -27.32 -26.87 -24.24
C MET A 473 -27.86 -26.90 -25.66
N TYR A 474 -27.04 -26.47 -26.61
CA TYR A 474 -27.53 -26.25 -27.98
C TYR A 474 -27.34 -27.43 -28.92
N VAL A 475 -26.77 -28.52 -28.39
CA VAL A 475 -26.72 -29.76 -29.16
C VAL A 475 -28.00 -30.56 -28.97
N THR A 476 -28.52 -30.94 -30.12
CA THR A 476 -29.82 -31.53 -30.29
C THR A 476 -29.76 -33.04 -29.99
N SER A 477 -30.91 -33.62 -29.64
CA SER A 477 -31.04 -35.07 -29.43
C SER A 477 -30.66 -35.93 -30.65
N GLU A 478 -30.67 -35.31 -31.84
CA GLU A 478 -30.27 -35.96 -33.08
C GLU A 478 -28.81 -35.68 -33.43
N HIS A 479 -28.01 -35.32 -32.42
CA HIS A 479 -26.60 -34.93 -32.64
C HIS A 479 -26.42 -33.92 -33.79
N THR A 480 -27.29 -32.91 -33.82
CA THR A 480 -27.09 -31.72 -34.65
C THR A 480 -26.99 -30.50 -33.73
N TYR A 481 -26.63 -29.36 -34.30
CA TYR A 481 -26.43 -28.16 -33.50
C TYR A 481 -27.44 -27.06 -33.80
N ASP A 482 -28.15 -26.63 -32.76
CA ASP A 482 -29.20 -25.61 -32.92
C ASP A 482 -28.63 -24.19 -32.93
N PHE A 483 -28.07 -23.78 -34.07
CA PHE A 483 -27.58 -22.41 -34.26
C PHE A 483 -28.72 -21.38 -34.12
N LYS A 484 -29.91 -21.67 -34.64
CA LYS A 484 -31.02 -20.71 -34.55
C LYS A 484 -31.28 -20.35 -33.08
N LYS A 485 -31.29 -21.36 -32.22
CA LYS A 485 -31.58 -21.13 -30.81
C LYS A 485 -30.44 -20.42 -30.09
N LEU A 486 -29.20 -20.67 -30.52
CA LEU A 486 -28.04 -19.99 -29.95
C LEU A 486 -28.09 -18.50 -30.25
N ALA A 487 -28.43 -18.16 -31.50
CA ALA A 487 -28.61 -16.77 -31.91
C ALA A 487 -29.70 -16.10 -31.08
N GLU A 488 -30.81 -16.80 -30.87
CA GLU A 488 -31.96 -16.28 -30.10
C GLU A 488 -31.57 -15.85 -28.70
N VAL A 489 -30.91 -16.77 -27.98
CA VAL A 489 -30.51 -16.55 -26.60
C VAL A 489 -29.50 -15.42 -26.52
N THR A 490 -28.53 -15.43 -27.41
CA THR A 490 -27.56 -14.34 -27.57
C THR A 490 -28.22 -12.96 -27.67
N LYS A 491 -29.30 -12.86 -28.45
CA LYS A 491 -30.03 -11.59 -28.57
C LYS A 491 -30.54 -11.13 -27.19
N VAL A 492 -31.02 -12.07 -26.38
CA VAL A 492 -31.47 -11.78 -25.01
C VAL A 492 -30.33 -11.32 -24.12
N VAL A 493 -29.17 -11.97 -24.28
CA VAL A 493 -28.01 -11.68 -23.45
C VAL A 493 -27.51 -10.26 -23.73
N VAL A 494 -27.43 -9.89 -25.00
CA VAL A 494 -27.07 -8.53 -25.39
C VAL A 494 -27.97 -7.51 -24.69
N ARG A 495 -29.28 -7.72 -24.76
CA ARG A 495 -30.22 -6.80 -24.13
C ARG A 495 -30.08 -6.76 -22.59
N ASN A 496 -29.83 -7.91 -21.98
CA ASN A 496 -29.56 -7.96 -20.54
C ASN A 496 -28.33 -7.18 -20.14
N LEU A 497 -27.27 -7.31 -20.92
CA LEU A 497 -26.01 -6.66 -20.61
C LEU A 497 -26.06 -5.13 -20.82
N ASN A 498 -26.83 -4.69 -21.82
CA ASN A 498 -27.14 -3.27 -22.02
C ASN A 498 -27.91 -2.63 -20.89
N LYS A 499 -28.90 -3.35 -20.38
CA LYS A 499 -29.60 -2.91 -19.19
C LYS A 499 -28.65 -2.79 -18.02
N ILE A 500 -27.76 -3.77 -17.87
CA ILE A 500 -26.78 -3.77 -16.79
C ILE A 500 -25.90 -2.52 -16.80
N ILE A 501 -25.49 -2.07 -17.99
CA ILE A 501 -24.69 -0.84 -18.14
C ILE A 501 -25.34 0.35 -17.45
N ASP A 502 -26.66 0.48 -17.58
CA ASP A 502 -27.39 1.64 -17.07
C ASP A 502 -27.75 1.61 -15.60
N ILE A 503 -27.86 0.40 -15.04
CA ILE A 503 -28.25 0.21 -13.65
C ILE A 503 -27.06 -0.06 -12.72
N ASN A 504 -25.88 -0.28 -13.30
CA ASN A 504 -24.67 -0.60 -12.55
C ASN A 504 -24.27 0.44 -11.49
N TYR A 505 -23.87 -0.03 -10.31
CA TYR A 505 -23.18 0.79 -9.33
C TYR A 505 -21.72 0.84 -9.74
N TYR A 506 -21.23 2.04 -10.06
CA TYR A 506 -19.85 2.23 -10.48
C TYR A 506 -18.98 2.72 -9.32
N PRO A 507 -17.81 2.09 -9.13
CA PRO A 507 -16.98 2.46 -7.95
C PRO A 507 -16.30 3.82 -8.11
N VAL A 508 -15.99 4.21 -9.35
CA VAL A 508 -15.44 5.53 -9.65
C VAL A 508 -16.16 6.19 -10.86
N PRO A 509 -16.33 7.53 -10.84
CA PRO A 509 -16.99 8.22 -11.95
C PRO A 509 -16.39 7.95 -13.35
N GLU A 510 -15.09 7.71 -13.42
CA GLU A 510 -14.42 7.43 -14.69
C GLU A 510 -14.87 6.12 -15.35
N ALA A 511 -15.24 5.13 -14.52
CA ALA A 511 -15.79 3.86 -14.99
C ALA A 511 -17.20 4.04 -15.58
N CYS A 512 -17.99 4.87 -14.92
CA CYS A 512 -19.33 5.19 -15.38
C CYS A 512 -19.28 5.89 -16.75
N LEU A 513 -18.39 6.87 -16.87
CA LEU A 513 -18.23 7.67 -18.07
C LEU A 513 -17.89 6.78 -19.25
N SER A 514 -16.88 5.93 -19.04
CA SER A 514 -16.39 5.01 -20.04
C SER A 514 -17.50 4.10 -20.59
N ASN A 515 -18.25 3.49 -19.67
CA ASN A 515 -19.28 2.51 -20.03
C ASN A 515 -20.48 3.12 -20.76
N LYS A 516 -20.80 4.37 -20.43
CA LYS A 516 -21.93 5.08 -21.02
C LYS A 516 -21.57 5.70 -22.38
N ARG A 517 -20.30 6.04 -22.57
CA ARG A 517 -19.83 6.53 -23.87
C ARG A 517 -19.77 5.46 -24.95
N HIS A 518 -19.21 4.29 -24.63
CA HIS A 518 -18.88 3.28 -25.64
C HIS A 518 -19.74 2.01 -25.52
N ARG A 519 -20.35 1.79 -24.35
CA ARG A 519 -21.19 0.62 -24.09
C ARG A 519 -20.58 -0.70 -24.54
N PRO A 520 -19.35 -1.02 -24.09
CA PRO A 520 -18.86 -2.32 -24.53
C PRO A 520 -19.53 -3.42 -23.73
N ILE A 521 -19.68 -4.60 -24.31
CA ILE A 521 -20.07 -5.79 -23.55
C ILE A 521 -19.17 -6.97 -23.89
N GLY A 522 -19.23 -8.01 -23.08
CA GLY A 522 -18.44 -9.18 -23.33
C GLY A 522 -19.28 -10.41 -23.13
N ILE A 523 -19.69 -11.02 -24.23
CA ILE A 523 -20.43 -12.28 -24.16
C ILE A 523 -19.42 -13.39 -24.44
N GLY A 524 -19.37 -14.35 -23.52
CA GLY A 524 -18.47 -15.48 -23.62
C GLY A 524 -19.24 -16.79 -23.69
N VAL A 525 -18.53 -17.89 -23.45
CA VAL A 525 -19.10 -19.22 -23.57
C VAL A 525 -18.57 -20.14 -22.46
N GLN A 526 -19.22 -21.28 -22.28
CA GLN A 526 -18.69 -22.41 -21.51
C GLN A 526 -19.16 -23.71 -22.13
N GLY A 527 -18.51 -24.81 -21.75
CA GLY A 527 -18.89 -26.13 -22.23
C GLY A 527 -18.68 -26.41 -23.70
N LEU A 528 -17.75 -25.67 -24.32
CA LEU A 528 -17.36 -25.97 -25.70
C LEU A 528 -16.84 -27.41 -25.84
N ALA A 529 -16.01 -27.84 -24.88
CA ALA A 529 -15.50 -29.21 -24.86
C ALA A 529 -16.64 -30.21 -24.78
N ASP A 530 -17.64 -29.88 -23.97
CA ASP A 530 -18.85 -30.70 -23.82
C ASP A 530 -19.70 -30.75 -25.09
N ALA A 531 -19.73 -29.67 -25.86
CA ALA A 531 -20.52 -29.63 -27.09
C ALA A 531 -19.91 -30.55 -28.14
N PHE A 532 -18.58 -30.57 -28.20
CA PHE A 532 -17.86 -31.47 -29.10
C PHE A 532 -18.12 -32.90 -28.71
N ILE A 533 -17.95 -33.21 -27.42
CA ILE A 533 -18.19 -34.55 -26.92
C ILE A 533 -19.64 -35.01 -27.19
N LEU A 534 -20.62 -34.16 -26.86
CA LEU A 534 -22.02 -34.50 -27.13
C LEU A 534 -22.31 -34.74 -28.61
N MET A 535 -21.53 -34.11 -29.51
CA MET A 535 -21.68 -34.28 -30.96
C MET A 535 -20.82 -35.45 -31.44
N ARG A 536 -20.08 -36.06 -30.51
CA ARG A 536 -19.15 -37.16 -30.80
C ARG A 536 -17.92 -36.72 -31.59
N TYR A 537 -17.50 -35.48 -31.38
CA TYR A 537 -16.40 -34.86 -32.15
C TYR A 537 -15.12 -34.75 -31.33
N PRO A 538 -14.03 -35.39 -31.78
CA PRO A 538 -12.74 -35.10 -31.16
C PRO A 538 -12.42 -33.62 -31.29
N PHE A 539 -11.79 -33.05 -30.25
CA PHE A 539 -11.49 -31.62 -30.23
C PHE A 539 -10.81 -31.09 -31.50
N GLU A 540 -9.88 -31.87 -32.06
CA GLU A 540 -9.05 -31.44 -33.19
C GLU A 540 -9.61 -31.86 -34.55
N SER A 541 -10.70 -32.63 -34.55
CA SER A 541 -11.31 -33.11 -35.80
C SER A 541 -11.79 -31.96 -36.71
N ALA A 542 -11.89 -32.24 -38.00
CA ALA A 542 -12.41 -31.30 -38.99
C ALA A 542 -13.85 -30.88 -38.67
N GLU A 543 -14.64 -31.82 -38.15
CA GLU A 543 -16.02 -31.54 -37.71
C GLU A 543 -16.06 -30.56 -36.54
N ALA A 544 -15.12 -30.71 -35.60
CA ALA A 544 -15.00 -29.80 -34.46
C ALA A 544 -14.50 -28.44 -34.92
N GLN A 545 -13.50 -28.43 -35.80
CA GLN A 545 -12.97 -27.17 -36.33
C GLN A 545 -14.01 -26.32 -37.03
N LEU A 546 -14.89 -26.95 -37.81
CA LEU A 546 -15.99 -26.26 -38.49
C LEU A 546 -17.10 -25.82 -37.53
N LEU A 547 -17.53 -26.70 -36.63
CA LEU A 547 -18.56 -26.32 -35.65
C LEU A 547 -18.06 -25.15 -34.81
N ASN A 548 -16.78 -25.21 -34.42
CA ASN A 548 -16.11 -24.08 -33.76
C ASN A 548 -16.28 -22.74 -34.53
N LYS A 549 -15.95 -22.70 -35.81
CA LYS A 549 -16.23 -21.50 -36.62
C LYS A 549 -17.72 -21.10 -36.58
N GLN A 550 -18.58 -22.09 -36.80
CA GLN A 550 -20.02 -21.88 -36.94
C GLN A 550 -20.68 -21.36 -35.68
N ILE A 551 -20.32 -21.95 -34.52
CA ILE A 551 -20.79 -21.49 -33.21
C ILE A 551 -20.49 -20.00 -33.00
N PHE A 552 -19.26 -19.60 -33.29
CA PHE A 552 -18.85 -18.20 -33.07
C PHE A 552 -19.36 -17.21 -34.14
N GLU A 553 -19.43 -17.65 -35.39
CA GLU A 553 -20.15 -16.87 -36.43
C GLU A 553 -21.55 -16.54 -35.90
N THR A 554 -22.18 -17.53 -35.27
CA THR A 554 -23.57 -17.45 -34.80
C THR A 554 -23.73 -16.47 -33.64
N ILE A 555 -22.82 -16.57 -32.67
CA ILE A 555 -22.83 -15.68 -31.52
C ILE A 555 -22.62 -14.21 -31.94
N TYR A 556 -21.63 -13.97 -32.79
CA TYR A 556 -21.38 -12.63 -33.32
C TYR A 556 -22.59 -12.11 -34.10
N TYR A 557 -23.16 -12.96 -34.95
CA TYR A 557 -24.32 -12.58 -35.76
C TYR A 557 -25.53 -12.18 -34.92
N GLY A 558 -25.87 -13.00 -33.93
CA GLY A 558 -27.01 -12.73 -33.06
C GLY A 558 -26.76 -11.50 -32.21
N ALA A 559 -25.58 -11.42 -31.62
CA ALA A 559 -25.18 -10.23 -30.85
C ALA A 559 -25.31 -8.93 -31.68
N LEU A 560 -24.70 -8.89 -32.86
CA LEU A 560 -24.78 -7.70 -33.74
C LEU A 560 -26.21 -7.36 -34.12
N GLU A 561 -27.02 -8.38 -34.33
CA GLU A 561 -28.41 -8.20 -34.71
C GLU A 561 -29.23 -7.57 -33.56
N ALA A 562 -28.96 -8.00 -32.32
CA ALA A 562 -29.64 -7.41 -31.16
C ALA A 562 -29.13 -6.01 -30.89
N SER A 563 -27.81 -5.83 -30.96
CA SER A 563 -27.22 -4.53 -30.77
C SER A 563 -27.72 -3.52 -31.81
N CYS A 564 -27.93 -3.98 -33.03
CA CYS A 564 -28.50 -3.17 -34.10
C CYS A 564 -29.97 -2.79 -33.85
N ASP A 565 -30.76 -3.74 -33.37
CA ASP A 565 -32.15 -3.49 -32.96
C ASP A 565 -32.21 -2.44 -31.83
N LEU A 566 -31.31 -2.56 -30.87
CA LEU A 566 -31.20 -1.58 -29.79
C LEU A 566 -30.83 -0.19 -30.30
N ALA A 567 -29.91 -0.13 -31.27
CA ALA A 567 -29.51 1.15 -31.86
C ALA A 567 -30.67 1.82 -32.57
N LYS A 568 -31.56 1.03 -33.14
CA LYS A 568 -32.76 1.54 -33.73
C LYS A 568 -33.74 2.06 -32.71
N GLU A 569 -33.87 1.40 -31.58
CA GLU A 569 -34.83 1.81 -30.54
C GLU A 569 -34.31 2.98 -29.71
N GLN A 570 -33.01 3.13 -29.64
CA GLN A 570 -32.40 3.99 -28.66
C GLN A 570 -31.25 4.83 -29.17
N GLY A 571 -30.92 4.69 -30.44
CA GLY A 571 -29.80 5.38 -31.06
C GLY A 571 -28.47 4.69 -30.77
N PRO A 572 -27.50 4.81 -31.71
CA PRO A 572 -26.17 4.21 -31.54
C PRO A 572 -25.44 4.80 -30.34
N TYR A 573 -24.33 4.19 -29.92
CA TYR A 573 -23.57 4.71 -28.80
C TYR A 573 -22.84 5.99 -29.22
N GLU A 574 -22.54 6.83 -28.24
CA GLU A 574 -22.05 8.21 -28.47
C GLU A 574 -20.87 8.32 -29.42
N THR A 575 -20.05 7.28 -29.41
CA THR A 575 -18.72 7.32 -29.97
C THR A 575 -18.65 6.47 -31.26
N TYR A 576 -19.83 6.05 -31.72
CA TYR A 576 -19.99 5.11 -32.84
C TYR A 576 -19.42 5.60 -34.17
N GLU A 577 -19.63 6.88 -34.47
CA GLU A 577 -19.27 7.40 -35.78
C GLU A 577 -17.75 7.53 -35.91
N GLY A 578 -17.18 6.92 -36.93
CA GLY A 578 -15.76 6.91 -37.08
C GLY A 578 -15.16 5.55 -36.83
N SER A 579 -15.90 4.73 -36.11
CA SER A 579 -15.48 3.39 -35.76
C SER A 579 -15.49 2.52 -36.98
N PRO A 580 -14.74 1.44 -36.92
CA PRO A 580 -14.66 0.50 -38.01
C PRO A 580 -15.98 -0.10 -38.42
N VAL A 581 -16.88 -0.35 -37.50
CA VAL A 581 -18.16 -0.85 -37.93
C VAL A 581 -19.08 0.19 -38.56
N SER A 582 -18.84 1.48 -38.32
CA SER A 582 -19.61 2.51 -38.99
C SER A 582 -19.19 2.67 -40.43
N LYS A 583 -18.04 2.13 -40.76
CA LYS A 583 -17.57 2.10 -42.10
C LYS A 583 -17.81 0.78 -42.74
N GLY A 584 -18.66 -0.03 -42.13
CA GLY A 584 -19.00 -1.31 -42.69
C GLY A 584 -17.99 -2.42 -42.55
N ILE A 585 -17.06 -2.25 -41.63
CA ILE A 585 -16.04 -3.26 -41.36
C ILE A 585 -16.39 -3.96 -40.06
N LEU A 586 -16.74 -5.25 -40.17
CA LEU A 586 -17.00 -6.06 -38.98
C LEU A 586 -15.71 -6.78 -38.66
N GLN A 587 -15.66 -7.49 -37.53
CA GLN A 587 -14.42 -8.04 -37.00
C GLN A 587 -13.70 -8.98 -37.98
N TYR A 588 -14.46 -9.88 -38.60
CA TYR A 588 -13.89 -10.85 -39.53
C TYR A 588 -13.26 -10.21 -40.78
N ASP A 589 -13.78 -9.04 -41.21
CA ASP A 589 -13.16 -8.27 -42.29
C ASP A 589 -11.73 -7.86 -41.91
N MET A 590 -11.55 -7.55 -40.62
CA MET A 590 -10.26 -7.15 -40.09
C MET A 590 -9.24 -8.30 -40.05
N TRP A 591 -9.73 -9.54 -40.11
CA TRP A 591 -8.88 -10.72 -40.13
C TRP A 591 -8.70 -11.26 -41.55
N ASN A 592 -9.42 -10.66 -42.49
CA ASN A 592 -9.48 -11.12 -43.88
C ASN A 592 -10.12 -12.49 -44.05
N VAL A 593 -11.15 -12.72 -43.26
CA VAL A 593 -11.88 -13.99 -43.27
C VAL A 593 -13.23 -13.78 -43.91
N THR A 594 -13.63 -14.76 -44.72
CA THR A 594 -14.96 -14.80 -45.27
C THR A 594 -15.74 -15.85 -44.48
N PRO A 595 -16.86 -15.43 -43.86
CA PRO A 595 -17.64 -16.36 -43.07
C PRO A 595 -18.20 -17.49 -43.94
N THR A 596 -18.59 -18.58 -43.30
CA THR A 596 -19.29 -19.68 -43.98
C THR A 596 -20.66 -19.16 -44.47
N ASP A 597 -21.39 -20.00 -45.20
CA ASP A 597 -22.69 -19.58 -45.75
C ASP A 597 -23.85 -19.69 -44.75
N LEU A 598 -23.56 -20.09 -43.51
CA LEU A 598 -24.57 -20.30 -42.47
C LEU A 598 -25.48 -19.09 -42.20
N TRP A 599 -24.90 -17.90 -42.12
CA TRP A 599 -25.62 -16.67 -41.81
C TRP A 599 -25.48 -15.65 -42.92
N ASP A 600 -26.54 -14.88 -43.13
CA ASP A 600 -26.62 -13.85 -44.16
C ASP A 600 -26.02 -12.52 -43.68
N TRP A 601 -24.71 -12.37 -43.86
CA TRP A 601 -24.00 -11.17 -43.41
C TRP A 601 -24.29 -9.92 -44.25
N LYS A 602 -24.69 -10.12 -45.52
CA LYS A 602 -25.04 -9.00 -46.40
C LYS A 602 -26.25 -8.26 -45.86
N VAL A 603 -27.29 -9.01 -45.52
CA VAL A 603 -28.51 -8.41 -44.95
C VAL A 603 -28.24 -7.71 -43.59
N LEU A 604 -27.42 -8.33 -42.74
CA LEU A 604 -27.09 -7.72 -41.46
C LEU A 604 -26.30 -6.42 -41.60
N LYS A 605 -25.29 -6.40 -42.47
CA LYS A 605 -24.54 -5.19 -42.76
C LYS A 605 -25.44 -4.04 -43.26
N GLU A 606 -26.48 -4.38 -44.00
CA GLU A 606 -27.49 -3.40 -44.45
C GLU A 606 -28.23 -2.79 -43.27
N LYS A 607 -28.58 -3.62 -42.29
CA LYS A 607 -29.24 -3.14 -41.10
C LYS A 607 -28.34 -2.23 -40.28
N ILE A 608 -27.08 -2.63 -40.08
CA ILE A 608 -26.11 -1.82 -39.33
C ILE A 608 -25.82 -0.51 -40.07
N ALA A 609 -25.63 -0.58 -41.38
CA ALA A 609 -25.40 0.63 -42.17
C ALA A 609 -26.52 1.66 -42.00
N LYS A 610 -27.75 1.19 -41.77
CA LYS A 610 -28.91 2.09 -41.63
C LYS A 610 -29.15 2.58 -40.21
N TYR A 611 -28.92 1.72 -39.21
CA TYR A 611 -29.21 2.04 -37.80
C TYR A 611 -27.98 2.10 -36.90
N GLY A 612 -26.92 1.39 -37.30
CA GLY A 612 -25.73 1.31 -36.49
C GLY A 612 -25.95 0.34 -35.35
N ILE A 613 -25.09 0.42 -34.33
CA ILE A 613 -25.18 -0.50 -33.21
C ILE A 613 -25.11 0.23 -31.87
N ARG A 614 -25.70 -0.36 -30.85
CA ARG A 614 -25.77 0.18 -29.50
C ARG A 614 -24.50 -0.08 -28.66
N ASN A 615 -23.68 -1.03 -29.08
CA ASN A 615 -22.52 -1.45 -28.29
C ASN A 615 -21.26 -1.54 -29.13
N SER A 616 -20.19 -0.92 -28.64
CA SER A 616 -18.94 -0.80 -29.39
C SER A 616 -18.23 -2.12 -29.53
N LEU A 617 -18.45 -3.01 -28.55
CA LEU A 617 -17.83 -4.32 -28.49
C LEU A 617 -18.81 -5.31 -27.85
N LEU A 618 -18.72 -6.57 -28.26
CA LEU A 618 -19.76 -7.55 -27.94
C LEU A 618 -19.31 -8.86 -27.31
N ILE A 619 -18.17 -9.39 -27.78
CA ILE A 619 -17.80 -10.77 -27.54
C ILE A 619 -16.42 -10.83 -26.90
N ALA A 620 -16.30 -11.60 -25.82
CA ALA A 620 -15.04 -11.74 -25.09
C ALA A 620 -15.03 -13.00 -24.23
N PRO A 621 -14.75 -14.17 -24.83
CA PRO A 621 -14.70 -15.40 -24.05
C PRO A 621 -13.73 -15.38 -22.85
N MET A 622 -14.32 -15.23 -21.67
CA MET A 622 -13.65 -15.19 -20.36
C MET A 622 -13.54 -16.58 -19.75
N PRO A 623 -12.69 -16.75 -18.72
CA PRO A 623 -12.44 -18.04 -18.09
C PRO A 623 -13.65 -18.74 -17.47
N THR A 624 -14.67 -18.01 -17.00
CA THR A 624 -15.88 -18.64 -16.42
C THR A 624 -15.62 -19.68 -15.32
N ALA A 625 -14.62 -19.47 -14.47
CA ALA A 625 -14.25 -20.50 -13.49
C ALA A 625 -15.43 -20.92 -12.61
N SER A 626 -16.05 -19.96 -11.94
CA SER A 626 -17.08 -20.23 -10.95
C SER A 626 -18.45 -20.60 -11.51
N THR A 627 -18.91 -19.91 -12.55
CA THR A 627 -20.22 -20.22 -13.11
C THR A 627 -20.24 -21.54 -13.89
N ALA A 628 -19.10 -21.93 -14.46
CA ALA A 628 -18.98 -23.23 -15.13
C ALA A 628 -19.07 -24.36 -14.12
N GLN A 629 -18.46 -24.16 -12.95
CA GLN A 629 -18.57 -25.15 -11.87
C GLN A 629 -20.01 -25.31 -11.39
N ILE A 630 -20.78 -24.23 -11.40
CA ILE A 630 -22.20 -24.27 -11.08
C ILE A 630 -22.99 -25.10 -12.09
N LEU A 631 -22.77 -24.83 -13.38
CA LEU A 631 -23.55 -25.47 -14.44
C LEU A 631 -23.05 -26.86 -14.85
N GLY A 632 -21.90 -27.26 -14.31
CA GLY A 632 -21.33 -28.58 -14.58
C GLY A 632 -20.72 -28.71 -15.96
N ASN A 633 -20.33 -27.58 -16.56
CA ASN A 633 -19.62 -27.56 -17.84
C ASN A 633 -18.13 -27.35 -17.66
N ASN A 634 -17.35 -27.81 -18.64
CA ASN A 634 -15.95 -27.43 -18.71
C ASN A 634 -15.86 -25.94 -19.05
N GLU A 635 -14.87 -25.26 -18.48
CA GLU A 635 -14.76 -23.81 -18.66
C GLU A 635 -14.44 -23.42 -20.08
N SER A 636 -15.16 -22.39 -20.53
CA SER A 636 -14.78 -21.57 -21.66
C SER A 636 -14.62 -22.38 -22.95
N ILE A 637 -13.52 -22.14 -23.65
CA ILE A 637 -13.22 -22.76 -24.92
C ILE A 637 -12.21 -23.90 -24.76
N GLU A 638 -11.83 -24.21 -23.53
CA GLU A 638 -10.75 -25.17 -23.34
C GLU A 638 -11.15 -26.66 -23.26
N PRO A 639 -10.28 -27.56 -23.77
CA PRO A 639 -10.52 -29.00 -23.63
C PRO A 639 -10.53 -29.44 -22.17
N TYR A 640 -11.02 -30.66 -21.92
CA TYR A 640 -10.84 -31.28 -20.62
C TYR A 640 -9.35 -31.43 -20.36
N THR A 641 -8.89 -30.90 -19.23
CA THR A 641 -7.46 -30.94 -18.94
C THR A 641 -7.06 -32.31 -18.37
N SER A 642 -8.06 -33.01 -17.84
CA SER A 642 -7.91 -34.36 -17.31
C SER A 642 -9.26 -35.06 -17.37
N ASN A 643 -9.23 -36.39 -17.48
CA ASN A 643 -10.45 -37.18 -17.39
C ASN A 643 -10.83 -37.53 -15.95
N ILE A 644 -9.87 -37.42 -15.02
CA ILE A 644 -10.16 -37.53 -13.58
C ILE A 644 -9.56 -36.39 -12.77
N TYR A 645 -10.40 -35.78 -11.94
CA TYR A 645 -10.03 -34.61 -11.16
C TYR A 645 -10.78 -34.68 -9.84
N THR A 646 -10.35 -33.89 -8.86
CA THR A 646 -10.99 -33.88 -7.54
C THR A 646 -11.63 -32.52 -7.26
N ARG A 647 -12.74 -32.55 -6.53
CA ARG A 647 -13.35 -31.34 -6.01
C ARG A 647 -13.44 -31.44 -4.50
N ARG A 648 -13.15 -30.33 -3.81
CA ARG A 648 -13.37 -30.25 -2.36
C ARG A 648 -14.68 -29.52 -2.08
N VAL A 649 -15.45 -30.10 -1.15
CA VAL A 649 -16.64 -29.47 -0.61
C VAL A 649 -16.47 -29.45 0.91
N LEU A 650 -16.04 -28.30 1.43
CA LEU A 650 -15.71 -28.10 2.84
C LEU A 650 -14.69 -29.14 3.35
N SER A 651 -15.09 -30.03 4.25
CA SER A 651 -14.19 -31.07 4.77
C SER A 651 -14.19 -32.37 3.93
N GLY A 652 -14.83 -32.33 2.77
CA GLY A 652 -14.93 -33.52 1.93
C GLY A 652 -14.19 -33.39 0.62
N GLU A 653 -13.50 -34.47 0.24
CA GLU A 653 -12.88 -34.55 -1.08
C GLU A 653 -13.61 -35.60 -1.92
N PHE A 654 -13.77 -35.31 -3.22
CA PHE A 654 -14.49 -36.18 -4.15
C PHE A 654 -13.73 -36.35 -5.46
N GLN A 655 -13.54 -37.60 -5.88
CA GLN A 655 -12.94 -37.93 -7.16
C GLN A 655 -14.03 -37.84 -8.21
N ILE A 656 -13.76 -37.11 -9.28
CA ILE A 656 -14.74 -36.97 -10.35
C ILE A 656 -14.11 -37.34 -11.69
N VAL A 657 -14.74 -38.28 -12.39
CA VAL A 657 -14.34 -38.59 -13.75
C VAL A 657 -15.19 -37.83 -14.78
N ASN A 658 -14.56 -37.41 -15.87
CA ASN A 658 -15.25 -36.84 -17.02
C ASN A 658 -16.56 -37.61 -17.23
N PRO A 659 -17.71 -36.93 -17.03
CA PRO A 659 -19.01 -37.62 -16.95
C PRO A 659 -19.39 -38.31 -18.24
N HIS A 660 -19.02 -37.71 -19.37
CA HIS A 660 -19.23 -38.32 -20.68
C HIS A 660 -18.45 -39.62 -20.79
N LEU A 661 -17.17 -39.56 -20.40
CA LEU A 661 -16.32 -40.73 -20.43
C LEU A 661 -16.88 -41.83 -19.55
N LEU A 662 -17.24 -41.48 -18.31
CA LEU A 662 -17.73 -42.48 -17.36
C LEU A 662 -19.00 -43.18 -17.87
N LYS A 663 -19.85 -42.42 -18.58
CA LYS A 663 -21.02 -42.99 -19.23
C LYS A 663 -20.66 -43.96 -20.35
N ASP A 664 -19.70 -43.57 -21.19
CA ASP A 664 -19.20 -44.43 -22.26
C ASP A 664 -18.57 -45.72 -21.72
N LEU A 665 -17.78 -45.60 -20.65
CA LEU A 665 -17.05 -46.76 -20.10
C LEU A 665 -17.93 -47.73 -19.32
N THR A 666 -18.83 -47.20 -18.49
CA THR A 666 -19.78 -48.04 -17.73
C THR A 666 -20.71 -48.81 -18.67
N GLU A 667 -21.27 -48.10 -19.65
CA GLU A 667 -22.15 -48.69 -20.68
C GLU A 667 -21.48 -49.84 -21.47
N ARG A 668 -20.16 -49.81 -21.59
CA ARG A 668 -19.44 -50.88 -22.29
C ARG A 668 -18.88 -51.95 -21.34
N GLY A 669 -19.28 -51.90 -20.07
CA GLY A 669 -18.81 -52.85 -19.07
C GLY A 669 -17.30 -52.81 -18.89
N LEU A 670 -16.73 -51.62 -19.06
CA LEU A 670 -15.29 -51.38 -18.95
C LEU A 670 -14.86 -50.81 -17.60
N TRP A 671 -15.78 -50.15 -16.90
CA TRP A 671 -15.46 -49.45 -15.65
C TRP A 671 -15.32 -50.34 -14.44
N HIS A 672 -14.16 -50.27 -13.80
CA HIS A 672 -13.89 -50.90 -12.50
C HIS A 672 -12.76 -50.14 -11.79
N GLU A 673 -12.45 -50.55 -10.56
CA GLU A 673 -11.56 -49.77 -9.71
C GLU A 673 -10.09 -49.72 -10.17
N GLU A 674 -9.57 -50.85 -10.66
CA GLU A 674 -8.20 -50.90 -11.20
C GLU A 674 -8.09 -50.08 -12.51
N MET A 675 -9.24 -49.86 -13.14
CA MET A 675 -9.35 -49.05 -14.34
C MET A 675 -9.20 -47.56 -14.02
N LYS A 676 -9.95 -47.14 -13.01
CA LYS A 676 -9.88 -45.80 -12.42
C LYS A 676 -8.45 -45.48 -11.99
N ASN A 677 -7.83 -46.39 -11.25
CA ASN A 677 -6.47 -46.23 -10.76
C ASN A 677 -5.40 -46.23 -11.87
N GLN A 678 -5.66 -46.96 -12.94
CA GLN A 678 -4.80 -46.93 -14.12
C GLN A 678 -4.80 -45.53 -14.77
N ILE A 679 -5.98 -44.93 -14.88
CA ILE A 679 -6.14 -43.60 -15.48
C ILE A 679 -5.54 -42.49 -14.59
N ILE A 680 -5.69 -42.64 -13.28
CA ILE A 680 -5.05 -41.76 -12.30
C ILE A 680 -3.54 -41.85 -12.41
N ALA A 681 -3.03 -43.06 -12.63
CA ALA A 681 -1.59 -43.27 -12.82
C ALA A 681 -1.09 -42.65 -14.12
N CYS A 682 -1.99 -42.37 -15.04
CA CYS A 682 -1.60 -41.81 -16.34
C CYS A 682 -1.90 -40.33 -16.43
N ASN A 683 -1.87 -39.65 -15.29
CA ASN A 683 -2.23 -38.24 -15.20
C ASN A 683 -3.56 -37.94 -15.90
N GLY A 684 -4.56 -38.77 -15.62
CA GLY A 684 -5.91 -38.57 -16.15
C GLY A 684 -6.09 -38.89 -17.62
N SER A 685 -5.11 -39.57 -18.21
CA SER A 685 -5.19 -39.96 -19.62
C SER A 685 -5.74 -41.37 -19.79
N ILE A 686 -6.31 -41.65 -20.96
CA ILE A 686 -6.80 -43.00 -21.30
C ILE A 686 -6.12 -43.58 -22.54
N GLN A 687 -5.14 -42.87 -23.08
CA GLN A 687 -4.49 -43.30 -24.33
C GLN A 687 -3.77 -44.66 -24.21
N SER A 688 -3.28 -44.99 -23.02
CA SER A 688 -2.52 -46.23 -22.85
C SER A 688 -3.33 -47.42 -22.30
N ILE A 689 -4.66 -47.27 -22.18
CA ILE A 689 -5.52 -48.37 -21.71
C ILE A 689 -5.96 -49.28 -22.86
N PRO A 690 -5.48 -50.53 -22.88
CA PRO A 690 -5.71 -51.42 -24.03
C PRO A 690 -7.18 -51.77 -24.31
N GLU A 691 -8.00 -51.87 -23.28
CA GLU A 691 -9.39 -52.33 -23.46
C GLU A 691 -10.36 -51.25 -23.94
N ILE A 692 -9.84 -50.06 -24.22
CA ILE A 692 -10.67 -48.92 -24.60
C ILE A 692 -10.60 -48.69 -26.11
N PRO A 693 -11.77 -48.61 -26.77
CA PRO A 693 -11.83 -48.39 -28.21
C PRO A 693 -11.16 -47.08 -28.64
N ASP A 694 -10.45 -47.13 -29.77
CA ASP A 694 -9.76 -45.95 -30.30
C ASP A 694 -10.68 -44.75 -30.51
N ASP A 695 -11.93 -45.02 -30.88
CA ASP A 695 -12.98 -44.00 -31.00
C ASP A 695 -13.04 -43.16 -29.74
N LEU A 696 -13.16 -43.84 -28.60
CA LEU A 696 -13.24 -43.19 -27.29
C LEU A 696 -11.94 -42.50 -26.89
N LYS A 697 -10.80 -43.13 -27.17
CA LYS A 697 -9.48 -42.52 -26.95
C LYS A 697 -9.30 -41.20 -27.70
N GLN A 698 -9.81 -41.15 -28.94
CA GLN A 698 -9.75 -39.95 -29.75
C GLN A 698 -10.61 -38.81 -29.18
N LEU A 699 -11.74 -39.18 -28.57
CA LEU A 699 -12.72 -38.22 -28.11
C LEU A 699 -12.32 -37.62 -26.76
N TYR A 700 -11.65 -38.43 -25.94
CA TYR A 700 -11.28 -38.03 -24.60
C TYR A 700 -9.76 -37.87 -24.44
N LYS A 701 -9.12 -37.32 -25.48
CA LYS A 701 -7.77 -36.81 -25.34
C LYS A 701 -7.82 -35.68 -24.33
N THR A 702 -6.79 -35.60 -23.47
CA THR A 702 -6.69 -34.47 -22.57
C THR A 702 -6.02 -33.31 -23.32
N VAL A 703 -6.08 -32.13 -22.73
CA VAL A 703 -5.42 -30.95 -23.29
C VAL A 703 -3.91 -31.14 -23.52
N TRP A 704 -3.29 -32.02 -22.72
CA TRP A 704 -1.87 -32.34 -22.88
C TRP A 704 -1.61 -33.23 -24.09
N GLU A 705 -2.65 -33.93 -24.55
CA GLU A 705 -2.53 -34.80 -25.71
C GLU A 705 -3.00 -34.11 -26.99
N ILE A 706 -3.61 -32.95 -26.85
CA ILE A 706 -4.09 -32.17 -27.98
C ILE A 706 -3.00 -31.21 -28.44
N SER A 707 -2.78 -31.17 -29.75
CA SER A 707 -1.81 -30.26 -30.35
C SER A 707 -2.12 -28.82 -29.96
N GLN A 708 -1.12 -28.13 -29.40
CA GLN A 708 -1.29 -26.75 -28.94
C GLN A 708 -1.36 -25.74 -30.10
N LYS A 709 -0.76 -26.08 -31.24
CA LYS A 709 -0.89 -25.28 -32.45
C LYS A 709 -2.31 -25.35 -33.01
N THR A 710 -2.93 -26.52 -32.87
CA THR A 710 -4.32 -26.71 -33.25
C THR A 710 -5.24 -25.83 -32.38
N VAL A 711 -4.97 -25.83 -31.08
CA VAL A 711 -5.67 -24.97 -30.12
C VAL A 711 -5.52 -23.50 -30.51
N LEU A 712 -4.30 -23.09 -30.86
CA LEU A 712 -4.02 -21.73 -31.30
C LEU A 712 -4.74 -21.37 -32.60
N LYS A 713 -4.81 -22.33 -33.52
CA LYS A 713 -5.41 -22.14 -34.84
C LYS A 713 -6.94 -22.06 -34.71
N MET A 714 -7.51 -22.90 -33.86
CA MET A 714 -8.93 -22.84 -33.58
C MET A 714 -9.31 -21.55 -32.86
N ALA A 715 -8.43 -21.05 -32.00
CA ALA A 715 -8.57 -19.73 -31.38
C ALA A 715 -8.56 -18.62 -32.43
N ALA A 716 -7.64 -18.72 -33.39
CA ALA A 716 -7.53 -17.75 -34.47
C ALA A 716 -8.79 -17.74 -35.33
N GLU A 717 -9.34 -18.91 -35.61
CA GLU A 717 -10.48 -19.04 -36.53
C GLU A 717 -11.81 -18.52 -35.94
N ARG A 718 -12.06 -18.84 -34.67
CA ARG A 718 -13.20 -18.26 -33.93
C ARG A 718 -12.93 -16.80 -33.60
N GLY A 719 -11.65 -16.44 -33.56
CA GLY A 719 -11.21 -15.09 -33.17
C GLY A 719 -11.60 -14.01 -34.16
N ALA A 720 -11.82 -14.41 -35.42
CA ALA A 720 -12.26 -13.50 -36.48
C ALA A 720 -13.70 -13.04 -36.24
N PHE A 721 -14.38 -13.73 -35.33
CA PHE A 721 -15.78 -13.42 -34.98
C PHE A 721 -15.84 -13.03 -33.52
N ILE A 722 -14.66 -12.82 -32.94
CA ILE A 722 -14.57 -12.33 -31.56
C ILE A 722 -14.11 -10.87 -31.56
N ASP A 723 -14.98 -10.06 -30.97
CA ASP A 723 -14.88 -8.62 -30.90
C ASP A 723 -13.71 -8.14 -30.08
N GLN A 724 -13.49 -8.80 -28.94
CA GLN A 724 -12.41 -8.46 -28.05
C GLN A 724 -11.35 -9.55 -28.21
N SER A 725 -10.98 -10.23 -27.12
CA SER A 725 -10.05 -11.34 -27.18
C SER A 725 -10.62 -12.54 -26.43
N GLN A 726 -9.79 -13.53 -26.13
CA GLN A 726 -10.21 -14.74 -25.41
C GLN A 726 -9.14 -15.20 -24.46
N SER A 727 -9.56 -15.67 -23.29
CA SER A 727 -8.64 -16.14 -22.25
C SER A 727 -8.08 -17.49 -22.67
N LEU A 728 -6.84 -17.50 -23.14
CA LEU A 728 -6.29 -18.67 -23.81
C LEU A 728 -5.07 -19.24 -23.07
N ASN A 729 -5.25 -20.37 -22.41
CA ASN A 729 -4.15 -21.05 -21.74
C ASN A 729 -3.43 -21.97 -22.68
N ILE A 730 -2.10 -22.04 -22.52
CA ILE A 730 -1.26 -23.01 -23.22
C ILE A 730 -0.78 -24.11 -22.28
N HIS A 731 -0.84 -25.36 -22.76
CA HIS A 731 -0.55 -26.53 -21.95
C HIS A 731 0.53 -27.35 -22.60
N ILE A 732 1.75 -27.28 -22.05
CA ILE A 732 2.87 -28.08 -22.57
C ILE A 732 3.44 -28.95 -21.45
N ALA A 733 3.30 -30.25 -21.59
CA ALA A 733 3.65 -31.21 -20.54
C ALA A 733 5.15 -31.22 -20.24
N GLU A 734 5.96 -31.56 -21.24
CA GLU A 734 7.42 -31.55 -21.12
C GLU A 734 7.99 -30.37 -21.91
N PRO A 735 8.14 -29.20 -21.24
CA PRO A 735 8.39 -27.93 -21.90
C PRO A 735 9.86 -27.63 -22.09
N ASN A 736 10.32 -27.65 -23.33
CA ASN A 736 11.62 -27.11 -23.63
C ASN A 736 11.39 -25.68 -24.13
N TYR A 737 12.43 -24.85 -24.13
CA TYR A 737 12.26 -23.45 -24.50
C TYR A 737 11.91 -23.28 -25.98
N GLY A 738 12.42 -24.19 -26.81
CA GLY A 738 12.11 -24.21 -28.25
C GLY A 738 10.64 -24.45 -28.55
N LYS A 739 10.01 -25.36 -27.80
CA LYS A 739 8.60 -25.69 -27.99
C LYS A 739 7.71 -24.49 -27.66
N LEU A 740 8.04 -23.79 -26.57
CA LEU A 740 7.31 -22.62 -26.12
C LEU A 740 7.47 -21.44 -27.08
N THR A 741 8.70 -21.25 -27.53
CA THR A 741 9.05 -20.20 -28.48
C THR A 741 8.27 -20.35 -29.77
N SER A 742 8.15 -21.59 -30.24
CA SER A 742 7.43 -21.83 -31.49
C SER A 742 5.92 -21.73 -31.29
N MET A 743 5.43 -21.88 -30.06
CA MET A 743 4.01 -21.67 -29.77
C MET A 743 3.63 -20.17 -29.68
N HIS A 744 4.44 -19.35 -29.02
CA HIS A 744 4.27 -17.89 -29.03
C HIS A 744 4.29 -17.33 -30.45
N PHE A 745 5.29 -17.72 -31.24
CA PHE A 745 5.43 -17.22 -32.61
C PHE A 745 4.33 -17.70 -33.56
N TYR A 746 3.87 -18.93 -33.39
CA TYR A 746 2.75 -19.42 -34.19
C TYR A 746 1.47 -18.64 -33.87
N GLY A 747 1.17 -18.47 -32.58
CA GLY A 747 0.00 -17.72 -32.13
C GLY A 747 0.04 -16.25 -32.55
N TRP A 748 1.23 -15.66 -32.48
CA TRP A 748 1.47 -14.30 -32.95
C TRP A 748 1.15 -14.16 -34.44
N LYS A 749 1.75 -15.04 -35.25
CA LYS A 749 1.57 -15.02 -36.68
C LYS A 749 0.14 -15.34 -37.13
N GLN A 750 -0.58 -16.11 -36.31
CA GLN A 750 -2.01 -16.40 -36.56
C GLN A 750 -2.94 -15.18 -36.38
N GLY A 751 -2.42 -14.10 -35.80
CA GLY A 751 -3.16 -12.85 -35.65
C GLY A 751 -3.85 -12.71 -34.32
N LEU A 752 -3.49 -13.59 -33.38
CA LEU A 752 -4.10 -13.63 -32.05
C LEU A 752 -3.79 -12.37 -31.24
N LYS A 753 -4.84 -11.84 -30.61
CA LYS A 753 -4.73 -10.69 -29.71
C LYS A 753 -4.10 -11.09 -28.38
N THR A 754 -4.59 -12.18 -27.79
CA THR A 754 -3.96 -12.82 -26.63
C THR A 754 -3.27 -14.09 -27.10
N GLY A 755 -1.94 -14.06 -27.13
CA GLY A 755 -1.16 -15.24 -27.49
C GLY A 755 -1.16 -16.28 -26.40
N MET A 756 -1.20 -15.82 -25.15
CA MET A 756 -1.22 -16.71 -24.00
C MET A 756 -1.73 -16.01 -22.75
N TYR A 757 -2.68 -16.65 -22.08
CA TYR A 757 -3.05 -16.33 -20.70
C TYR A 757 -2.01 -16.99 -19.79
N TYR A 758 -2.27 -18.20 -19.29
CA TYR A 758 -1.31 -18.95 -18.46
C TYR A 758 -0.63 -20.08 -19.24
N LEU A 759 0.65 -20.30 -18.96
CA LEU A 759 1.34 -21.49 -19.40
C LEU A 759 1.17 -22.53 -18.28
N ARG A 760 0.68 -23.71 -18.62
CA ARG A 760 0.68 -24.83 -17.67
C ARG A 760 1.67 -25.88 -18.13
N THR A 761 2.43 -26.39 -17.16
CA THR A 761 3.54 -27.31 -17.43
C THR A 761 3.35 -28.66 -16.71
N ARG A 762 2.47 -28.67 -15.70
CA ARG A 762 2.04 -29.91 -15.05
C ARG A 762 1.02 -29.67 -13.95
N MET B 21 51.79 8.23 -10.48
CA MET B 21 50.47 8.53 -9.88
C MET B 21 50.13 10.02 -9.94
N HIS B 22 48.86 10.30 -10.24
CA HIS B 22 48.38 11.67 -10.44
C HIS B 22 47.13 11.96 -9.62
N VAL B 23 47.11 13.13 -9.00
CA VAL B 23 45.87 13.65 -8.42
C VAL B 23 45.21 14.57 -9.44
N ILE B 24 43.88 14.63 -9.37
CA ILE B 24 43.14 15.61 -10.16
C ILE B 24 42.83 16.79 -9.25
N LYS B 25 43.48 17.92 -9.54
CA LYS B 25 43.29 19.15 -8.76
C LYS B 25 41.90 19.74 -8.96
N ARG B 26 41.48 20.64 -8.09
CA ARG B 26 40.15 21.29 -8.19
C ARG B 26 39.91 21.91 -9.57
N ASP B 27 40.95 22.54 -10.12
CA ASP B 27 40.88 23.13 -11.45
C ASP B 27 40.84 22.08 -12.56
N GLY B 28 40.71 20.81 -12.17
CA GLY B 28 40.70 19.68 -13.10
C GLY B 28 42.06 19.31 -13.69
N ARG B 29 43.12 20.00 -13.27
CA ARG B 29 44.48 19.72 -13.77
C ARG B 29 45.15 18.56 -13.05
N GLN B 30 45.97 17.83 -13.81
CA GLN B 30 46.64 16.63 -13.34
C GLN B 30 47.96 16.98 -12.67
N GLU B 31 48.14 16.50 -11.44
CA GLU B 31 49.35 16.75 -10.65
C GLU B 31 49.99 15.46 -10.13
N ARG B 32 51.32 15.38 -10.20
CA ARG B 32 52.08 14.25 -9.68
C ARG B 32 51.92 14.13 -8.17
N VAL B 33 51.60 12.93 -7.69
CA VAL B 33 51.52 12.68 -6.24
C VAL B 33 52.93 12.71 -5.64
N MET B 34 53.17 13.66 -4.74
CA MET B 34 54.49 13.85 -4.14
C MET B 34 54.43 13.86 -2.62
N PHE B 35 55.28 13.01 -2.01
CA PHE B 35 55.37 12.87 -0.56
C PHE B 35 55.56 14.22 0.13
N ASP B 36 56.53 14.99 -0.35
CA ASP B 36 56.91 16.27 0.24
C ASP B 36 55.80 17.31 0.23
N LYS B 37 55.04 17.39 -0.86
CA LYS B 37 53.98 18.40 -1.00
C LYS B 37 52.77 18.08 -0.14
N ILE B 38 52.38 16.81 -0.13
CA ILE B 38 51.28 16.35 0.74
C ILE B 38 51.64 16.59 2.20
N THR B 39 52.83 16.15 2.60
CA THR B 39 53.37 16.41 3.94
C THR B 39 53.40 17.91 4.23
N SER B 40 53.85 18.67 3.23
CA SER B 40 53.94 20.12 3.32
C SER B 40 52.60 20.79 3.65
N ARG B 41 51.54 20.39 2.95
CA ARG B 41 50.20 20.94 3.20
C ARG B 41 49.74 20.65 4.63
N ILE B 42 50.00 19.42 5.09
CA ILE B 42 49.62 18.99 6.44
C ILE B 42 50.40 19.81 7.47
N GLN B 43 51.68 20.04 7.19
CA GLN B 43 52.57 20.83 8.06
C GLN B 43 52.02 22.24 8.36
N LYS B 44 51.50 22.91 7.34
CA LYS B 44 51.02 24.28 7.47
C LYS B 44 49.81 24.41 8.42
N LEU B 45 49.18 23.28 8.72
CA LEU B 45 48.01 23.23 9.62
C LEU B 45 48.36 22.77 11.04
N CYS B 46 49.66 22.74 11.36
CA CYS B 46 50.14 22.20 12.64
C CYS B 46 50.46 23.25 13.71
N TYR B 47 50.12 24.52 13.45
CA TYR B 47 50.35 25.62 14.40
C TYR B 47 49.74 25.35 15.77
N GLY B 48 50.57 25.36 16.80
CA GLY B 48 50.11 25.15 18.17
C GLY B 48 49.96 23.69 18.57
N LEU B 49 50.37 22.78 17.69
CA LEU B 49 50.22 21.35 17.97
C LEU B 49 51.53 20.74 18.46
N ASN B 50 51.41 19.66 19.24
CA ASN B 50 52.56 19.01 19.85
C ASN B 50 53.34 18.20 18.82
N MET B 51 54.41 18.80 18.31
CA MET B 51 55.19 18.21 17.22
C MET B 51 56.16 17.12 17.68
N ASP B 52 56.29 16.96 19.00
CA ASP B 52 57.02 15.84 19.58
C ASP B 52 56.29 14.52 19.32
N PHE B 53 54.97 14.59 19.11
CA PHE B 53 54.16 13.39 18.87
C PHE B 53 53.37 13.40 17.55
N VAL B 54 52.93 14.59 17.14
CA VAL B 54 52.28 14.77 15.83
C VAL B 54 53.33 14.89 14.72
N ASP B 55 53.27 13.97 13.76
CA ASP B 55 54.19 13.91 12.63
C ASP B 55 53.40 13.92 11.32
N PRO B 56 53.40 15.06 10.59
CA PRO B 56 52.74 15.17 9.28
C PRO B 56 53.07 14.02 8.31
N ALA B 57 54.35 13.68 8.20
CA ALA B 57 54.81 12.60 7.31
C ALA B 57 54.20 11.22 7.63
N GLN B 58 53.73 11.04 8.87
CA GLN B 58 53.03 9.82 9.28
C GLN B 58 51.71 9.60 8.54
N ILE B 59 50.99 10.69 8.34
CA ILE B 59 49.73 10.70 7.62
C ILE B 59 49.97 10.46 6.12
N THR B 60 50.86 11.24 5.55
CA THR B 60 51.25 11.13 4.15
C THR B 60 51.59 9.68 3.78
N MET B 61 52.23 9.00 4.72
CA MET B 61 52.69 7.63 4.58
C MET B 61 51.55 6.63 4.40
N LYS B 62 50.54 6.76 5.24
CA LYS B 62 49.37 5.89 5.20
C LYS B 62 48.43 6.24 4.04
N VAL B 63 48.37 7.52 3.67
CA VAL B 63 47.54 8.00 2.55
C VAL B 63 48.06 7.47 1.21
N ILE B 64 49.35 7.66 0.96
CA ILE B 64 49.98 7.22 -0.30
C ILE B 64 49.88 5.70 -0.50
N GLN B 65 49.80 4.94 0.60
CA GLN B 65 49.68 3.48 0.55
C GLN B 65 48.49 3.02 -0.31
N GLY B 66 47.28 3.25 0.19
CA GLY B 66 46.06 2.94 -0.55
C GLY B 66 45.58 4.17 -1.29
N LEU B 67 46.16 4.37 -2.48
CA LEU B 67 45.94 5.58 -3.28
C LEU B 67 46.13 5.23 -4.75
N TYR B 68 45.07 5.36 -5.55
CA TYR B 68 45.15 5.07 -6.99
C TYR B 68 45.03 6.35 -7.81
N SER B 69 45.76 6.43 -8.93
CA SER B 69 45.73 7.65 -9.75
C SER B 69 44.39 7.83 -10.48
N GLY B 70 43.82 9.02 -10.32
CA GLY B 70 42.46 9.33 -10.78
C GLY B 70 41.67 9.91 -9.61
N VAL B 71 42.31 9.87 -8.45
CA VAL B 71 41.79 10.43 -7.21
C VAL B 71 41.80 11.96 -7.34
N THR B 72 40.77 12.62 -6.79
CA THR B 72 40.74 14.08 -6.76
C THR B 72 41.36 14.58 -5.46
N THR B 73 41.81 15.83 -5.43
CA THR B 73 42.35 16.42 -4.21
C THR B 73 41.34 16.47 -3.08
N VAL B 74 40.05 16.64 -3.42
CA VAL B 74 39.01 16.58 -2.38
C VAL B 74 38.94 15.18 -1.76
N GLU B 75 39.09 14.15 -2.59
CA GLU B 75 39.17 12.77 -2.11
C GLU B 75 40.44 12.55 -1.27
N LEU B 76 41.56 13.04 -1.79
CA LEU B 76 42.85 13.00 -1.09
C LEU B 76 42.75 13.64 0.29
N ASP B 77 42.17 14.84 0.35
CA ASP B 77 42.00 15.57 1.61
C ASP B 77 41.15 14.78 2.59
N THR B 78 40.06 14.20 2.08
CA THR B 78 39.13 13.40 2.88
C THR B 78 39.85 12.21 3.49
N LEU B 79 40.64 11.52 2.66
CA LEU B 79 41.46 10.40 3.08
C LEU B 79 42.44 10.82 4.17
N ALA B 80 43.16 11.93 3.93
CA ALA B 80 44.14 12.45 4.86
C ALA B 80 43.51 12.85 6.21
N ALA B 81 42.32 13.46 6.16
CA ALA B 81 41.58 13.78 7.39
C ALA B 81 41.16 12.52 8.15
N GLU B 82 40.65 11.53 7.43
CA GLU B 82 40.22 10.27 8.03
C GLU B 82 41.41 9.47 8.59
N THR B 83 42.58 9.62 7.97
CA THR B 83 43.81 8.97 8.42
C THR B 83 44.37 9.64 9.68
N ALA B 84 44.47 10.97 9.65
CA ALA B 84 44.85 11.75 10.84
C ALA B 84 44.02 11.39 12.08
N ALA B 85 42.73 11.09 11.87
CA ALA B 85 41.80 10.79 12.96
C ALA B 85 41.94 9.37 13.52
N THR B 86 42.50 8.45 12.75
CA THR B 86 42.80 7.12 13.32
C THR B 86 44.07 7.18 14.16
N LEU B 87 44.85 8.24 14.00
CA LEU B 87 46.07 8.46 14.76
C LEU B 87 45.82 9.26 16.05
N THR B 88 44.54 9.48 16.36
CA THR B 88 44.13 10.08 17.64
C THR B 88 44.61 9.25 18.82
N THR B 89 44.67 7.93 18.61
CA THR B 89 45.13 7.01 19.63
C THR B 89 46.67 7.04 19.80
N LYS B 90 47.36 7.85 19.00
CA LYS B 90 48.79 8.08 19.19
C LYS B 90 49.02 9.41 19.93
N HIS B 91 48.22 10.42 19.59
CA HIS B 91 48.20 11.69 20.31
C HIS B 91 46.91 12.43 19.94
N PRO B 92 46.23 13.04 20.93
CA PRO B 92 44.94 13.69 20.66
C PRO B 92 45.02 14.87 19.68
N ASP B 93 46.19 15.49 19.53
CA ASP B 93 46.35 16.62 18.60
C ASP B 93 46.13 16.21 17.15
N TYR B 94 46.35 14.93 16.86
CA TYR B 94 45.98 14.33 15.57
C TYR B 94 44.50 14.50 15.20
N ALA B 95 43.62 14.45 16.19
CA ALA B 95 42.19 14.64 15.94
C ALA B 95 41.89 16.09 15.55
N ILE B 96 42.60 17.02 16.17
CA ILE B 96 42.52 18.45 15.83
C ILE B 96 43.03 18.66 14.40
N LEU B 97 44.20 18.10 14.11
CA LEU B 97 44.77 18.16 12.76
C LEU B 97 43.85 17.60 11.69
N ALA B 98 43.20 16.47 11.98
CA ALA B 98 42.21 15.90 11.08
C ALA B 98 41.07 16.89 10.74
N ALA B 99 40.58 17.60 11.76
CA ALA B 99 39.54 18.63 11.56
C ALA B 99 40.10 19.80 10.74
N ARG B 100 41.32 20.22 11.08
CA ARG B 100 42.05 21.25 10.32
C ARG B 100 42.14 20.93 8.81
N ILE B 101 42.45 19.68 8.47
CA ILE B 101 42.46 19.23 7.07
C ILE B 101 41.06 19.27 6.43
N ALA B 102 40.06 18.73 7.13
CA ALA B 102 38.67 18.76 6.68
C ALA B 102 38.18 20.20 6.43
N VAL B 103 38.43 21.08 7.39
CA VAL B 103 37.99 22.49 7.32
C VAL B 103 38.70 23.24 6.18
N SER B 104 40.00 22.96 6.04
CA SER B 104 40.79 23.48 4.95
C SER B 104 40.09 23.17 3.63
N ASN B 105 39.64 21.92 3.49
CA ASN B 105 38.87 21.50 2.32
C ASN B 105 37.53 22.21 2.24
N LEU B 106 36.84 22.30 3.36
CA LEU B 106 35.55 22.99 3.42
C LEU B 106 35.65 24.45 3.00
N HIS B 107 36.72 25.13 3.42
CA HIS B 107 36.94 26.51 2.98
C HIS B 107 37.12 26.64 1.47
N LYS B 108 37.84 25.70 0.87
CA LYS B 108 38.04 25.69 -0.58
C LYS B 108 36.73 25.41 -1.32
N GLU B 109 35.79 24.75 -0.64
CA GLU B 109 34.50 24.39 -1.24
C GLU B 109 33.35 25.33 -0.85
N THR B 110 33.69 26.45 -0.21
CA THR B 110 32.69 27.38 0.33
C THR B 110 32.97 28.82 -0.10
N LYS B 111 31.56 28.23 -5.77
CA LYS B 111 31.50 29.68 -6.07
C LYS B 111 31.40 30.47 -4.77
N LYS B 112 32.04 31.65 -4.75
CA LYS B 112 32.11 32.46 -3.53
C LYS B 112 30.89 33.33 -3.24
N VAL B 113 30.19 33.81 -4.27
CA VAL B 113 29.05 34.72 -4.04
C VAL B 113 27.70 34.00 -3.97
N PHE B 114 26.94 34.31 -2.91
CA PHE B 114 25.66 33.68 -2.62
C PHE B 114 24.64 33.77 -3.76
N SER B 115 24.40 34.98 -4.26
CA SER B 115 23.41 35.19 -5.32
C SER B 115 23.76 34.42 -6.59
N ASP B 116 25.06 34.22 -6.83
CA ASP B 116 25.56 33.42 -7.95
C ASP B 116 25.09 31.98 -7.88
N VAL B 117 25.29 31.35 -6.73
CA VAL B 117 24.85 29.97 -6.49
C VAL B 117 23.33 29.85 -6.63
N MET B 118 22.58 30.79 -6.07
CA MET B 118 21.13 30.82 -6.21
C MET B 118 20.67 30.85 -7.66
N GLU B 119 21.43 31.52 -8.53
CA GLU B 119 21.14 31.55 -9.96
C GLU B 119 21.43 30.21 -10.60
N ASP B 120 22.59 29.63 -10.30
CA ASP B 120 22.99 28.29 -10.73
C ASP B 120 21.98 27.22 -10.32
N LEU B 121 21.49 27.31 -9.08
CA LEU B 121 20.47 26.38 -8.59
C LEU B 121 19.15 26.56 -9.33
N TYR B 122 18.73 27.80 -9.53
CA TYR B 122 17.51 28.08 -10.28
C TYR B 122 17.59 27.70 -11.75
N ASN B 123 18.74 27.95 -12.38
CA ASN B 123 18.88 27.72 -13.82
C ASN B 123 19.14 26.26 -14.19
N TYR B 124 19.12 25.37 -13.20
CA TYR B 124 19.44 23.96 -13.39
C TYR B 124 18.54 23.24 -14.39
N ILE B 125 19.17 22.53 -15.32
CA ILE B 125 18.50 21.73 -16.35
C ILE B 125 18.93 20.27 -16.16
N ASN B 126 17.95 19.39 -15.89
CA ASN B 126 18.22 17.96 -15.74
C ASN B 126 18.81 17.41 -17.04
N PRO B 127 19.94 16.69 -16.94
CA PRO B 127 20.70 16.30 -18.15
C PRO B 127 20.06 15.19 -19.00
N HIS B 128 19.48 14.19 -18.33
CA HIS B 128 18.82 13.08 -19.02
C HIS B 128 17.31 13.30 -19.26
N ASN B 129 16.83 14.49 -18.90
CA ASN B 129 15.44 14.89 -19.16
C ASN B 129 15.38 16.12 -20.08
N GLY B 130 16.40 16.97 -19.98
CA GLY B 130 16.46 18.22 -20.76
C GLY B 130 15.59 19.33 -20.20
N LYS B 131 14.86 19.02 -19.13
CA LYS B 131 13.85 19.93 -18.56
C LYS B 131 14.44 20.89 -17.53
N HIS B 132 14.00 22.15 -17.62
CA HIS B 132 14.34 23.19 -16.65
C HIS B 132 13.72 22.82 -15.30
N SER B 133 14.58 22.49 -14.35
CA SER B 133 14.15 22.00 -13.04
C SER B 133 14.77 22.84 -11.91
N PRO B 134 14.24 24.07 -11.69
CA PRO B 134 14.82 24.97 -10.69
C PRO B 134 14.93 24.28 -9.34
N MET B 135 16.05 24.47 -8.68
CA MET B 135 16.29 23.90 -7.34
C MET B 135 15.93 24.89 -6.24
N VAL B 136 15.72 26.15 -6.61
CA VAL B 136 15.15 27.16 -5.71
C VAL B 136 13.95 27.82 -6.38
N ALA B 137 13.05 28.38 -5.57
CA ALA B 137 11.85 29.07 -6.08
C ALA B 137 12.20 30.38 -6.80
N LYS B 138 11.44 30.75 -7.83
CA LYS B 138 11.67 32.01 -8.54
C LYS B 138 11.53 33.23 -7.62
N SER B 139 10.52 33.21 -6.75
CA SER B 139 10.24 34.33 -5.84
C SER B 139 11.35 34.54 -4.81
N THR B 140 12.08 33.48 -4.47
CA THR B 140 13.26 33.57 -3.61
C THR B 140 14.42 34.20 -4.39
N LEU B 141 14.71 33.66 -5.56
CA LEU B 141 15.71 34.22 -6.46
C LEU B 141 15.47 35.72 -6.65
N ASP B 142 14.22 36.09 -6.95
CA ASP B 142 13.85 37.49 -7.20
C ASP B 142 14.20 38.40 -6.02
N ILE B 143 13.81 37.98 -4.82
CA ILE B 143 14.16 38.70 -3.59
C ILE B 143 15.68 38.79 -3.41
N VAL B 144 16.37 37.67 -3.64
CA VAL B 144 17.82 37.63 -3.56
C VAL B 144 18.48 38.61 -4.52
N LEU B 145 18.08 38.57 -5.80
CA LEU B 145 18.62 39.45 -6.84
C LEU B 145 18.32 40.94 -6.60
N ALA B 146 17.14 41.23 -6.05
CA ALA B 146 16.77 42.60 -5.70
C ALA B 146 17.61 43.15 -4.55
N ASN B 147 18.19 42.25 -3.76
CA ASN B 147 18.97 42.61 -2.57
C ASN B 147 20.35 41.93 -2.54
N LYS B 148 20.91 41.72 -3.73
CA LYS B 148 22.23 41.13 -3.95
C LYS B 148 23.29 41.61 -2.96
N ASP B 149 23.53 42.93 -2.99
CA ASP B 149 24.66 43.56 -2.32
C ASP B 149 24.66 43.33 -0.81
N ARG B 150 23.58 43.72 -0.16
CA ARG B 150 23.39 43.53 1.28
C ARG B 150 23.50 42.06 1.68
N LEU B 151 22.86 41.18 0.91
CA LEU B 151 22.81 39.74 1.20
C LEU B 151 24.16 39.01 1.02
N ASN B 152 24.84 39.31 -0.08
CA ASN B 152 26.11 38.69 -0.40
C ASN B 152 27.21 39.03 0.57
N SER B 153 27.18 40.26 1.08
CA SER B 153 28.24 40.75 1.94
C SER B 153 27.94 40.56 3.43
N ALA B 154 26.71 40.16 3.75
CA ALA B 154 26.32 39.83 5.13
C ALA B 154 26.88 38.47 5.53
N ILE B 155 27.24 37.67 4.54
CA ILE B 155 27.70 36.30 4.77
C ILE B 155 29.15 36.23 5.27
N ILE B 156 29.35 35.50 6.36
CA ILE B 156 30.69 35.31 6.93
C ILE B 156 31.17 33.89 6.69
N TYR B 157 32.05 33.72 5.71
CA TYR B 157 32.50 32.40 5.27
C TYR B 157 33.43 31.71 6.26
N ASP B 158 34.01 32.49 7.17
CA ASP B 158 34.82 31.93 8.26
C ASP B 158 33.96 31.09 9.21
N ARG B 159 32.64 31.27 9.12
CA ARG B 159 31.71 30.49 9.94
C ARG B 159 31.58 29.05 9.46
N ASP B 160 31.95 28.80 8.20
CA ASP B 160 32.01 27.44 7.65
C ASP B 160 33.03 26.58 8.37
N PHE B 161 34.01 27.22 9.01
CA PHE B 161 35.09 26.54 9.70
C PHE B 161 34.77 26.25 11.16
N SER B 162 33.54 26.51 11.59
CA SER B 162 33.16 26.33 12.98
C SER B 162 32.69 24.92 13.33
N TYR B 163 32.41 24.11 12.31
CA TYR B 163 31.98 22.72 12.47
C TYR B 163 33.11 21.73 12.82
N ASN B 164 32.71 20.56 13.31
CA ASN B 164 33.62 19.40 13.39
C ASN B 164 33.36 18.46 12.19
N TYR B 165 34.26 17.53 11.96
CA TYR B 165 34.21 16.64 10.78
C TYR B 165 32.85 15.98 10.56
N PHE B 166 32.31 15.39 11.63
CA PHE B 166 31.10 14.58 11.55
C PHE B 166 29.85 15.42 11.33
N GLY B 167 29.85 16.65 11.85
CA GLY B 167 28.82 17.61 11.52
C GLY B 167 28.86 18.01 10.06
N PHE B 168 30.09 18.25 9.55
CA PHE B 168 30.25 18.66 8.17
C PHE B 168 29.79 17.57 7.21
N LYS B 169 30.15 16.33 7.52
CA LYS B 169 29.79 15.22 6.65
C LYS B 169 28.28 14.99 6.57
N THR B 170 27.57 15.18 7.69
CA THR B 170 26.10 15.16 7.71
C THR B 170 25.52 16.24 6.79
N LEU B 171 26.03 17.46 6.91
CA LEU B 171 25.64 18.56 6.02
C LEU B 171 25.92 18.23 4.57
N GLU B 172 27.10 17.67 4.31
CA GLU B 172 27.56 17.41 2.96
C GLU B 172 26.74 16.32 2.24
N ARG B 173 26.37 15.28 2.98
CA ARG B 173 25.57 14.19 2.42
C ARG B 173 24.15 14.62 2.02
N SER B 174 23.51 15.46 2.83
CA SER B 174 22.07 15.72 2.63
C SER B 174 21.62 17.18 2.48
N TYR B 175 22.39 18.11 3.03
CA TYR B 175 21.89 19.47 3.27
C TYR B 175 22.40 20.55 2.32
N LEU B 176 23.51 20.28 1.64
CA LEU B 176 24.03 21.25 0.68
C LEU B 176 23.58 20.86 -0.72
N LEU B 177 22.79 21.74 -1.35
CA LEU B 177 22.22 21.44 -2.66
C LEU B 177 23.30 21.16 -3.68
N LYS B 178 23.14 20.04 -4.38
CA LYS B 178 24.13 19.56 -5.34
C LYS B 178 23.68 19.83 -6.76
N ILE B 179 24.61 20.30 -7.58
CA ILE B 179 24.43 20.37 -9.02
C ILE B 179 25.12 19.14 -9.62
N ASN B 180 24.35 18.29 -10.31
CA ASN B 180 24.85 17.05 -10.90
C ASN B 180 25.83 16.24 -10.05
N GLY B 181 25.44 15.95 -8.82
CA GLY B 181 26.27 15.18 -7.90
C GLY B 181 27.44 15.93 -7.29
N LYS B 182 27.61 17.19 -7.66
CA LYS B 182 28.64 18.06 -7.09
C LYS B 182 28.03 19.14 -6.20
N VAL B 183 28.52 19.23 -4.96
CA VAL B 183 28.05 20.24 -4.01
C VAL B 183 28.27 21.67 -4.52
N ALA B 184 27.18 22.43 -4.59
CA ALA B 184 27.23 23.80 -5.07
C ALA B 184 27.10 24.82 -3.94
N GLU B 185 26.46 24.41 -2.83
CA GLU B 185 26.24 25.31 -1.71
C GLU B 185 27.26 25.14 -0.61
N ARG B 186 27.87 26.26 -0.22
CA ARG B 186 28.58 26.34 1.04
C ARG B 186 27.55 26.33 2.17
N PRO B 187 27.93 25.81 3.37
CA PRO B 187 27.04 25.89 4.52
C PRO B 187 26.41 27.28 4.72
N GLN B 188 27.18 28.34 4.49
CA GLN B 188 26.66 29.71 4.63
C GLN B 188 25.59 30.05 3.58
N HIS B 189 25.74 29.50 2.38
CA HIS B 189 24.78 29.67 1.30
C HIS B 189 23.43 29.03 1.65
N MET B 190 23.50 27.83 2.18
CA MET B 190 22.34 27.10 2.64
C MET B 190 21.58 27.89 3.73
N LEU B 191 22.33 28.49 4.65
CA LEU B 191 21.78 29.19 5.79
C LEU B 191 21.08 30.49 5.36
N MET B 192 21.70 31.19 4.41
CA MET B 192 21.10 32.39 3.88
C MET B 192 19.86 32.05 3.05
N ARG B 193 19.91 30.92 2.34
CA ARG B 193 18.76 30.45 1.58
C ARG B 193 17.56 30.22 2.51
N VAL B 194 17.78 29.47 3.58
CA VAL B 194 16.77 29.24 4.60
C VAL B 194 16.21 30.58 5.11
N SER B 195 17.12 31.50 5.46
CA SER B 195 16.75 32.82 6.01
C SER B 195 15.86 33.66 5.10
N VAL B 196 16.23 33.72 3.81
CA VAL B 196 15.42 34.42 2.81
C VAL B 196 14.13 33.63 2.58
N GLY B 197 14.24 32.30 2.59
CA GLY B 197 13.10 31.40 2.46
C GLY B 197 12.02 31.62 3.50
N ILE B 198 12.45 32.01 4.71
CA ILE B 198 11.54 32.30 5.82
C ILE B 198 11.03 33.73 5.82
N HIS B 199 11.92 34.70 5.56
CA HIS B 199 11.62 36.14 5.76
C HIS B 199 11.31 36.97 4.50
N LYS B 200 11.58 36.39 3.34
CA LYS B 200 11.46 37.09 2.07
C LYS B 200 11.83 38.57 2.17
N GLU B 201 10.91 39.48 1.85
CA GLU B 201 11.33 40.87 1.66
C GLU B 201 11.90 41.53 2.93
N ASP B 202 11.64 40.94 4.09
CA ASP B 202 12.21 41.47 5.34
C ASP B 202 13.67 41.08 5.51
N ILE B 203 14.52 41.78 4.75
CA ILE B 203 15.96 41.56 4.71
C ILE B 203 16.64 41.78 6.06
N ASP B 204 16.12 42.71 6.87
CA ASP B 204 16.57 42.91 8.24
C ASP B 204 16.39 41.63 9.05
N ALA B 205 15.20 41.05 9.01
CA ALA B 205 14.90 39.81 9.72
C ALA B 205 15.68 38.61 9.17
N ALA B 206 15.86 38.54 7.86
CA ALA B 206 16.64 37.47 7.23
C ALA B 206 18.09 37.45 7.71
N ILE B 207 18.68 38.64 7.82
CA ILE B 207 20.08 38.76 8.24
C ILE B 207 20.22 38.45 9.74
N GLU B 208 19.22 38.82 10.53
CA GLU B 208 19.20 38.48 11.94
C GLU B 208 19.13 36.97 12.14
N THR B 209 18.26 36.31 11.39
CA THR B 209 18.18 34.85 11.39
C THR B 209 19.45 34.18 10.85
N TYR B 210 20.02 34.70 9.76
CA TYR B 210 21.25 34.12 9.22
C TYR B 210 22.39 34.17 10.24
N ASN B 211 22.52 35.29 10.94
CA ASN B 211 23.55 35.47 11.96
C ASN B 211 23.40 34.50 13.13
N LEU B 212 22.15 34.32 13.56
CA LEU B 212 21.83 33.40 14.64
C LEU B 212 22.08 31.95 14.26
N LEU B 213 21.73 31.59 13.02
CA LEU B 213 21.94 30.22 12.53
C LEU B 213 23.41 29.89 12.33
N SER B 214 24.15 30.81 11.70
CA SER B 214 25.54 30.62 11.33
C SER B 214 26.47 30.69 12.54
N GLU B 215 26.03 31.39 13.60
CA GLU B 215 26.77 31.42 14.85
C GLU B 215 26.30 30.30 15.80
N ARG B 216 25.33 29.50 15.35
CA ARG B 216 24.98 28.21 15.96
C ARG B 216 24.20 28.31 17.28
N TRP B 217 23.44 29.39 17.44
CA TRP B 217 22.65 29.64 18.65
C TRP B 217 21.41 28.75 18.69
N PHE B 218 20.89 28.43 17.51
CA PHE B 218 19.76 27.54 17.34
C PHE B 218 19.80 26.95 15.92
N THR B 219 18.92 26.00 15.64
CA THR B 219 18.75 25.53 14.28
C THR B 219 17.28 25.22 13.98
N HIS B 220 16.90 25.43 12.72
CA HIS B 220 15.61 24.98 12.25
C HIS B 220 15.67 23.47 12.01
N ALA B 221 14.52 22.82 12.00
CA ALA B 221 14.45 21.38 11.79
C ALA B 221 14.84 21.02 10.35
N SER B 222 15.33 19.80 10.15
CA SER B 222 15.75 19.31 8.82
C SER B 222 14.83 19.71 7.66
N PRO B 223 13.51 19.41 7.76
CA PRO B 223 12.54 19.84 6.72
C PRO B 223 12.73 21.28 6.26
N THR B 224 12.91 22.20 7.21
CA THR B 224 13.11 23.61 6.89
C THR B 224 14.47 23.83 6.24
N LEU B 225 15.51 23.24 6.80
CA LEU B 225 16.85 23.35 6.22
C LEU B 225 16.86 22.85 4.77
N PHE B 226 16.20 21.71 4.52
CA PHE B 226 16.12 21.11 3.19
C PHE B 226 15.44 22.04 2.17
N ASN B 227 14.22 22.51 2.51
CA ASN B 227 13.28 23.02 1.52
C ASN B 227 12.93 24.49 1.58
N ALA B 228 13.43 25.21 2.58
CA ALA B 228 13.22 26.67 2.66
C ALA B 228 13.74 27.33 1.38
N GLY B 229 12.93 28.23 0.84
CA GLY B 229 13.25 28.92 -0.40
C GLY B 229 13.24 28.05 -1.65
N THR B 230 12.59 26.88 -1.55
CA THR B 230 12.36 26.05 -2.72
C THR B 230 10.88 26.07 -3.08
N ASN B 231 10.54 25.46 -4.22
CA ASN B 231 9.18 25.38 -4.73
C ASN B 231 8.32 24.37 -3.95
N ARG B 232 7.05 24.73 -3.74
CA ARG B 232 6.14 23.99 -2.86
C ARG B 232 6.87 23.57 -1.56
N PRO B 233 7.30 24.55 -0.75
CA PRO B 233 8.20 24.24 0.36
C PRO B 233 7.55 23.42 1.49
N GLN B 234 8.14 22.26 1.77
CA GLN B 234 7.76 21.39 2.89
C GLN B 234 8.60 21.74 4.12
N LEU B 235 8.12 22.69 4.91
CA LEU B 235 8.93 23.26 6.00
C LEU B 235 8.66 22.58 7.32
N SER B 236 7.46 22.03 7.43
CA SER B 236 7.09 21.22 8.56
C SER B 236 6.82 19.85 7.96
N SER B 237 7.35 18.81 8.60
CA SER B 237 7.15 17.48 8.07
C SER B 237 6.81 16.42 9.12
N CYS B 238 6.16 16.83 10.21
CA CYS B 238 5.50 15.89 11.12
C CYS B 238 4.03 16.23 11.31
N PHE B 239 3.23 15.18 11.35
CA PHE B 239 1.78 15.31 11.28
C PHE B 239 1.09 14.38 12.27
N LEU B 240 -0.15 14.70 12.62
CA LEU B 240 -0.99 13.78 13.40
C LEU B 240 -2.42 13.68 12.88
N LEU B 241 -2.96 12.46 12.91
CA LEU B 241 -4.29 12.15 12.31
C LEU B 241 -5.09 11.28 13.25
N SER B 242 -6.41 11.47 13.26
CA SER B 242 -7.33 10.54 13.90
C SER B 242 -8.11 9.80 12.83
N MET B 243 -8.32 8.52 13.02
CA MET B 243 -9.16 7.76 12.09
C MET B 243 -10.53 8.46 11.97
N LYS B 244 -10.97 8.68 10.73
CA LYS B 244 -12.19 9.47 10.46
C LYS B 244 -13.41 8.86 11.16
N ASP B 245 -14.02 7.86 10.55
CA ASP B 245 -14.89 6.99 11.32
C ASP B 245 -14.62 5.52 11.07
N ASP B 246 -15.45 4.70 11.69
CA ASP B 246 -15.32 3.27 11.72
C ASP B 246 -16.02 2.65 10.48
N SER B 247 -15.43 2.91 9.31
CA SER B 247 -15.97 2.39 8.05
C SER B 247 -14.86 2.24 7.01
N ILE B 248 -15.08 1.34 6.05
CA ILE B 248 -14.16 1.18 4.92
C ILE B 248 -13.87 2.53 4.25
N GLU B 249 -14.90 3.35 4.06
CA GLU B 249 -14.73 4.71 3.53
C GLU B 249 -13.82 5.58 4.40
N GLY B 250 -14.05 5.57 5.71
CA GLY B 250 -13.21 6.34 6.63
C GLY B 250 -11.78 5.84 6.67
N ILE B 251 -11.63 4.51 6.78
CA ILE B 251 -10.32 3.87 6.84
C ILE B 251 -9.47 4.20 5.60
N TYR B 252 -10.08 4.07 4.42
CA TYR B 252 -9.40 4.34 3.15
C TYR B 252 -9.25 5.83 2.79
N ASP B 253 -10.07 6.69 3.36
CA ASP B 253 -9.87 8.14 3.26
C ASP B 253 -8.63 8.58 4.03
N THR B 254 -8.47 8.02 5.22
CA THR B 254 -7.32 8.28 6.06
C THR B 254 -6.06 7.70 5.43
N LEU B 255 -6.19 6.53 4.80
CA LEU B 255 -5.05 5.89 4.16
C LEU B 255 -4.48 6.76 3.05
N LYS B 256 -5.36 7.31 2.23
CA LYS B 256 -4.98 8.26 1.20
C LYS B 256 -4.24 9.45 1.83
N GLN B 257 -4.79 9.99 2.91
CA GLN B 257 -4.15 11.09 3.61
C GLN B 257 -2.72 10.73 3.98
N CYS B 258 -2.54 9.64 4.72
CA CYS B 258 -1.22 9.14 5.10
C CYS B 258 -0.30 8.91 3.93
N ALA B 259 -0.84 8.43 2.81
CA ALA B 259 -0.05 8.22 1.62
C ALA B 259 0.45 9.57 1.10
N LEU B 260 -0.45 10.55 1.03
CA LEU B 260 -0.16 11.89 0.53
C LEU B 260 0.86 12.65 1.41
N ILE B 261 0.64 12.57 2.72
CA ILE B 261 1.61 13.09 3.69
C ILE B 261 2.97 12.40 3.52
N SER B 262 2.97 11.08 3.45
CA SER B 262 4.21 10.31 3.34
C SER B 262 4.99 10.62 2.04
N LYS B 263 4.27 11.02 0.99
CA LYS B 263 4.87 11.43 -0.28
C LYS B 263 5.68 12.71 -0.11
N SER B 264 5.21 13.58 0.77
CA SER B 264 5.89 14.81 1.15
C SER B 264 6.93 14.56 2.24
N ALA B 265 7.26 13.29 2.50
CA ALA B 265 8.24 12.92 3.53
C ALA B 265 7.80 13.32 4.94
N GLY B 266 6.50 13.26 5.19
CA GLY B 266 5.97 13.56 6.51
C GLY B 266 5.94 12.32 7.36
N GLY B 267 6.41 12.44 8.61
CA GLY B 267 6.19 11.42 9.65
C GLY B 267 4.79 11.61 10.22
N ILE B 268 4.20 10.54 10.75
CA ILE B 268 2.80 10.59 11.19
C ILE B 268 2.51 9.84 12.49
N GLY B 269 1.66 10.42 13.33
CA GLY B 269 1.04 9.70 14.45
C GLY B 269 -0.44 9.56 14.13
N VAL B 270 -0.95 8.33 14.21
CA VAL B 270 -2.35 8.00 13.84
C VAL B 270 -3.09 7.34 15.00
N ALA B 271 -4.25 7.89 15.36
CA ALA B 271 -5.11 7.29 16.38
C ALA B 271 -6.13 6.36 15.73
N VAL B 272 -6.22 5.15 16.26
CA VAL B 272 -6.87 4.03 15.60
C VAL B 272 -7.96 3.37 16.47
N SER B 273 -8.22 3.93 17.65
CA SER B 273 -9.06 3.28 18.67
C SER B 273 -10.54 3.26 18.35
N CYS B 274 -10.98 4.06 17.38
CA CYS B 274 -12.39 4.13 17.03
C CYS B 274 -12.81 2.97 16.12
N ILE B 275 -11.82 2.18 15.68
CA ILE B 275 -12.05 1.07 14.75
C ILE B 275 -12.45 -0.24 15.46
N ARG B 276 -13.55 -0.86 15.00
CA ARG B 276 -14.10 -2.10 15.55
C ARG B 276 -13.08 -3.20 15.78
N ALA B 277 -13.27 -3.94 16.87
CA ALA B 277 -12.41 -5.05 17.20
C ALA B 277 -12.72 -6.26 16.31
N THR B 278 -11.81 -7.22 16.31
CA THR B 278 -12.00 -8.47 15.61
C THR B 278 -13.23 -9.17 16.18
N GLY B 279 -14.01 -9.76 15.26
CA GLY B 279 -15.24 -10.46 15.63
C GLY B 279 -16.46 -9.57 15.75
N SER B 280 -16.28 -8.25 15.68
CA SER B 280 -17.41 -7.34 15.81
C SER B 280 -18.29 -7.39 14.59
N TYR B 281 -19.59 -7.37 14.86
CA TYR B 281 -20.61 -7.42 13.83
C TYR B 281 -20.52 -6.25 12.86
N ILE B 282 -20.74 -6.54 11.59
CA ILE B 282 -20.87 -5.53 10.54
C ILE B 282 -22.30 -5.65 10.04
N ALA B 283 -23.16 -4.70 10.41
CA ALA B 283 -24.59 -4.77 10.10
C ALA B 283 -24.88 -4.71 8.61
N GLY B 284 -24.02 -4.00 7.87
CA GLY B 284 -24.16 -3.89 6.43
C GLY B 284 -24.03 -5.22 5.71
N THR B 285 -22.91 -5.89 5.93
CA THR B 285 -22.55 -7.10 5.15
C THR B 285 -22.91 -8.42 5.87
N ASN B 286 -23.51 -8.32 7.05
CA ASN B 286 -23.87 -9.49 7.86
C ASN B 286 -22.66 -10.38 8.18
N GLY B 287 -21.48 -9.77 8.10
CA GLY B 287 -20.23 -10.47 8.42
C GLY B 287 -19.60 -9.90 9.68
N ASN B 288 -18.37 -10.34 9.95
CA ASN B 288 -17.67 -9.92 11.15
C ASN B 288 -16.34 -9.25 10.80
N SER B 289 -15.96 -8.26 11.60
CA SER B 289 -14.75 -7.51 11.34
C SER B 289 -13.49 -8.32 11.53
N ASN B 290 -12.48 -7.96 10.75
CA ASN B 290 -11.15 -8.54 10.83
C ASN B 290 -10.32 -7.87 11.94
N GLY B 291 -10.79 -6.72 12.41
CA GLY B 291 -10.12 -5.99 13.47
C GLY B 291 -8.92 -5.21 12.98
N LEU B 292 -8.09 -4.78 13.92
CA LEU B 292 -7.02 -3.84 13.65
C LEU B 292 -5.87 -4.41 12.84
N VAL B 293 -5.51 -5.66 13.11
CA VAL B 293 -4.30 -6.25 12.54
C VAL B 293 -4.29 -6.22 11.01
N PRO B 294 -5.28 -6.85 10.35
CA PRO B 294 -5.31 -6.82 8.89
C PRO B 294 -5.34 -5.41 8.30
N MET B 295 -5.97 -4.47 9.01
CA MET B 295 -6.06 -3.10 8.53
C MET B 295 -4.69 -2.42 8.61
N LEU B 296 -4.00 -2.66 9.72
CA LEU B 296 -2.69 -2.10 9.95
C LEU B 296 -1.63 -2.67 8.98
N ARG B 297 -1.91 -3.84 8.42
CA ARG B 297 -1.08 -4.41 7.37
C ARG B 297 -1.16 -3.59 6.08
N VAL B 298 -2.33 -3.02 5.80
CA VAL B 298 -2.52 -2.16 4.65
C VAL B 298 -1.72 -0.87 4.84
N TYR B 299 -1.74 -0.33 6.05
CA TYR B 299 -0.98 0.87 6.43
C TYR B 299 0.53 0.59 6.41
N ASN B 300 0.93 -0.60 6.86
CA ASN B 300 2.31 -1.02 6.87
C ASN B 300 2.85 -1.02 5.45
N ASN B 301 2.13 -1.69 4.57
CA ASN B 301 2.54 -1.78 3.19
C ASN B 301 2.41 -0.47 2.40
N THR B 302 1.54 0.42 2.86
CA THR B 302 1.49 1.79 2.34
C THR B 302 2.76 2.54 2.75
N ALA B 303 3.23 2.32 3.98
CA ALA B 303 4.48 2.92 4.45
C ALA B 303 5.70 2.45 3.65
N ARG B 304 5.74 1.17 3.28
CA ARG B 304 6.82 0.62 2.47
C ARG B 304 6.80 1.12 1.04
N TYR B 305 5.60 1.25 0.46
CA TYR B 305 5.42 1.67 -0.92
C TYR B 305 5.70 3.16 -1.13
N VAL B 306 5.07 4.01 -0.33
CA VAL B 306 5.29 5.45 -0.51
C VAL B 306 6.40 5.97 0.40
N ASP B 307 7.63 5.70 -0.06
CA ASP B 307 8.87 6.04 0.62
C ASP B 307 9.69 7.06 -0.19
N GLN B 308 8.98 7.96 -0.88
CA GLN B 308 9.55 8.92 -1.84
C GLN B 308 10.22 8.32 -3.08
N GLY B 309 10.16 7.00 -3.23
CA GLY B 309 10.71 6.32 -4.40
C GLY B 309 12.16 5.87 -4.27
N GLY B 310 12.35 4.56 -4.16
CA GLY B 310 13.67 3.92 -4.11
C GLY B 310 14.37 3.97 -2.76
N ASN B 311 13.70 4.59 -1.78
CA ASN B 311 14.27 4.95 -0.46
C ASN B 311 15.30 6.08 -0.56
N PRO B 314 11.27 3.77 4.05
CA PRO B 314 9.83 3.58 4.16
C PRO B 314 9.20 4.67 5.02
N GLY B 315 8.08 5.23 4.56
CA GLY B 315 7.34 6.23 5.35
C GLY B 315 7.16 5.76 6.79
N ALA B 316 7.03 6.71 7.72
CA ALA B 316 6.99 6.34 9.13
C ALA B 316 5.68 6.74 9.80
N PHE B 317 4.89 5.73 10.19
CA PHE B 317 3.62 5.95 10.88
C PHE B 317 3.69 5.35 12.28
N ALA B 318 3.36 6.16 13.29
CA ALA B 318 3.19 5.67 14.65
C ALA B 318 1.70 5.47 14.94
N ILE B 319 1.33 4.24 15.27
CA ILE B 319 -0.07 3.90 15.51
C ILE B 319 -0.40 3.99 17.00
N TYR B 320 -1.44 4.74 17.34
CA TYR B 320 -1.85 4.95 18.74
C TYR B 320 -3.12 4.18 19.08
N LEU B 321 -3.05 3.39 20.15
CA LEU B 321 -4.15 2.55 20.59
C LEU B 321 -4.37 2.70 22.10
N GLU B 322 -5.62 2.87 22.51
CA GLU B 322 -5.96 2.92 23.92
C GLU B 322 -6.12 1.49 24.45
N PRO B 323 -5.58 1.20 25.66
CA PRO B 323 -5.58 -0.17 26.19
C PRO B 323 -6.93 -0.81 26.58
N TRP B 324 -8.04 -0.07 26.46
CA TRP B 324 -9.37 -0.69 26.64
C TRP B 324 -9.80 -1.45 25.37
N HIS B 325 -9.12 -1.19 24.26
CA HIS B 325 -9.50 -1.80 22.99
C HIS B 325 -9.22 -3.31 22.98
N LEU B 326 -10.19 -4.09 22.50
CA LEU B 326 -10.16 -5.56 22.53
C LEU B 326 -8.99 -6.18 21.76
N ASP B 327 -8.47 -5.44 20.78
CA ASP B 327 -7.41 -5.95 19.93
C ASP B 327 -6.03 -5.57 20.46
N ILE B 328 -5.98 -5.08 21.71
CA ILE B 328 -4.74 -4.62 22.35
C ILE B 328 -3.62 -5.68 22.38
N PHE B 329 -3.93 -6.91 22.80
CA PHE B 329 -2.93 -7.97 22.88
C PHE B 329 -2.25 -8.27 21.54
N GLU B 330 -3.05 -8.31 20.46
CA GLU B 330 -2.51 -8.57 19.12
C GLU B 330 -1.73 -7.38 18.62
N PHE B 331 -2.16 -6.18 19.03
CA PHE B 331 -1.48 -4.95 18.70
C PHE B 331 -0.06 -4.99 19.28
N LEU B 332 0.02 -5.41 20.53
CA LEU B 332 1.26 -5.52 21.28
C LEU B 332 2.28 -6.49 20.64
N ASP B 333 1.85 -7.22 19.61
CA ASP B 333 2.66 -8.25 18.95
C ASP B 333 3.16 -7.88 17.55
N LEU B 334 2.48 -6.92 16.92
CA LEU B 334 2.71 -6.53 15.53
C LEU B 334 4.17 -6.21 15.14
N LYS B 335 4.99 -5.92 16.15
CA LYS B 335 6.36 -5.46 15.94
C LYS B 335 7.39 -6.53 16.32
N LYS B 336 6.93 -7.61 16.95
CA LYS B 336 7.80 -8.76 17.26
C LYS B 336 8.45 -9.32 15.99
N ASN B 337 9.77 -9.52 16.06
CA ASN B 337 10.51 -10.03 14.90
C ASN B 337 10.25 -11.53 14.68
N THR B 338 9.97 -12.25 15.76
CA THR B 338 9.47 -13.63 15.68
C THR B 338 7.94 -13.56 15.58
N GLY B 339 7.35 -14.27 14.60
CA GLY B 339 5.91 -14.17 14.40
C GLY B 339 5.24 -15.03 13.33
N LYS B 340 4.53 -14.38 12.41
CA LYS B 340 3.72 -15.07 11.40
C LYS B 340 3.40 -14.24 10.14
N GLU B 341 4.18 -13.19 9.90
CA GLU B 341 4.09 -12.37 8.67
C GLU B 341 2.74 -11.65 8.45
N GLU B 342 1.66 -12.42 8.32
CA GLU B 342 0.31 -11.86 8.15
C GLU B 342 -0.24 -11.26 9.45
N GLN B 343 0.40 -11.58 10.57
CA GLN B 343 0.04 -11.00 11.85
C GLN B 343 1.11 -10.01 12.31
N ARG B 344 1.92 -9.54 11.36
CA ARG B 344 3.02 -8.60 11.64
C ARG B 344 2.94 -7.34 10.78
N ALA B 345 3.34 -6.22 11.38
CA ALA B 345 3.48 -4.95 10.68
C ALA B 345 4.74 -4.23 11.17
N ARG B 346 5.88 -4.79 10.80
CA ARG B 346 7.14 -4.37 11.41
C ARG B 346 7.73 -3.05 10.88
N ASP B 347 7.04 -2.40 9.93
CA ASP B 347 7.47 -1.09 9.43
C ASP B 347 6.73 0.08 10.08
N LEU B 348 5.71 -0.23 10.87
CA LEU B 348 5.02 0.74 11.70
C LEU B 348 5.68 0.84 13.06
N PHE B 349 5.31 1.90 13.79
CA PHE B 349 5.79 2.15 15.13
C PHE B 349 4.56 2.20 16.01
N PHE B 350 4.72 1.82 17.27
CA PHE B 350 3.56 1.56 18.13
C PHE B 350 3.58 2.33 19.42
N ALA B 351 2.40 2.82 19.80
CA ALA B 351 2.28 3.70 20.95
C ALA B 351 0.96 3.44 21.62
N LEU B 352 0.96 3.55 22.95
CA LEU B 352 -0.23 3.42 23.75
C LEU B 352 -0.66 4.80 24.21
N TRP B 353 -1.96 5.03 24.22
CA TRP B 353 -2.54 6.29 24.64
C TRP B 353 -3.39 5.94 25.87
N ILE B 354 -2.80 6.13 27.05
CA ILE B 354 -3.21 5.42 28.27
C ILE B 354 -4.03 6.23 29.26
N PRO B 355 -5.23 5.73 29.61
CA PRO B 355 -5.98 6.39 30.66
C PRO B 355 -5.43 6.08 32.05
N ASP B 356 -5.58 7.04 32.96
CA ASP B 356 -5.21 6.87 34.36
C ASP B 356 -5.87 5.65 34.99
N LEU B 357 -7.13 5.40 34.62
CA LEU B 357 -7.92 4.26 35.13
C LEU B 357 -7.19 2.93 34.95
N PHE B 358 -6.57 2.73 33.78
CA PHE B 358 -5.78 1.52 33.54
C PHE B 358 -4.64 1.36 34.53
N MET B 359 -3.89 2.44 34.75
CA MET B 359 -2.72 2.44 35.63
C MET B 359 -3.14 2.24 37.08
N LYS B 360 -4.32 2.74 37.43
CA LYS B 360 -4.86 2.57 38.76
C LYS B 360 -5.36 1.14 39.01
N ARG B 361 -5.93 0.50 37.98
CA ARG B 361 -6.37 -0.91 38.09
C ARG B 361 -5.18 -1.85 38.15
N VAL B 362 -4.10 -1.51 37.44
CA VAL B 362 -2.87 -2.32 37.47
C VAL B 362 -2.30 -2.38 38.88
N GLU B 363 -2.11 -1.22 39.50
CA GLU B 363 -1.44 -1.18 40.79
C GLU B 363 -2.32 -1.66 41.94
N THR B 364 -3.65 -1.52 41.80
CA THR B 364 -4.62 -2.09 42.76
C THR B 364 -5.01 -3.53 42.44
N ASN B 365 -4.52 -4.05 41.31
CA ASN B 365 -4.69 -5.46 40.93
C ASN B 365 -6.15 -5.82 40.68
N GLN B 366 -6.84 -4.93 39.96
CA GLN B 366 -8.25 -5.13 39.64
C GLN B 366 -8.42 -5.67 38.21
N ASP B 367 -9.68 -5.87 37.82
CA ASP B 367 -10.01 -6.32 36.48
C ASP B 367 -10.01 -5.16 35.50
N TRP B 368 -9.75 -5.46 34.23
CA TRP B 368 -9.77 -4.50 33.15
C TRP B 368 -10.69 -5.05 32.08
N SER B 369 -11.55 -4.20 31.55
CA SER B 369 -12.53 -4.64 30.58
C SER B 369 -12.08 -4.25 29.21
N LEU B 370 -12.10 -5.20 28.29
CA LEU B 370 -11.76 -4.93 26.91
C LEU B 370 -13.05 -4.72 26.13
N MET B 371 -13.06 -3.67 25.33
CA MET B 371 -14.28 -3.25 24.66
C MET B 371 -14.11 -3.10 23.15
N CYS B 372 -15.21 -3.22 22.44
CA CYS B 372 -15.24 -2.82 21.05
C CYS B 372 -15.84 -1.41 20.98
N PRO B 373 -15.15 -0.45 20.31
CA PRO B 373 -15.61 0.93 20.24
C PRO B 373 -16.99 1.09 19.57
N ASN B 374 -17.38 0.13 18.76
CA ASN B 374 -18.70 0.11 18.13
C ASN B 374 -19.79 -0.23 19.16
N GLU B 375 -19.45 -1.10 20.12
CA GLU B 375 -20.37 -1.46 21.20
C GLU B 375 -20.34 -0.40 22.31
N CYS B 376 -19.19 0.26 22.40
CA CYS B 376 -18.93 1.20 23.46
C CYS B 376 -18.34 2.47 22.86
N PRO B 377 -19.18 3.25 22.16
CA PRO B 377 -18.68 4.41 21.42
C PRO B 377 -18.22 5.57 22.30
N GLY B 378 -17.29 6.36 21.77
CA GLY B 378 -16.93 7.65 22.36
C GLY B 378 -15.91 7.64 23.48
N LEU B 379 -15.29 6.48 23.73
CA LEU B 379 -14.27 6.34 24.77
C LEU B 379 -13.01 7.13 24.44
N ASP B 380 -12.72 7.30 23.16
CA ASP B 380 -11.55 8.09 22.73
C ASP B 380 -11.84 9.60 22.69
N GLU B 381 -13.12 9.98 22.78
CA GLU B 381 -13.57 11.37 22.66
C GLU B 381 -13.75 12.05 24.01
N VAL B 382 -13.17 11.46 25.04
CA VAL B 382 -13.49 11.73 26.41
C VAL B 382 -12.26 11.34 27.25
N TRP B 383 -11.89 12.18 28.20
CA TRP B 383 -10.74 11.90 29.09
C TRP B 383 -11.07 12.11 30.54
N GLY B 384 -10.17 11.66 31.42
CA GLY B 384 -10.26 11.88 32.87
C GLY B 384 -11.53 11.32 33.49
N GLU B 385 -12.12 12.08 34.40
CA GLU B 385 -13.35 11.69 35.10
C GLU B 385 -14.51 11.34 34.16
N GLU B 386 -14.64 12.11 33.08
CA GLU B 386 -15.65 11.83 32.07
C GLU B 386 -15.45 10.43 31.43
N PHE B 387 -14.19 10.11 31.11
CA PHE B 387 -13.84 8.77 30.63
C PHE B 387 -14.20 7.69 31.64
N GLU B 388 -13.74 7.87 32.88
CA GLU B 388 -13.89 6.85 33.91
C GLU B 388 -15.36 6.59 34.16
N LYS B 389 -16.17 7.64 34.06
CA LYS B 389 -17.61 7.55 34.21
C LYS B 389 -18.26 6.82 33.03
N LEU B 390 -17.90 7.18 31.81
CA LEU B 390 -18.45 6.52 30.63
C LEU B 390 -18.05 5.04 30.58
N TYR B 391 -16.77 4.78 30.85
CA TYR B 391 -16.23 3.43 30.88
C TYR B 391 -16.88 2.57 31.97
N ALA B 392 -17.10 3.14 33.15
CA ALA B 392 -17.71 2.39 34.25
C ALA B 392 -19.16 2.01 33.99
N SER B 393 -19.90 2.85 33.26
CA SER B 393 -21.30 2.52 32.95
C SER B 393 -21.40 1.44 31.87
N TYR B 394 -20.47 1.45 30.90
CA TYR B 394 -20.41 0.37 29.91
C TYR B 394 -20.14 -0.96 30.59
N GLU B 395 -19.24 -0.97 31.57
CA GLU B 395 -18.98 -2.15 32.39
C GLU B 395 -20.24 -2.58 33.12
N LYS B 396 -20.93 -1.64 33.76
CA LYS B 396 -22.15 -1.96 34.51
C LYS B 396 -23.28 -2.47 33.63
N GLN B 397 -23.35 -1.94 32.39
CA GLN B 397 -24.38 -2.40 31.45
C GLN B 397 -24.01 -3.75 30.82
N GLY B 398 -22.89 -4.34 31.24
CA GLY B 398 -22.38 -5.57 30.63
C GLY B 398 -21.93 -5.43 29.18
N ARG B 399 -21.64 -4.20 28.75
CA ARG B 399 -21.16 -3.96 27.38
C ARG B 399 -19.64 -4.18 27.37
N VAL B 400 -19.22 -5.42 27.58
CA VAL B 400 -17.79 -5.75 27.59
C VAL B 400 -17.56 -7.09 26.88
N ARG B 401 -16.52 -7.13 26.06
CA ARG B 401 -16.23 -8.29 25.25
C ARG B 401 -15.36 -9.33 25.95
N LYS B 402 -14.46 -8.85 26.81
CA LYS B 402 -13.51 -9.71 27.50
C LYS B 402 -12.93 -8.94 28.68
N VAL B 403 -12.88 -9.59 29.84
CA VAL B 403 -12.20 -9.02 31.00
C VAL B 403 -10.98 -9.85 31.35
N VAL B 404 -9.87 -9.16 31.60
CA VAL B 404 -8.62 -9.79 32.02
C VAL B 404 -8.24 -9.11 33.33
N LYS B 405 -7.35 -9.72 34.10
CA LYS B 405 -6.72 -9.00 35.21
C LYS B 405 -5.89 -7.88 34.56
N ALA B 406 -5.98 -6.66 35.09
CA ALA B 406 -5.27 -5.50 34.51
C ALA B 406 -3.76 -5.72 34.41
N GLN B 407 -3.21 -6.51 35.34
CA GLN B 407 -1.78 -6.80 35.38
C GLN B 407 -1.32 -7.72 34.25
N GLN B 408 -2.24 -8.56 33.75
CA GLN B 408 -1.98 -9.43 32.61
C GLN B 408 -1.69 -8.60 31.36
N LEU B 409 -2.48 -7.56 31.15
CA LEU B 409 -2.24 -6.62 30.06
C LEU B 409 -0.95 -5.85 30.35
N TRP B 410 -0.75 -5.48 31.60
CA TRP B 410 0.49 -4.83 31.99
C TRP B 410 1.74 -5.66 31.61
N TYR B 411 1.70 -6.95 31.91
CA TYR B 411 2.80 -7.85 31.57
C TYR B 411 3.04 -7.94 30.07
N ALA B 412 1.96 -7.90 29.29
CA ALA B 412 2.07 -7.96 27.84
C ALA B 412 2.78 -6.71 27.33
N ILE B 413 2.48 -5.58 27.96
CA ILE B 413 3.08 -4.30 27.62
C ILE B 413 4.60 -4.36 27.86
N ILE B 414 5.00 -4.83 29.03
CA ILE B 414 6.40 -4.80 29.42
C ILE B 414 7.20 -5.89 28.70
N GLU B 415 6.52 -6.98 28.35
CA GLU B 415 7.09 -8.04 27.53
C GLU B 415 7.40 -7.51 26.13
N SER B 416 6.44 -6.77 25.57
CA SER B 416 6.63 -6.15 24.27
C SER B 416 7.84 -5.18 24.25
N GLN B 417 7.98 -4.38 25.31
CA GLN B 417 9.07 -3.41 25.43
C GLN B 417 10.45 -4.06 25.62
N THR B 418 10.47 -5.20 26.29
CA THR B 418 11.70 -5.96 26.51
C THR B 418 12.17 -6.58 25.19
N GLU B 419 11.22 -6.96 24.35
CA GLU B 419 11.50 -7.56 23.06
C GLU B 419 11.84 -6.51 21.99
N THR B 420 11.07 -5.42 21.95
CA THR B 420 11.17 -4.45 20.85
C THR B 420 11.55 -3.01 21.25
N GLY B 421 11.48 -2.69 22.55
CA GLY B 421 11.72 -1.33 23.01
C GLY B 421 10.47 -0.44 23.00
N THR B 422 9.36 -1.03 22.55
CA THR B 422 8.10 -0.33 22.37
C THR B 422 6.97 -1.23 22.88
N PRO B 423 5.73 -0.71 23.04
CA PRO B 423 5.22 0.58 22.58
C PRO B 423 5.66 1.77 23.43
N TYR B 424 5.61 2.95 22.82
CA TYR B 424 5.81 4.21 23.53
C TYR B 424 4.69 4.34 24.57
N MET B 425 4.96 5.08 25.64
CA MET B 425 4.03 5.25 26.74
C MET B 425 3.58 6.70 26.83
N LEU B 426 2.30 6.94 26.54
CA LEU B 426 1.73 8.27 26.65
C LEU B 426 0.54 8.25 27.60
N TYR B 427 0.46 9.23 28.46
CA TYR B 427 -0.64 9.29 29.40
C TYR B 427 -1.69 10.28 28.94
N LYS B 428 -2.74 9.71 28.38
CA LYS B 428 -3.86 10.43 27.76
C LYS B 428 -4.45 11.54 28.67
N ASP B 429 -4.63 11.25 29.96
CA ASP B 429 -5.25 12.22 30.85
C ASP B 429 -4.30 13.35 31.18
N SER B 430 -3.03 13.02 31.43
CA SER B 430 -1.99 14.02 31.59
C SER B 430 -1.95 14.94 30.36
N CYS B 431 -1.89 14.32 29.18
CA CYS B 431 -1.85 15.07 27.94
C CYS B 431 -2.98 16.06 27.81
N ASN B 432 -4.21 15.59 28.08
CA ASN B 432 -5.42 16.40 27.95
C ASN B 432 -5.65 17.41 29.09
N ARG B 433 -5.44 16.98 30.34
CA ARG B 433 -5.60 17.85 31.51
C ARG B 433 -4.70 19.10 31.45
N LYS B 434 -3.55 18.96 30.80
CA LYS B 434 -2.58 20.05 30.74
C LYS B 434 -2.29 20.54 29.33
N SER B 435 -3.30 20.49 28.47
CA SER B 435 -3.20 21.10 27.15
C SER B 435 -3.94 22.43 27.09
N ASN B 436 -3.26 23.44 26.55
CA ASN B 436 -3.92 24.68 26.21
C ASN B 436 -4.87 24.54 25.01
N GLN B 437 -4.79 23.39 24.32
CA GLN B 437 -5.74 23.03 23.25
C GLN B 437 -6.96 22.26 23.77
N GLN B 438 -7.03 22.11 25.08
CA GLN B 438 -8.18 21.59 25.85
C GLN B 438 -9.56 22.03 25.35
N ASN B 439 -9.69 23.29 24.99
CA ASN B 439 -10.97 23.87 24.57
C ASN B 439 -11.50 23.36 23.22
N LEU B 440 -10.65 22.65 22.48
CA LEU B 440 -10.98 22.16 21.13
C LEU B 440 -11.74 20.84 21.14
N GLY B 441 -11.56 20.09 22.23
CA GLY B 441 -12.05 18.72 22.35
C GLY B 441 -10.89 17.83 22.79
N THR B 442 -11.20 16.55 23.02
CA THR B 442 -10.19 15.56 23.44
C THR B 442 -9.10 15.31 22.39
N ILE B 443 -7.86 15.36 22.84
CA ILE B 443 -6.70 15.01 22.02
C ILE B 443 -6.51 13.49 22.04
N LYS B 444 -6.49 12.91 20.84
CA LYS B 444 -6.60 11.47 20.67
C LYS B 444 -5.25 10.78 20.54
N CYS B 445 -4.19 11.55 20.28
CA CYS B 445 -2.86 10.96 20.06
C CYS B 445 -1.73 11.98 19.99
N SER B 446 -0.51 11.45 19.96
CA SER B 446 0.72 12.20 19.79
C SER B 446 1.31 11.90 18.40
N ASN B 447 2.58 12.26 18.19
CA ASN B 447 3.19 12.14 16.86
C ASN B 447 4.17 10.96 16.75
N LEU B 448 4.90 10.92 15.65
CA LEU B 448 5.93 9.90 15.46
C LEU B 448 6.88 9.81 16.64
N CYS B 449 7.27 10.98 17.18
CA CYS B 449 8.32 11.05 18.18
C CYS B 449 7.87 11.34 19.60
N THR B 450 6.56 11.41 19.80
CA THR B 450 5.91 11.46 21.14
C THR B 450 6.07 12.76 21.91
N GLU B 451 6.46 13.85 21.25
CA GLU B 451 6.64 15.14 21.92
C GLU B 451 5.49 16.12 21.64
N ILE B 452 4.68 15.83 20.63
CA ILE B 452 3.63 16.75 20.20
C ILE B 452 2.27 16.28 20.73
N VAL B 453 1.53 17.20 21.34
CA VAL B 453 0.18 16.89 21.83
C VAL B 453 -0.78 17.92 21.23
N GLU B 454 -1.36 17.57 20.10
CA GLU B 454 -2.14 18.51 19.33
C GLU B 454 -3.45 17.85 18.89
N TYR B 455 -4.51 18.65 18.85
CA TYR B 455 -5.84 18.17 18.57
C TYR B 455 -6.00 17.73 17.11
N THR B 456 -6.71 16.62 16.92
CA THR B 456 -7.05 16.13 15.57
C THR B 456 -8.54 15.81 15.52
N SER B 457 -9.11 15.88 14.32
CA SER B 457 -10.51 15.52 14.06
C SER B 457 -10.68 15.14 12.58
N LYS B 458 -11.92 14.93 12.17
CA LYS B 458 -12.20 14.64 10.76
C LYS B 458 -11.68 15.76 9.87
N ASP B 459 -11.89 17.01 10.30
CA ASP B 459 -11.54 18.17 9.50
C ASP B 459 -10.10 18.64 9.72
N GLU B 460 -9.39 18.02 10.66
CA GLU B 460 -8.13 18.60 11.11
C GLU B 460 -6.97 17.62 11.29
N VAL B 461 -5.96 17.73 10.43
CA VAL B 461 -4.69 17.04 10.69
C VAL B 461 -3.62 18.00 11.24
N ALA B 462 -3.20 17.72 12.46
CA ALA B 462 -2.24 18.55 13.16
C ALA B 462 -0.85 18.45 12.57
N VAL B 463 -0.12 19.56 12.66
CA VAL B 463 1.21 19.72 12.07
C VAL B 463 2.20 20.15 13.17
N CYS B 464 3.42 19.63 13.08
CA CYS B 464 4.49 20.02 14.00
C CYS B 464 5.49 20.93 13.27
N ASN B 465 5.55 22.19 13.70
CA ASN B 465 6.49 23.18 13.15
C ASN B 465 7.64 23.38 14.13
N LEU B 466 8.85 22.94 13.78
CA LEU B 466 9.88 22.67 14.79
C LEU B 466 11.27 23.31 14.62
N ALA B 467 11.88 23.64 15.76
CA ALA B 467 13.26 24.12 15.83
C ALA B 467 13.84 23.77 17.21
N SER B 468 15.16 23.84 17.35
CA SER B 468 15.82 23.60 18.65
C SER B 468 16.86 24.66 18.98
N LEU B 469 16.90 25.04 20.26
CA LEU B 469 17.93 25.89 20.81
C LEU B 469 19.17 25.07 21.21
N ALA B 470 20.36 25.59 20.90
CA ALA B 470 21.60 24.94 21.32
C ALA B 470 22.02 25.41 22.71
N LEU B 471 21.62 24.64 23.74
CA LEU B 471 21.76 25.03 25.14
C LEU B 471 23.19 25.25 25.65
N ASN B 472 24.16 24.59 25.03
CA ASN B 472 25.58 24.81 25.32
C ASN B 472 26.09 26.21 24.99
N MET B 473 25.44 26.88 24.03
CA MET B 473 25.90 28.20 23.55
C MET B 473 25.69 29.34 24.54
N TYR B 474 24.79 29.14 25.51
CA TYR B 474 24.41 30.20 26.45
C TYR B 474 25.25 30.20 27.74
N VAL B 475 26.18 29.26 27.88
CA VAL B 475 27.13 29.34 29.01
C VAL B 475 28.36 30.21 28.68
N THR B 476 28.72 31.07 29.64
CA THR B 476 29.79 32.05 29.45
C THR B 476 31.13 31.52 29.95
N SER B 477 32.20 32.24 29.62
CA SER B 477 33.56 31.87 30.05
C SER B 477 33.73 31.80 31.57
N GLU B 478 32.74 32.31 32.30
CA GLU B 478 32.77 32.40 33.76
C GLU B 478 31.82 31.40 34.42
N HIS B 479 31.41 30.37 33.67
CA HIS B 479 30.51 29.32 34.18
C HIS B 479 29.22 29.91 34.76
N THR B 480 28.62 30.81 34.00
CA THR B 480 27.32 31.39 34.33
C THR B 480 26.38 31.12 33.16
N TYR B 481 25.09 31.08 33.41
CA TYR B 481 24.16 30.83 32.32
C TYR B 481 23.47 32.13 31.84
N ASP B 482 23.63 32.44 30.56
CA ASP B 482 23.03 33.65 30.00
C ASP B 482 21.54 33.49 29.67
N PHE B 483 20.71 33.59 30.70
CA PHE B 483 19.26 33.49 30.58
C PHE B 483 18.63 34.55 29.67
N LYS B 484 19.14 35.77 29.70
CA LYS B 484 18.62 36.85 28.84
C LYS B 484 18.83 36.54 27.35
N LYS B 485 20.03 36.11 26.99
CA LYS B 485 20.31 35.71 25.61
C LYS B 485 19.38 34.59 25.13
N LEU B 486 19.19 33.57 25.97
CA LEU B 486 18.31 32.47 25.65
C LEU B 486 16.87 32.93 25.39
N ALA B 487 16.36 33.83 26.24
CA ALA B 487 15.04 34.40 26.02
C ALA B 487 14.99 35.15 24.68
N GLU B 488 16.03 35.92 24.37
CA GLU B 488 16.05 36.74 23.16
C GLU B 488 16.13 35.94 21.87
N VAL B 489 16.90 34.85 21.87
CA VAL B 489 16.98 33.93 20.73
C VAL B 489 15.67 33.19 20.52
N THR B 490 15.07 32.75 21.63
CA THR B 490 13.77 32.07 21.61
C THR B 490 12.70 32.91 20.93
N LYS B 491 12.73 34.21 21.17
CA LYS B 491 11.77 35.13 20.58
C LYS B 491 11.87 35.18 19.06
N VAL B 492 13.09 35.13 18.54
CA VAL B 492 13.34 35.05 17.10
C VAL B 492 12.80 33.72 16.56
N VAL B 493 13.09 32.62 17.28
CA VAL B 493 12.62 31.30 16.87
C VAL B 493 11.08 31.23 16.74
N VAL B 494 10.38 31.74 17.75
CA VAL B 494 8.91 31.88 17.71
C VAL B 494 8.46 32.63 16.46
N ARG B 495 9.12 33.75 16.16
CA ARG B 495 8.74 34.58 15.03
C ARG B 495 8.98 33.85 13.71
N ASN B 496 10.12 33.15 13.61
CA ASN B 496 10.45 32.35 12.44
C ASN B 496 9.47 31.22 12.19
N LEU B 497 9.17 30.43 13.23
CA LEU B 497 8.23 29.31 13.11
C LEU B 497 6.83 29.79 12.77
N ASN B 498 6.48 30.96 13.28
CA ASN B 498 5.20 31.58 12.98
C ASN B 498 5.07 32.04 11.53
N LYS B 499 6.19 32.45 10.94
CA LYS B 499 6.22 32.77 9.51
C LYS B 499 6.18 31.50 8.66
N ILE B 500 6.79 30.43 9.17
CA ILE B 500 6.78 29.12 8.51
C ILE B 500 5.35 28.56 8.36
N ILE B 501 4.50 28.80 9.36
CA ILE B 501 3.10 28.39 9.29
C ILE B 501 2.38 28.91 8.02
N ASP B 502 2.73 30.13 7.60
CA ASP B 502 2.10 30.76 6.45
C ASP B 502 2.78 30.47 5.11
N ILE B 503 4.06 30.11 5.15
CA ILE B 503 4.83 29.83 3.93
C ILE B 503 4.69 28.36 3.50
N ASN B 504 4.40 27.50 4.48
CA ASN B 504 4.41 26.06 4.29
C ASN B 504 3.42 25.58 3.23
N TYR B 505 3.89 24.69 2.35
CA TYR B 505 3.00 24.00 1.42
C TYR B 505 2.49 22.73 2.07
N TYR B 506 1.17 22.65 2.23
CA TYR B 506 0.53 21.56 2.99
C TYR B 506 0.14 20.40 2.08
N PRO B 507 0.47 19.15 2.48
CA PRO B 507 0.17 17.99 1.63
C PRO B 507 -1.34 17.66 1.55
N VAL B 508 -2.08 17.97 2.62
CA VAL B 508 -3.53 17.85 2.64
C VAL B 508 -4.16 19.12 3.27
N PRO B 509 -5.40 19.47 2.86
CA PRO B 509 -5.98 20.75 3.28
C PRO B 509 -6.40 20.79 4.74
N GLU B 510 -6.66 19.61 5.31
CA GLU B 510 -7.00 19.47 6.72
C GLU B 510 -5.83 19.90 7.59
N ALA B 511 -4.61 19.76 7.06
CA ALA B 511 -3.38 20.17 7.75
C ALA B 511 -3.27 21.69 7.77
N CYS B 512 -3.50 22.29 6.60
CA CYS B 512 -3.55 23.74 6.44
C CYS B 512 -4.58 24.36 7.38
N LEU B 513 -5.79 23.80 7.40
CA LEU B 513 -6.88 24.27 8.27
C LEU B 513 -6.45 24.31 9.74
N SER B 514 -5.92 23.17 10.20
CA SER B 514 -5.45 23.01 11.56
C SER B 514 -4.37 24.03 11.98
N ASN B 515 -3.31 24.17 11.18
CA ASN B 515 -2.21 25.13 11.44
C ASN B 515 -2.66 26.60 11.43
N LYS B 516 -3.54 26.96 10.49
CA LYS B 516 -4.05 28.33 10.41
C LYS B 516 -5.00 28.67 11.56
N ARG B 517 -5.76 27.69 12.04
CA ARG B 517 -6.69 27.87 13.17
C ARG B 517 -6.02 28.03 14.53
N HIS B 518 -5.13 27.11 14.88
CA HIS B 518 -4.57 27.06 16.23
C HIS B 518 -3.11 27.47 16.28
N ARG B 519 -2.46 27.54 15.11
CA ARG B 519 -1.05 27.99 15.02
C ARG B 519 -0.09 27.39 16.07
N PRO B 520 -0.09 26.06 16.27
CA PRO B 520 0.88 25.57 17.25
C PRO B 520 2.30 25.60 16.68
N ILE B 521 3.28 25.69 17.58
CA ILE B 521 4.68 25.50 17.23
C ILE B 521 5.37 24.65 18.31
N GLY B 522 6.59 24.22 18.01
CA GLY B 522 7.28 23.29 18.87
C GLY B 522 8.74 23.65 18.89
N ILE B 523 9.13 24.37 19.93
CA ILE B 523 10.52 24.71 20.16
C ILE B 523 11.13 23.70 21.11
N GLY B 524 12.27 23.15 20.71
CA GLY B 524 12.95 22.14 21.51
C GLY B 524 14.38 22.55 21.75
N VAL B 525 15.21 21.57 22.13
CA VAL B 525 16.55 21.90 22.59
C VAL B 525 17.54 20.82 22.16
N GLN B 526 18.81 21.18 22.23
CA GLN B 526 19.88 20.22 22.14
C GLN B 526 21.04 20.65 23.03
N GLY B 527 21.94 19.73 23.33
CA GLY B 527 23.10 20.06 24.15
C GLY B 527 22.79 20.36 25.60
N LEU B 528 21.75 19.75 26.14
CA LEU B 528 21.48 19.91 27.57
C LEU B 528 22.68 19.36 28.35
N ALA B 529 23.12 18.16 28.00
CA ALA B 529 24.25 17.52 28.67
C ALA B 529 25.50 18.37 28.58
N ASP B 530 25.74 18.97 27.42
CA ASP B 530 26.89 19.85 27.20
C ASP B 530 26.85 21.10 28.09
N ALA B 531 25.66 21.69 28.21
CA ALA B 531 25.45 22.85 29.08
C ALA B 531 25.68 22.50 30.57
N PHE B 532 25.28 21.31 31.00
CA PHE B 532 25.60 20.88 32.37
C PHE B 532 27.11 20.75 32.54
N ILE B 533 27.77 20.08 31.59
CA ILE B 533 29.21 19.84 31.67
C ILE B 533 30.04 21.13 31.58
N LEU B 534 29.64 22.03 30.69
CA LEU B 534 30.32 23.32 30.56
C LEU B 534 30.24 24.14 31.86
N MET B 535 29.13 23.98 32.58
CA MET B 535 28.90 24.63 33.88
C MET B 535 29.59 23.86 35.00
N ARG B 536 30.07 22.67 34.67
CA ARG B 536 30.75 21.75 35.58
C ARG B 536 29.77 21.03 36.52
N TYR B 537 28.53 20.86 36.06
CA TYR B 537 27.52 20.17 36.85
C TYR B 537 27.33 18.71 36.44
N PRO B 538 27.42 17.78 37.40
CA PRO B 538 26.91 16.43 37.18
C PRO B 538 25.42 16.48 36.81
N PHE B 539 24.97 15.55 35.99
CA PHE B 539 23.59 15.51 35.51
C PHE B 539 22.57 15.44 36.64
N GLU B 540 22.93 14.70 37.69
CA GLU B 540 22.05 14.45 38.82
C GLU B 540 22.20 15.44 39.99
N SER B 541 23.09 16.43 39.88
CA SER B 541 23.36 17.33 41.01
C SER B 541 22.26 18.36 41.22
N ALA B 542 22.19 18.91 42.45
CA ALA B 542 21.25 19.99 42.81
C ALA B 542 21.38 21.17 41.85
N GLU B 543 22.63 21.44 41.45
CA GLU B 543 22.96 22.55 40.56
C GLU B 543 22.34 22.37 39.16
N ALA B 544 22.49 21.17 38.60
CA ALA B 544 21.91 20.83 37.31
C ALA B 544 20.38 20.75 37.34
N GLN B 545 19.82 20.25 38.44
CA GLN B 545 18.36 20.17 38.59
C GLN B 545 17.71 21.56 38.66
N LEU B 546 18.40 22.50 39.30
CA LEU B 546 17.92 23.88 39.34
C LEU B 546 18.18 24.61 38.03
N LEU B 547 19.33 24.36 37.39
CA LEU B 547 19.60 24.94 36.07
C LEU B 547 18.57 24.47 35.06
N ASN B 548 18.16 23.20 35.18
CA ASN B 548 17.16 22.57 34.31
C ASN B 548 15.81 23.30 34.34
N LYS B 549 15.32 23.61 35.55
CA LYS B 549 14.12 24.41 35.71
C LYS B 549 14.31 25.77 35.08
N GLN B 550 15.45 26.40 35.37
CA GLN B 550 15.71 27.77 34.99
C GLN B 550 15.73 27.91 33.48
N ILE B 551 16.44 26.98 32.82
CA ILE B 551 16.53 26.98 31.36
C ILE B 551 15.14 26.94 30.72
N PHE B 552 14.26 26.10 31.26
CA PHE B 552 12.97 25.87 30.63
C PHE B 552 11.89 26.92 31.00
N GLU B 553 11.99 27.45 32.23
CA GLU B 553 11.27 28.65 32.58
C GLU B 553 11.55 29.75 31.54
N THR B 554 12.83 29.92 31.22
CA THR B 554 13.32 30.99 30.36
C THR B 554 12.76 30.81 28.95
N ILE B 555 12.83 29.59 28.45
CA ILE B 555 12.38 29.28 27.11
C ILE B 555 10.88 29.53 27.00
N TYR B 556 10.13 29.06 27.99
CA TYR B 556 8.69 29.28 28.04
C TYR B 556 8.36 30.78 28.14
N TYR B 557 9.12 31.50 28.98
CA TYR B 557 8.93 32.93 29.18
C TYR B 557 9.15 33.77 27.93
N GLY B 558 10.30 33.61 27.28
CA GLY B 558 10.59 34.32 26.04
C GLY B 558 9.60 33.99 24.94
N ALA B 559 9.22 32.72 24.83
CA ALA B 559 8.30 32.24 23.80
C ALA B 559 6.92 32.87 23.95
N LEU B 560 6.37 32.82 25.16
CA LEU B 560 5.08 33.48 25.43
C LEU B 560 5.14 34.96 25.09
N GLU B 561 6.25 35.59 25.43
CA GLU B 561 6.48 37.01 25.21
C GLU B 561 6.52 37.39 23.72
N ALA B 562 7.19 36.56 22.91
CA ALA B 562 7.20 36.75 21.47
C ALA B 562 5.80 36.53 20.89
N SER B 563 5.16 35.46 21.35
CA SER B 563 3.82 35.10 20.91
C SER B 563 2.81 36.21 21.28
N CYS B 564 2.97 36.78 22.47
CA CYS B 564 2.15 37.90 22.89
C CYS B 564 2.36 39.12 21.98
N ASP B 565 3.63 39.43 21.66
CA ASP B 565 3.98 40.53 20.75
C ASP B 565 3.34 40.39 19.37
N LEU B 566 3.41 39.17 18.81
CA LEU B 566 2.77 38.86 17.52
C LEU B 566 1.23 38.96 17.59
N ALA B 567 0.67 38.64 18.76
CA ALA B 567 -0.76 38.81 18.98
C ALA B 567 -1.14 40.29 19.01
N LYS B 568 -0.30 41.13 19.61
CA LYS B 568 -0.50 42.58 19.60
C LYS B 568 -0.53 43.14 18.19
N GLU B 569 0.37 42.62 17.34
CA GLU B 569 0.54 43.05 15.95
C GLU B 569 -0.47 42.44 14.96
N GLN B 570 -0.90 41.20 15.23
CA GLN B 570 -1.71 40.42 14.26
C GLN B 570 -3.03 39.82 14.80
N GLY B 571 -3.28 39.95 16.09
CA GLY B 571 -4.45 39.33 16.72
C GLY B 571 -4.15 37.89 17.14
N PRO B 572 -4.86 37.37 18.16
CA PRO B 572 -4.65 35.99 18.59
C PRO B 572 -5.04 34.97 17.53
N TYR B 573 -4.68 33.70 17.74
CA TYR B 573 -5.17 32.63 16.88
C TYR B 573 -6.69 32.41 17.07
N GLU B 574 -7.35 32.02 15.98
CA GLU B 574 -8.81 31.81 15.92
C GLU B 574 -9.47 31.23 17.17
N THR B 575 -8.83 30.22 17.76
CA THR B 575 -9.46 29.45 18.81
C THR B 575 -8.90 29.81 20.18
N TYR B 576 -8.33 31.01 20.28
CA TYR B 576 -7.79 31.50 21.53
C TYR B 576 -8.83 31.69 22.64
N GLU B 577 -9.98 32.28 22.32
CA GLU B 577 -11.03 32.52 23.30
C GLU B 577 -11.63 31.22 23.81
N GLY B 578 -11.51 31.01 25.12
CA GLY B 578 -11.93 29.77 25.77
C GLY B 578 -10.77 28.94 26.27
N SER B 579 -9.58 29.12 25.72
CA SER B 579 -8.41 28.32 26.13
C SER B 579 -7.98 28.68 27.56
N PRO B 580 -7.30 27.75 28.26
CA PRO B 580 -6.68 28.07 29.54
C PRO B 580 -5.84 29.37 29.56
N VAL B 581 -4.94 29.60 28.61
CA VAL B 581 -4.16 30.84 28.68
C VAL B 581 -5.06 32.08 28.62
N SER B 582 -6.16 32.04 27.88
CA SER B 582 -7.11 33.16 27.84
C SER B 582 -7.79 33.36 29.20
N LYS B 583 -7.71 32.35 30.06
CA LYS B 583 -8.21 32.44 31.44
C LYS B 583 -7.07 32.78 32.41
N GLY B 584 -5.88 33.07 31.88
CA GLY B 584 -4.74 33.39 32.71
C GLY B 584 -4.03 32.17 33.28
N ILE B 585 -4.30 31.00 32.70
CA ILE B 585 -3.67 29.77 33.14
C ILE B 585 -2.54 29.39 32.20
N LEU B 586 -1.34 29.30 32.76
CA LEU B 586 -0.17 28.86 31.99
C LEU B 586 0.19 27.43 32.38
N GLN B 587 1.12 26.83 31.65
CA GLN B 587 1.48 25.42 31.82
C GLN B 587 1.76 25.00 33.27
N TYR B 588 2.55 25.79 34.00
CA TYR B 588 2.94 25.42 35.37
C TYR B 588 1.75 25.49 36.34
N ASP B 589 0.76 26.32 36.02
CA ASP B 589 -0.49 26.36 36.79
C ASP B 589 -1.19 24.99 36.70
N MET B 590 -1.11 24.37 35.53
CA MET B 590 -1.72 23.07 35.28
C MET B 590 -1.01 21.92 36.00
N TRP B 591 0.29 22.12 36.30
CA TRP B 591 1.07 21.17 37.09
C TRP B 591 1.09 21.51 38.58
N ASN B 592 0.36 22.56 38.98
CA ASN B 592 0.45 23.14 40.34
C ASN B 592 1.90 23.43 40.80
N VAL B 593 2.69 24.02 39.91
CA VAL B 593 4.07 24.36 40.22
C VAL B 593 4.16 25.88 40.33
N THR B 594 4.92 26.35 41.30
CA THR B 594 5.29 27.75 41.41
C THR B 594 6.70 27.91 40.85
N PRO B 595 6.86 28.77 39.82
CA PRO B 595 8.17 28.99 39.19
C PRO B 595 9.17 29.57 40.20
N THR B 596 10.46 29.50 39.88
CA THR B 596 11.47 30.22 40.65
C THR B 596 11.30 31.71 40.47
N ASP B 597 12.12 32.49 41.18
CA ASP B 597 12.04 33.94 41.12
C ASP B 597 12.77 34.55 39.92
N LEU B 598 13.31 33.72 39.03
CA LEU B 598 14.12 34.20 37.91
C LEU B 598 13.38 35.21 37.01
N TRP B 599 12.13 34.91 36.69
CA TRP B 599 11.32 35.74 35.81
C TRP B 599 10.04 36.20 36.50
N ASP B 600 9.56 37.38 36.13
CA ASP B 600 8.30 37.91 36.63
C ASP B 600 7.15 37.44 35.75
N TRP B 601 6.48 36.40 36.22
CA TRP B 601 5.38 35.78 35.50
C TRP B 601 4.08 36.57 35.62
N LYS B 602 3.92 37.28 36.74
CA LYS B 602 2.78 38.18 36.96
C LYS B 602 2.72 39.29 35.91
N VAL B 603 3.88 39.85 35.58
CA VAL B 603 4.01 40.85 34.53
C VAL B 603 3.74 40.25 33.13
N LEU B 604 4.21 39.04 32.88
CA LEU B 604 3.88 38.37 31.62
C LEU B 604 2.38 38.08 31.49
N LYS B 605 1.78 37.51 32.54
CA LYS B 605 0.34 37.27 32.53
C LYS B 605 -0.47 38.52 32.17
N GLU B 606 -0.05 39.68 32.71
CA GLU B 606 -0.73 40.95 32.45
C GLU B 606 -0.59 41.41 31.00
N LYS B 607 0.52 41.10 30.35
CA LYS B 607 0.66 41.36 28.91
C LYS B 607 -0.23 40.42 28.09
N ILE B 608 -0.31 39.15 28.51
CA ILE B 608 -1.14 38.17 27.81
C ILE B 608 -2.63 38.48 27.95
N ALA B 609 -3.04 38.92 29.14
CA ALA B 609 -4.42 39.36 29.34
C ALA B 609 -4.78 40.51 28.39
N LYS B 610 -3.80 41.35 28.07
CA LYS B 610 -4.02 42.50 27.16
C LYS B 610 -4.22 42.07 25.71
N TYR B 611 -3.27 41.31 25.17
CA TYR B 611 -3.18 41.06 23.74
C TYR B 611 -3.49 39.62 23.31
N GLY B 612 -3.43 38.68 24.24
CA GLY B 612 -3.55 37.26 23.91
C GLY B 612 -2.24 36.72 23.38
N ILE B 613 -2.26 35.51 22.83
CA ILE B 613 -1.08 34.93 22.15
C ILE B 613 -1.38 34.47 20.73
N ARG B 614 -0.33 34.46 19.91
CA ARG B 614 -0.43 34.12 18.50
C ARG B 614 -0.50 32.61 18.30
N ASN B 615 -0.03 31.86 19.29
CA ASN B 615 0.19 30.43 19.13
C ASN B 615 -0.36 29.65 20.27
N SER B 616 -1.16 28.63 19.95
CA SER B 616 -1.85 27.80 20.95
C SER B 616 -0.90 26.98 21.80
N LEU B 617 0.25 26.60 21.23
CA LEU B 617 1.29 25.78 21.87
C LEU B 617 2.66 26.23 21.35
N LEU B 618 3.69 26.02 22.17
CA LEU B 618 4.98 26.65 21.94
C LEU B 618 6.18 25.72 22.05
N ILE B 619 6.22 24.91 23.10
CA ILE B 619 7.44 24.16 23.46
C ILE B 619 7.23 22.65 23.39
N ALA B 620 8.16 21.97 22.72
CA ALA B 620 8.07 20.53 22.48
C ALA B 620 9.45 19.93 22.13
N PRO B 621 10.26 19.61 23.16
CA PRO B 621 11.58 19.00 22.96
C PRO B 621 11.61 17.68 22.16
N MET B 622 11.95 17.79 20.87
CA MET B 622 11.98 16.67 19.92
C MET B 622 13.33 15.95 19.95
N PRO B 623 13.41 14.75 19.33
CA PRO B 623 14.73 14.20 19.05
C PRO B 623 15.42 15.05 18.01
N THR B 624 16.70 15.29 18.23
CA THR B 624 17.46 16.16 17.35
C THR B 624 18.55 15.31 16.70
N ALA B 625 18.17 14.12 16.26
CA ALA B 625 19.15 13.17 15.72
C ALA B 625 20.09 13.82 14.70
N SER B 626 19.54 14.33 13.61
CA SER B 626 20.38 14.84 12.53
C SER B 626 21.00 16.21 12.83
N THR B 627 20.21 17.13 13.37
CA THR B 627 20.66 18.51 13.56
C THR B 627 21.60 18.71 14.74
N ALA B 628 21.55 17.82 15.73
CA ALA B 628 22.47 17.91 16.87
C ALA B 628 23.85 17.46 16.44
N GLN B 629 23.89 16.46 15.56
CA GLN B 629 25.14 16.01 14.95
C GLN B 629 25.81 17.12 14.15
N ILE B 630 25.01 17.93 13.45
CA ILE B 630 25.54 19.06 12.66
C ILE B 630 26.19 20.12 13.56
N LEU B 631 25.52 20.46 14.67
CA LEU B 631 26.05 21.45 15.61
C LEU B 631 27.10 20.89 16.56
N GLY B 632 27.16 19.56 16.66
CA GLY B 632 28.15 18.89 17.51
C GLY B 632 27.73 18.86 18.97
N ASN B 633 26.42 18.80 19.20
CA ASN B 633 25.87 18.74 20.53
C ASN B 633 25.29 17.38 20.79
N ASN B 634 25.24 17.00 22.06
CA ASN B 634 24.50 15.83 22.44
C ASN B 634 23.02 16.05 22.19
N GLU B 635 22.33 14.96 21.85
CA GLU B 635 20.94 15.02 21.48
C GLU B 635 20.07 15.49 22.61
N SER B 636 19.22 16.47 22.30
CA SER B 636 18.03 16.77 23.09
C SER B 636 18.33 17.03 24.57
N ILE B 637 17.54 16.40 25.45
CA ILE B 637 17.62 16.58 26.89
C ILE B 637 18.38 15.43 27.55
N GLU B 638 19.16 14.74 26.74
CA GLU B 638 19.72 13.43 27.06
C GLU B 638 21.13 13.53 27.64
N PRO B 639 21.42 12.72 28.69
CA PRO B 639 22.81 12.54 29.12
C PRO B 639 23.63 11.91 28.00
N TYR B 640 24.93 12.15 27.98
CA TYR B 640 25.81 11.36 27.11
C TYR B 640 25.59 9.88 27.45
N THR B 641 25.30 9.10 26.43
CA THR B 641 24.99 7.69 26.65
C THR B 641 26.27 6.90 26.88
N SER B 642 27.38 7.42 26.37
CA SER B 642 28.71 6.83 26.57
C SER B 642 29.78 7.91 26.46
N ASN B 643 30.94 7.64 27.05
CA ASN B 643 32.09 8.54 26.97
C ASN B 643 32.97 8.23 25.79
N ILE B 644 32.72 7.08 25.17
CA ILE B 644 33.36 6.69 23.93
C ILE B 644 32.35 5.97 23.05
N TYR B 645 32.20 6.47 21.83
CA TYR B 645 31.19 5.98 20.91
C TYR B 645 31.72 6.11 19.49
N THR B 646 31.02 5.51 18.54
CA THR B 646 31.44 5.58 17.15
C THR B 646 30.44 6.35 16.28
N ARG B 647 30.98 7.04 15.28
CA ARG B 647 30.19 7.72 14.27
C ARG B 647 30.54 7.12 12.91
N ARG B 648 29.52 6.67 12.19
CA ARG B 648 29.70 6.10 10.86
C ARG B 648 29.64 7.18 9.79
N VAL B 649 30.59 7.17 8.87
CA VAL B 649 30.63 8.13 7.75
C VAL B 649 30.59 7.43 6.39
N GLY B 652 34.01 5.06 6.42
CA GLY B 652 34.36 4.16 7.50
C GLY B 652 33.80 4.61 8.84
N GLU B 653 33.96 3.76 9.86
CA GLU B 653 33.54 4.08 11.23
C GLU B 653 34.63 4.92 11.89
N PHE B 654 34.23 5.89 12.71
CA PHE B 654 35.19 6.70 13.47
C PHE B 654 34.94 6.61 14.97
N GLN B 655 36.03 6.41 15.70
CA GLN B 655 36.02 6.38 17.16
C GLN B 655 36.00 7.83 17.72
N ILE B 656 35.06 8.09 18.62
CA ILE B 656 34.94 9.40 19.26
C ILE B 656 34.88 9.27 20.79
N VAL B 657 35.73 10.03 21.47
CA VAL B 657 35.67 10.20 22.93
C VAL B 657 34.83 11.45 23.24
N ASN B 658 34.06 11.42 24.33
CA ASN B 658 33.37 12.62 24.83
C ASN B 658 34.36 13.80 24.84
N PRO B 659 34.08 14.84 24.03
CA PRO B 659 35.03 15.95 23.80
C PRO B 659 35.34 16.77 25.06
N HIS B 660 34.36 16.89 25.96
CA HIS B 660 34.56 17.56 27.25
C HIS B 660 35.51 16.75 28.15
N LEU B 661 35.27 15.45 28.26
CA LEU B 661 36.12 14.54 29.05
C LEU B 661 37.55 14.44 28.53
N LEU B 662 37.71 14.37 27.21
CA LEU B 662 39.04 14.24 26.60
C LEU B 662 39.91 15.47 26.87
N LYS B 663 39.32 16.66 26.76
CA LYS B 663 39.99 17.90 27.14
C LYS B 663 40.43 17.89 28.59
N ASP B 664 39.52 17.50 29.49
CA ASP B 664 39.84 17.41 30.92
C ASP B 664 41.02 16.48 31.20
N LEU B 665 40.98 15.27 30.63
CA LEU B 665 42.05 14.30 30.77
C LEU B 665 43.39 14.75 30.18
N THR B 666 43.37 15.41 29.02
CA THR B 666 44.61 15.91 28.41
C THR B 666 45.18 17.14 29.13
N GLU B 667 44.31 18.04 29.57
CA GLU B 667 44.72 19.19 30.39
C GLU B 667 45.43 18.76 31.67
N ARG B 668 44.97 17.64 32.25
CA ARG B 668 45.53 17.09 33.49
C ARG B 668 46.74 16.17 33.25
N GLY B 669 46.97 15.81 31.98
CA GLY B 669 48.06 14.92 31.61
C GLY B 669 47.80 13.46 31.98
N LEU B 670 46.55 13.03 31.82
CA LEU B 670 46.14 11.69 32.24
C LEU B 670 45.89 10.76 31.06
N TRP B 671 45.64 11.35 29.89
CA TRP B 671 45.24 10.62 28.69
C TRP B 671 46.39 9.83 28.03
N HIS B 672 46.13 8.55 27.74
CA HIS B 672 47.06 7.70 26.95
C HIS B 672 46.32 6.56 26.24
N GLU B 673 47.05 5.83 25.39
CA GLU B 673 46.47 4.74 24.58
C GLU B 673 45.71 3.69 25.39
N GLU B 674 46.35 3.14 26.43
CA GLU B 674 45.72 2.15 27.32
C GLU B 674 44.53 2.69 28.12
N MET B 675 44.58 4.00 28.40
CA MET B 675 43.49 4.70 29.09
C MET B 675 42.20 4.69 28.25
N LYS B 676 42.33 4.90 26.93
CA LYS B 676 41.22 4.72 26.00
C LYS B 676 40.74 3.27 25.94
N ASN B 677 41.70 2.33 25.95
CA ASN B 677 41.40 0.89 25.96
C ASN B 677 40.57 0.48 27.16
N GLN B 678 40.96 0.95 28.34
CA GLN B 678 40.28 0.63 29.60
C GLN B 678 38.85 1.18 29.69
N ILE B 679 38.61 2.33 29.05
CA ILE B 679 37.25 2.91 29.01
C ILE B 679 36.34 2.11 28.06
N ILE B 680 36.91 1.63 26.96
CA ILE B 680 36.17 0.73 26.05
C ILE B 680 35.89 -0.59 26.75
N ALA B 681 36.89 -1.07 27.50
CA ALA B 681 36.75 -2.28 28.32
C ALA B 681 35.71 -2.13 29.42
N CYS B 682 35.35 -0.87 29.73
CA CYS B 682 34.34 -0.55 30.75
C CYS B 682 33.03 -0.07 30.15
N ASN B 683 32.79 -0.38 28.88
CA ASN B 683 31.57 0.02 28.18
C ASN B 683 31.34 1.53 28.23
N GLY B 684 32.42 2.28 27.99
CA GLY B 684 32.35 3.74 27.92
C GLY B 684 32.25 4.41 29.28
N SER B 685 32.49 3.64 30.34
CA SER B 685 32.46 4.16 31.71
C SER B 685 33.87 4.52 32.21
N ILE B 686 33.93 5.54 33.06
CA ILE B 686 35.19 5.97 33.65
C ILE B 686 35.20 5.81 35.19
N GLN B 687 34.13 5.23 35.73
CA GLN B 687 33.96 5.14 37.18
C GLN B 687 35.05 4.32 37.88
N SER B 688 35.54 3.26 37.24
CA SER B 688 36.49 2.37 37.91
C SER B 688 37.96 2.61 37.52
N ILE B 689 38.24 3.71 36.83
CA ILE B 689 39.61 4.10 36.51
C ILE B 689 40.20 4.95 37.67
N PRO B 690 41.14 4.37 38.43
CA PRO B 690 41.67 4.96 39.67
C PRO B 690 42.47 6.26 39.50
N GLU B 691 42.99 6.54 38.31
CA GLU B 691 43.73 7.79 38.07
C GLU B 691 42.83 9.03 37.84
N ILE B 692 41.54 8.79 37.57
CA ILE B 692 40.58 9.89 37.38
C ILE B 692 40.06 10.38 38.74
N PRO B 693 40.19 11.69 39.01
CA PRO B 693 39.62 12.26 40.25
C PRO B 693 38.09 12.16 40.27
N ASP B 694 37.52 11.97 41.47
CA ASP B 694 36.09 11.73 41.67
C ASP B 694 35.13 12.80 41.13
N ASP B 695 35.58 14.06 41.10
CA ASP B 695 34.77 15.14 40.54
C ASP B 695 34.57 14.99 39.04
N LEU B 696 35.59 14.46 38.35
CA LEU B 696 35.47 14.12 36.93
C LEU B 696 34.56 12.91 36.72
N LYS B 697 34.66 11.92 37.61
CA LYS B 697 33.82 10.72 37.54
C LYS B 697 32.33 11.06 37.60
N GLN B 698 31.96 11.95 38.52
CA GLN B 698 30.57 12.37 38.63
C GLN B 698 30.09 13.29 37.50
N LEU B 699 31.00 14.06 36.90
CA LEU B 699 30.68 14.85 35.71
C LEU B 699 30.33 13.99 34.50
N TYR B 700 31.08 12.91 34.32
CA TYR B 700 31.03 12.09 33.12
C TYR B 700 30.47 10.69 33.38
N LYS B 701 29.47 10.61 34.26
CA LYS B 701 28.68 9.40 34.38
C LYS B 701 27.90 9.21 33.09
N THR B 702 27.79 7.97 32.64
CA THR B 702 27.02 7.66 31.45
C THR B 702 25.56 7.54 31.83
N VAL B 703 24.68 7.64 30.85
CA VAL B 703 23.23 7.43 31.04
C VAL B 703 22.92 6.10 31.74
N TRP B 704 23.78 5.09 31.55
CA TRP B 704 23.60 3.77 32.14
C TRP B 704 23.93 3.76 33.64
N GLU B 705 24.55 4.85 34.10
CA GLU B 705 24.98 4.95 35.50
C GLU B 705 24.17 6.02 36.23
N ILE B 706 23.35 6.73 35.47
CA ILE B 706 22.51 7.79 35.99
C ILE B 706 21.14 7.18 36.31
N SER B 707 20.54 7.62 37.43
CA SER B 707 19.23 7.15 37.85
C SER B 707 18.15 7.55 36.86
N GLN B 708 17.40 6.57 36.36
CA GLN B 708 16.33 6.87 35.40
C GLN B 708 15.15 7.57 36.09
N LYS B 709 14.92 7.23 37.34
CA LYS B 709 13.95 7.98 38.13
C LYS B 709 14.34 9.47 38.20
N THR B 710 15.62 9.75 38.41
CA THR B 710 16.13 11.14 38.38
C THR B 710 15.89 11.82 37.03
N VAL B 711 16.18 11.11 35.93
CA VAL B 711 15.84 11.56 34.58
C VAL B 711 14.34 11.89 34.46
N LEU B 712 13.49 10.99 34.98
CA LEU B 712 12.05 11.16 34.98
C LEU B 712 11.61 12.40 35.79
N LYS B 713 12.17 12.54 36.99
CA LYS B 713 11.92 13.69 37.87
C LYS B 713 12.37 15.00 37.22
N MET B 714 13.57 15.00 36.62
CA MET B 714 14.05 16.21 35.91
C MET B 714 13.19 16.57 34.71
N ALA B 715 12.61 15.56 34.05
CA ALA B 715 11.71 15.80 32.93
C ALA B 715 10.38 16.38 33.39
N ALA B 716 9.91 15.96 34.55
CA ALA B 716 8.65 16.46 35.10
C ALA B 716 8.80 17.89 35.55
N GLU B 717 9.97 18.21 36.12
CA GLU B 717 10.27 19.55 36.61
C GLU B 717 10.41 20.56 35.46
N ARG B 718 11.12 20.18 34.38
CA ARG B 718 11.12 21.01 33.18
C ARG B 718 9.76 20.94 32.48
N GLY B 719 9.02 19.88 32.76
CA GLY B 719 7.73 19.59 32.11
C GLY B 719 6.66 20.63 32.40
N ALA B 720 6.70 21.18 33.61
CA ALA B 720 5.81 22.24 34.04
C ALA B 720 5.87 23.49 33.15
N PHE B 721 6.89 23.57 32.28
CA PHE B 721 7.10 24.73 31.42
C PHE B 721 7.09 24.37 29.93
N ILE B 722 6.63 23.16 29.65
CA ILE B 722 6.53 22.63 28.30
C ILE B 722 5.05 22.38 28.07
N ASP B 723 4.45 23.17 27.18
CA ASP B 723 3.00 23.07 26.95
C ASP B 723 2.63 21.90 26.04
N GLN B 724 3.62 21.33 25.36
CA GLN B 724 3.44 20.03 24.68
C GLN B 724 4.08 18.92 25.54
N SER B 725 4.86 18.02 24.94
CA SER B 725 5.54 16.97 25.70
C SER B 725 7.02 16.88 25.32
N GLN B 726 7.68 15.80 25.68
CA GLN B 726 9.09 15.63 25.34
C GLN B 726 9.43 14.15 25.02
N SER B 727 10.19 13.94 23.95
CA SER B 727 10.61 12.60 23.55
C SER B 727 11.63 12.07 24.53
N LEU B 728 11.16 11.33 25.53
CA LEU B 728 12.00 10.84 26.61
C LEU B 728 12.40 9.37 26.43
N ASN B 729 13.63 9.13 25.98
CA ASN B 729 14.16 7.76 25.99
C ASN B 729 14.53 7.35 27.40
N ILE B 730 14.35 6.09 27.70
CA ILE B 730 14.72 5.52 28.98
C ILE B 730 15.75 4.43 28.74
N HIS B 731 16.79 4.42 29.56
CA HIS B 731 17.92 3.50 29.45
C HIS B 731 18.05 2.61 30.67
N ILE B 732 17.63 1.35 30.53
CA ILE B 732 17.82 0.38 31.60
C ILE B 732 18.71 -0.73 31.07
N ALA B 733 19.89 -0.88 31.67
CA ALA B 733 20.92 -1.80 31.16
C ALA B 733 20.40 -3.23 31.03
N GLU B 734 19.92 -3.80 32.14
CA GLU B 734 19.47 -5.18 32.20
C GLU B 734 18.07 -5.25 32.80
N PRO B 735 17.04 -5.08 31.93
CA PRO B 735 15.69 -4.92 32.45
C PRO B 735 15.06 -6.22 32.92
N ASN B 736 14.16 -6.10 33.89
CA ASN B 736 13.22 -7.15 34.25
C ASN B 736 11.88 -6.46 34.47
N TYR B 737 10.87 -7.23 34.86
CA TYR B 737 9.51 -6.69 35.03
C TYR B 737 9.41 -5.67 36.14
N GLY B 738 10.17 -5.90 37.22
CA GLY B 738 10.22 -5.00 38.37
C GLY B 738 10.83 -3.65 38.09
N LYS B 739 11.94 -3.64 37.33
CA LYS B 739 12.59 -2.40 36.87
C LYS B 739 11.68 -1.57 35.95
N LEU B 740 11.08 -2.22 34.96
CA LEU B 740 10.22 -1.55 33.99
C LEU B 740 8.93 -1.04 34.64
N THR B 741 8.33 -1.84 35.52
CA THR B 741 7.15 -1.45 36.28
C THR B 741 7.37 -0.19 37.15
N SER B 742 8.41 -0.21 37.98
CA SER B 742 8.66 0.89 38.90
C SER B 742 9.05 2.18 38.17
N MET B 743 9.78 2.09 37.05
CA MET B 743 10.05 3.30 36.26
C MET B 743 8.82 3.88 35.56
N HIS B 744 8.00 3.03 34.93
CA HIS B 744 6.77 3.50 34.27
C HIS B 744 5.83 4.18 35.28
N PHE B 745 5.64 3.55 36.45
CA PHE B 745 4.71 4.08 37.45
C PHE B 745 5.21 5.34 38.12
N TYR B 746 6.52 5.42 38.29
CA TYR B 746 7.18 6.67 38.71
C TYR B 746 6.94 7.80 37.70
N GLY B 747 7.21 7.55 36.42
CA GLY B 747 6.98 8.54 35.37
C GLY B 747 5.53 9.00 35.34
N TRP B 748 4.60 8.06 35.29
CA TRP B 748 3.16 8.35 35.44
C TRP B 748 2.85 9.25 36.66
N LYS B 749 3.35 8.87 37.84
CA LYS B 749 2.99 9.60 39.07
C LYS B 749 3.62 11.02 39.14
N GLN B 750 4.75 11.22 38.47
CA GLN B 750 5.34 12.55 38.24
C GLN B 750 4.46 13.50 37.44
N GLY B 751 3.48 12.94 36.72
CA GLY B 751 2.58 13.72 35.88
C GLY B 751 3.01 13.78 34.42
N LEU B 752 3.98 12.97 34.05
CA LEU B 752 4.51 13.01 32.69
C LEU B 752 3.46 12.75 31.61
N LYS B 753 3.60 13.46 30.49
CA LYS B 753 2.71 13.27 29.34
C LYS B 753 3.19 12.12 28.47
N THR B 754 4.51 12.06 28.27
CA THR B 754 5.18 10.94 27.61
C THR B 754 6.02 10.26 28.68
N GLY B 755 5.64 9.05 29.06
CA GLY B 755 6.34 8.35 30.12
C GLY B 755 7.62 7.73 29.59
N MET B 756 7.56 7.32 28.32
CA MET B 756 8.68 6.72 27.63
C MET B 756 8.50 6.82 26.11
N TYR B 757 9.57 7.23 25.44
CA TYR B 757 9.66 7.15 24.00
C TYR B 757 10.19 5.75 23.72
N TYR B 758 11.48 5.61 23.48
CA TYR B 758 12.09 4.29 23.39
C TYR B 758 12.67 3.78 24.72
N LEU B 759 12.68 2.45 24.84
CA LEU B 759 13.39 1.78 25.90
C LEU B 759 14.71 1.30 25.31
N ARG B 760 15.82 1.75 25.90
CA ARG B 760 17.14 1.31 25.45
C ARG B 760 17.76 0.38 26.50
N THR B 761 18.28 -0.74 26.01
CA THR B 761 18.94 -1.74 26.83
C THR B 761 20.29 -2.09 26.20
N ARG B 762 21.01 -3.05 26.79
CA ARG B 762 22.30 -3.46 26.24
C ARG B 762 22.59 -4.94 26.40
#